data_1J6S
# 
_entry.id   1J6S 
# 
_audit_conform.dict_name       mmcif_pdbx.dic 
_audit_conform.dict_version    5.383 
_audit_conform.dict_location   http://mmcif.pdb.org/dictionaries/ascii/mmcif_pdbx.dic 
# 
loop_
_database_2.database_id 
_database_2.database_code 
_database_2.pdbx_database_accession 
_database_2.pdbx_DOI 
PDB   1J6S         pdb_00001j6s 10.2210/pdb1j6s/pdb 
NDB   UR0023       ?            ?                   
RCSB  RCSB001658   ?            ?                   
WWPDB D_1000001658 ?            ?                   
# 
loop_
_pdbx_audit_revision_history.ordinal 
_pdbx_audit_revision_history.data_content_type 
_pdbx_audit_revision_history.major_revision 
_pdbx_audit_revision_history.minor_revision 
_pdbx_audit_revision_history.revision_date 
1 'Structure model' 1 0 2003-08-05 
2 'Structure model' 1 1 2008-04-26 
3 'Structure model' 1 2 2011-07-13 
4 'Structure model' 1 3 2023-12-27 
# 
_pdbx_audit_revision_details.ordinal             1 
_pdbx_audit_revision_details.revision_ordinal    1 
_pdbx_audit_revision_details.data_content_type   'Structure model' 
_pdbx_audit_revision_details.provider            repository 
_pdbx_audit_revision_details.type                'Initial release' 
_pdbx_audit_revision_details.description         ? 
_pdbx_audit_revision_details.details             ? 
# 
loop_
_pdbx_audit_revision_group.ordinal 
_pdbx_audit_revision_group.revision_ordinal 
_pdbx_audit_revision_group.data_content_type 
_pdbx_audit_revision_group.group 
1 2 'Structure model' 'Version format compliance' 
2 3 'Structure model' 'Version format compliance' 
3 4 'Structure model' 'Data collection'           
4 4 'Structure model' 'Database references'       
5 4 'Structure model' 'Derived calculations'      
# 
loop_
_pdbx_audit_revision_category.ordinal 
_pdbx_audit_revision_category.revision_ordinal 
_pdbx_audit_revision_category.data_content_type 
_pdbx_audit_revision_category.category 
1 4 'Structure model' chem_comp_atom         
2 4 'Structure model' chem_comp_bond         
3 4 'Structure model' database_2             
4 4 'Structure model' pdbx_struct_conn_angle 
5 4 'Structure model' struct_conn            
6 4 'Structure model' struct_site            
# 
loop_
_pdbx_audit_revision_item.ordinal 
_pdbx_audit_revision_item.revision_ordinal 
_pdbx_audit_revision_item.data_content_type 
_pdbx_audit_revision_item.item 
1  4 'Structure model' '_database_2.pdbx_DOI'                
2  4 'Structure model' '_database_2.pdbx_database_accession' 
3  4 'Structure model' '_struct_conn.conn_type_id'           
4  4 'Structure model' '_struct_conn.id'                     
5  4 'Structure model' '_struct_conn.pdbx_dist_value'        
6  4 'Structure model' '_struct_conn.pdbx_leaving_atom_flag' 
7  4 'Structure model' '_struct_conn.ptnr1_auth_asym_id'     
8  4 'Structure model' '_struct_conn.ptnr1_auth_comp_id'     
9  4 'Structure model' '_struct_conn.ptnr1_auth_seq_id'      
10 4 'Structure model' '_struct_conn.ptnr1_label_asym_id'    
11 4 'Structure model' '_struct_conn.ptnr1_label_atom_id'    
12 4 'Structure model' '_struct_conn.ptnr1_label_comp_id'    
13 4 'Structure model' '_struct_conn.ptnr1_label_seq_id'     
14 4 'Structure model' '_struct_conn.ptnr1_symmetry'         
15 4 'Structure model' '_struct_conn.ptnr2_auth_asym_id'     
16 4 'Structure model' '_struct_conn.ptnr2_auth_comp_id'     
17 4 'Structure model' '_struct_conn.ptnr2_auth_seq_id'      
18 4 'Structure model' '_struct_conn.ptnr2_label_asym_id'    
19 4 'Structure model' '_struct_conn.ptnr2_label_atom_id'    
20 4 'Structure model' '_struct_conn.ptnr2_label_comp_id'    
21 4 'Structure model' '_struct_conn.ptnr2_label_seq_id'     
22 4 'Structure model' '_struct_conn.ptnr2_symmetry'         
23 4 'Structure model' '_struct_site.pdbx_auth_asym_id'      
24 4 'Structure model' '_struct_site.pdbx_auth_comp_id'      
25 4 'Structure model' '_struct_site.pdbx_auth_seq_id'       
# 
_pdbx_database_status.entry_id                        1J6S 
_pdbx_database_status.status_code                     REL 
_pdbx_database_status.deposit_site                    RCSB 
_pdbx_database_status.process_site                    RCSB 
_pdbx_database_status.recvd_initial_deposition_date   2002-07-10 
_pdbx_database_status.status_code_sf                  REL 
_pdbx_database_status.SG_entry                        . 
_pdbx_database_status.pdb_format_compatible           Y 
_pdbx_database_status.status_code_mr                  ? 
_pdbx_database_status.status_code_cs                  ? 
_pdbx_database_status.status_code_nmr_data            ? 
_pdbx_database_status.methods_development_category    ? 
# 
loop_
_audit_author.name 
_audit_author.pdbx_ordinal 
'Pan, B.'           1 
'Xiong, Y.'         2 
'Shi, K.'           3 
'Deng, J.'          4 
'Sundaralingam, M.' 5 
# 
_citation.id                        primary 
_citation.title                     
;Crystal structure of an RNA purine-rich tetraplex containing adenine tetrads:  
implications for specific binding in RNA tetraplexes
;
_citation.journal_abbrev            Structure 
_citation.journal_volume            11 
_citation.page_first                815 
_citation.page_last                 823 
_citation.year                      2003 
_citation.journal_id_ASTM           STRUE6 
_citation.country                   UK 
_citation.journal_id_ISSN           0969-2126 
_citation.journal_id_CSD            2005 
_citation.book_publisher            ? 
_citation.pdbx_database_id_PubMed   12842044 
_citation.pdbx_database_id_DOI      '10.1016/S0969-2126(03)00107-2' 
# 
loop_
_citation_author.citation_id 
_citation_author.name 
_citation_author.ordinal 
_citation_author.identifier_ORCID 
primary 'Pan, B.'           1 ? 
primary 'Xiong, Y.'         2 ? 
primary 'Shi, K.'           3 ? 
primary 'Deng, J.'          4 ? 
primary 'Sundaralingam, M.' 5 ? 
# 
loop_
_entity.id 
_entity.type 
_entity.src_method 
_entity.pdbx_description 
_entity.formula_weight 
_entity.pdbx_number_of_molecules 
_entity.pdbx_ec 
_entity.pdbx_mutation 
_entity.pdbx_fragment 
_entity.details 
1 polymer     syn "5'-R(*(BRUP*GP*AP*GP*GP*U)-3'" 1995.094 4   ? ? ? ? 
2 non-polymer syn 'BARIUM ION'                    137.327  8   ? ? ? ? 
3 non-polymer syn 'SODIUM ION'                    22.990   8   ? ? ? ? 
4 water       nat water                           18.015   113 ? ? ? ? 
# 
_entity_poly.entity_id                      1 
_entity_poly.type                           polyribonucleotide 
_entity_poly.nstd_linkage                   no 
_entity_poly.nstd_monomer                   yes 
_entity_poly.pdbx_seq_one_letter_code       '(BRU)GAGGU' 
_entity_poly.pdbx_seq_one_letter_code_can   UGAGGU 
_entity_poly.pdbx_strand_id                 A,B,C,D 
_entity_poly.pdbx_target_identifier         ? 
# 
loop_
_pdbx_entity_nonpoly.entity_id 
_pdbx_entity_nonpoly.name 
_pdbx_entity_nonpoly.comp_id 
2 'BARIUM ION' BA  
3 'SODIUM ION' NA  
4 water        HOH 
# 
loop_
_entity_poly_seq.entity_id 
_entity_poly_seq.num 
_entity_poly_seq.mon_id 
_entity_poly_seq.hetero 
1 1 BRU n 
1 2 G   n 
1 3 A   n 
1 4 G   n 
1 5 G   n 
1 6 U   n 
# 
loop_
_chem_comp.id 
_chem_comp.type 
_chem_comp.mon_nstd_flag 
_chem_comp.name 
_chem_comp.pdbx_synonyms 
_chem_comp.formula 
_chem_comp.formula_weight 
A   'RNA linking' y "ADENOSINE-5'-MONOPHOSPHATE"               ? 'C10 H14 N5 O7 P'   347.221 
BA  non-polymer   . 'BARIUM ION'                               ? 'Ba 2'              137.327 
BRU 'DNA linking' n "5-BROMO-2'-DEOXYURIDINE-5'-MONOPHOSPHATE" ? 'C9 H12 Br N2 O8 P' 387.078 
G   'RNA linking' y "GUANOSINE-5'-MONOPHOSPHATE"               ? 'C10 H14 N5 O8 P'   363.221 
HOH non-polymer   . WATER                                      ? 'H2 O'              18.015  
NA  non-polymer   . 'SODIUM ION'                               ? 'Na 1'              22.990  
U   'RNA linking' y "URIDINE-5'-MONOPHOSPHATE"                 ? 'C9 H13 N2 O9 P'    324.181 
# 
loop_
_pdbx_poly_seq_scheme.asym_id 
_pdbx_poly_seq_scheme.entity_id 
_pdbx_poly_seq_scheme.seq_id 
_pdbx_poly_seq_scheme.mon_id 
_pdbx_poly_seq_scheme.ndb_seq_num 
_pdbx_poly_seq_scheme.pdb_seq_num 
_pdbx_poly_seq_scheme.auth_seq_num 
_pdbx_poly_seq_scheme.pdb_mon_id 
_pdbx_poly_seq_scheme.auth_mon_id 
_pdbx_poly_seq_scheme.pdb_strand_id 
_pdbx_poly_seq_scheme.pdb_ins_code 
_pdbx_poly_seq_scheme.hetero 
A 1 1 BRU 1 1  1  BRU BRU A . n 
A 1 2 G   2 2  2  G   G   A . n 
A 1 3 A   3 3  3  A   A   A . n 
A 1 4 G   4 4  4  G   G   A . n 
A 1 5 G   5 5  5  G   G   A . n 
A 1 6 U   6 6  6  U   U   A . n 
B 1 1 BRU 1 7  7  BRU BRU B . n 
B 1 2 G   2 8  8  G   G   B . n 
B 1 3 A   3 9  9  A   A   B . n 
B 1 4 G   4 10 10 G   G   B . n 
B 1 5 G   5 11 11 G   G   B . n 
B 1 6 U   6 12 12 U   U   B . n 
C 1 1 BRU 1 13 13 BRU BRU C . n 
C 1 2 G   2 14 14 G   G   C . n 
C 1 3 A   3 15 15 A   A   C . n 
C 1 4 G   4 16 16 G   G   C . n 
C 1 5 G   5 17 17 G   G   C . n 
C 1 6 U   6 18 18 U   U   C . n 
D 1 1 BRU 1 19 19 BRU BRU D . n 
D 1 2 G   2 20 20 G   G   D . n 
D 1 3 A   3 21 21 A   A   D . n 
D 1 4 G   4 22 22 G   G   D . n 
D 1 5 G   5 23 23 G   G   D . n 
D 1 6 U   6 24 24 U   U   D . n 
# 
loop_
_pdbx_nonpoly_scheme.asym_id 
_pdbx_nonpoly_scheme.entity_id 
_pdbx_nonpoly_scheme.mon_id 
_pdbx_nonpoly_scheme.ndb_seq_num 
_pdbx_nonpoly_scheme.pdb_seq_num 
_pdbx_nonpoly_scheme.auth_seq_num 
_pdbx_nonpoly_scheme.pdb_mon_id 
_pdbx_nonpoly_scheme.auth_mon_id 
_pdbx_nonpoly_scheme.pdb_strand_id 
_pdbx_nonpoly_scheme.pdb_ins_code 
E 2 BA  1  105 105 BA  BA  A . 
F 2 BA  1  108 108 BA  BA  A . 
G 3 NA  1  205 205 NA  NA  A . 
H 3 NA  1  206 206 NA  NA  A . 
I 2 BA  1  103 103 BA  BA  B . 
J 2 BA  1  104 104 BA  BA  B . 
K 3 NA  1  202 202 NA  NA  B . 
L 3 NA  1  207 207 NA  NA  B . 
M 2 BA  1  101 101 BA  BA  C . 
N 2 BA  1  106 106 BA  BA  C . 
O 3 NA  1  201 201 NA  NA  C . 
P 3 NA  1  203 203 NA  NA  C . 
Q 3 NA  1  209 209 NA  NA  C . 
R 2 BA  1  102 102 BA  BA  D . 
S 2 BA  1  107 107 BA  BA  D . 
T 3 NA  1  208 208 NA  NA  D . 
U 4 HOH 1  303 303 HOH HOH A . 
U 4 HOH 2  306 306 HOH HOH A . 
U 4 HOH 3  308 308 HOH HOH A . 
U 4 HOH 4  312 312 HOH HOH A . 
U 4 HOH 5  319 319 HOH HOH A . 
U 4 HOH 6  322 322 HOH HOH A . 
U 4 HOH 7  323 323 HOH HOH A . 
U 4 HOH 8  324 324 HOH HOH A . 
U 4 HOH 9  328 328 HOH HOH A . 
U 4 HOH 10 330 330 HOH HOH A . 
U 4 HOH 11 338 338 HOH HOH A . 
U 4 HOH 12 344 344 HOH HOH A . 
U 4 HOH 13 348 348 HOH HOH A . 
U 4 HOH 14 349 349 HOH HOH A . 
U 4 HOH 15 350 350 HOH HOH A . 
U 4 HOH 16 355 355 HOH HOH A . 
U 4 HOH 17 359 359 HOH HOH A . 
U 4 HOH 18 360 360 HOH HOH A . 
U 4 HOH 19 362 362 HOH HOH A . 
U 4 HOH 20 364 364 HOH HOH A . 
U 4 HOH 21 378 378 HOH HOH A . 
U 4 HOH 22 381 381 HOH HOH A . 
U 4 HOH 23 385 385 HOH HOH A . 
U 4 HOH 24 386 386 HOH HOH A . 
U 4 HOH 25 387 387 HOH HOH A . 
U 4 HOH 26 388 388 HOH HOH A . 
U 4 HOH 27 389 389 HOH HOH A . 
U 4 HOH 28 394 394 HOH HOH A . 
U 4 HOH 29 395 395 HOH HOH A . 
U 4 HOH 30 410 410 HOH HOH A . 
U 4 HOH 31 412 412 HOH HOH A . 
U 4 HOH 32 413 413 HOH HOH A . 
U 4 HOH 33 414 414 HOH HOH A . 
U 4 HOH 34 415 415 HOH HOH A . 
U 4 HOH 35 416 416 HOH HOH A . 
U 4 HOH 36 421 421 HOH HOH A . 
V 4 HOH 1  304 304 HOH HOH B . 
V 4 HOH 2  305 305 HOH HOH B . 
V 4 HOH 3  316 316 HOH HOH B . 
V 4 HOH 4  317 317 HOH HOH B . 
V 4 HOH 5  329 329 HOH HOH B . 
V 4 HOH 6  336 336 HOH HOH B . 
V 4 HOH 7  340 340 HOH HOH B . 
V 4 HOH 8  353 353 HOH HOH B . 
V 4 HOH 9  358 358 HOH HOH B . 
V 4 HOH 10 366 366 HOH HOH B . 
V 4 HOH 11 367 367 HOH HOH B . 
V 4 HOH 12 373 373 HOH HOH B . 
V 4 HOH 13 379 379 HOH HOH B . 
V 4 HOH 14 380 380 HOH HOH B . 
V 4 HOH 15 383 383 HOH HOH B . 
V 4 HOH 16 391 391 HOH HOH B . 
V 4 HOH 17 392 392 HOH HOH B . 
V 4 HOH 18 417 417 HOH HOH B . 
V 4 HOH 19 419 419 HOH HOH B . 
V 4 HOH 20 420 420 HOH HOH B . 
V 4 HOH 21 423 423 HOH HOH B . 
W 4 HOH 1  214 214 HOH HOH C . 
W 4 HOH 2  301 301 HOH HOH C . 
W 4 HOH 3  307 307 HOH HOH C . 
W 4 HOH 4  313 313 HOH HOH C . 
W 4 HOH 5  318 318 HOH HOH C . 
W 4 HOH 6  327 327 HOH HOH C . 
W 4 HOH 7  331 331 HOH HOH C . 
W 4 HOH 8  332 332 HOH HOH C . 
W 4 HOH 9  333 333 HOH HOH C . 
W 4 HOH 10 334 334 HOH HOH C . 
W 4 HOH 11 335 335 HOH HOH C . 
W 4 HOH 12 343 343 HOH HOH C . 
W 4 HOH 13 345 345 HOH HOH C . 
W 4 HOH 14 346 346 HOH HOH C . 
W 4 HOH 15 356 356 HOH HOH C . 
W 4 HOH 16 361 361 HOH HOH C . 
W 4 HOH 17 365 365 HOH HOH C . 
W 4 HOH 18 369 369 HOH HOH C . 
W 4 HOH 19 370 370 HOH HOH C . 
W 4 HOH 20 371 371 HOH HOH C . 
W 4 HOH 21 372 372 HOH HOH C . 
W 4 HOH 22 375 375 HOH HOH C . 
W 4 HOH 23 376 376 HOH HOH C . 
W 4 HOH 24 377 377 HOH HOH C . 
W 4 HOH 25 382 382 HOH HOH C . 
W 4 HOH 26 390 390 HOH HOH C . 
W 4 HOH 27 406 406 HOH HOH C . 
X 4 HOH 1  302 302 HOH HOH D . 
X 4 HOH 2  309 309 HOH HOH D . 
X 4 HOH 3  310 310 HOH HOH D . 
X 4 HOH 4  311 311 HOH HOH D . 
X 4 HOH 5  315 315 HOH HOH D . 
X 4 HOH 6  320 320 HOH HOH D . 
X 4 HOH 7  321 321 HOH HOH D . 
X 4 HOH 8  325 325 HOH HOH D . 
X 4 HOH 9  326 326 HOH HOH D . 
X 4 HOH 10 337 337 HOH HOH D . 
X 4 HOH 11 339 339 HOH HOH D . 
X 4 HOH 12 342 342 HOH HOH D . 
X 4 HOH 13 347 347 HOH HOH D . 
X 4 HOH 14 351 351 HOH HOH D . 
X 4 HOH 15 352 352 HOH HOH D . 
X 4 HOH 16 354 354 HOH HOH D . 
X 4 HOH 17 363 363 HOH HOH D . 
X 4 HOH 18 368 368 HOH HOH D . 
X 4 HOH 19 397 397 HOH HOH D . 
X 4 HOH 20 398 398 HOH HOH D . 
X 4 HOH 21 399 399 HOH HOH D . 
X 4 HOH 22 400 400 HOH HOH D . 
X 4 HOH 23 401 401 HOH HOH D . 
X 4 HOH 24 402 402 HOH HOH D . 
X 4 HOH 25 403 403 HOH HOH D . 
X 4 HOH 26 404 404 HOH HOH D . 
X 4 HOH 27 407 407 HOH HOH D . 
X 4 HOH 28 409 409 HOH HOH D . 
X 4 HOH 29 422 422 HOH HOH D . 
# 
loop_
_pdbx_unobs_or_zero_occ_atoms.id 
_pdbx_unobs_or_zero_occ_atoms.PDB_model_num 
_pdbx_unobs_or_zero_occ_atoms.polymer_flag 
_pdbx_unobs_or_zero_occ_atoms.occupancy_flag 
_pdbx_unobs_or_zero_occ_atoms.auth_asym_id 
_pdbx_unobs_or_zero_occ_atoms.auth_comp_id 
_pdbx_unobs_or_zero_occ_atoms.auth_seq_id 
_pdbx_unobs_or_zero_occ_atoms.PDB_ins_code 
_pdbx_unobs_or_zero_occ_atoms.auth_atom_id 
_pdbx_unobs_or_zero_occ_atoms.label_alt_id 
_pdbx_unobs_or_zero_occ_atoms.label_asym_id 
_pdbx_unobs_or_zero_occ_atoms.label_comp_id 
_pdbx_unobs_or_zero_occ_atoms.label_seq_id 
_pdbx_unobs_or_zero_occ_atoms.label_atom_id 
1  1 Y 1 D U 24 ? "C5'" ? D U 6 "C5'" 
2  1 Y 1 D U 24 ? "C4'" ? D U 6 "C4'" 
3  1 Y 1 D U 24 ? "O4'" ? D U 6 "O4'" 
4  1 Y 1 D U 24 ? "C3'" ? D U 6 "C3'" 
5  1 Y 1 D U 24 ? "O3'" ? D U 6 "O3'" 
6  1 Y 1 D U 24 ? "C2'" ? D U 6 "C2'" 
7  1 Y 1 D U 24 ? "O2'" ? D U 6 "O2'" 
8  1 Y 1 D U 24 ? "C1'" ? D U 6 "C1'" 
9  1 Y 1 D U 24 ? N1    ? D U 6 N1    
10 1 Y 1 D U 24 ? C2    ? D U 6 C2    
11 1 Y 1 D U 24 ? O2    ? D U 6 O2    
12 1 Y 1 D U 24 ? N3    ? D U 6 N3    
13 1 Y 1 D U 24 ? C4    ? D U 6 C4    
14 1 Y 1 D U 24 ? O4    ? D U 6 O4    
15 1 Y 1 D U 24 ? C5    ? D U 6 C5    
16 1 Y 1 D U 24 ? C6    ? D U 6 C6    
# 
loop_
_software.name 
_software.classification 
_software.version 
_software.citation_id 
_software.pdbx_ordinal 
DENZO   'data reduction' .   ? 1 
SOLVE   phasing          .   ? 2 
RESOLVE 'model building' .   ? 3 
CNS     refinement       1.1 ? 4 
RESOLVE phasing          .   ? 5 
# 
_cell.entry_id           1J6S 
_cell.length_a           37.984 
_cell.length_b           37.984 
_cell.length_c           82.195 
_cell.angle_alpha        90.00 
_cell.angle_beta         90.00 
_cell.angle_gamma        90.00 
_cell.Z_PDB              32 
_cell.pdbx_unique_axis   ? 
# 
_symmetry.entry_id                         1J6S 
_symmetry.space_group_name_H-M             'P 4 21 2' 
_symmetry.pdbx_full_space_group_name_H-M   ? 
_symmetry.cell_setting                     ? 
_symmetry.Int_Tables_number                90 
# 
_exptl.entry_id          1J6S 
_exptl.crystals_number   1 
_exptl.method            'X-RAY DIFFRACTION' 
# 
_exptl_crystal.id                    1 
_exptl_crystal.density_meas          ? 
_exptl_crystal.density_percent_sol   33.78 
_exptl_crystal.density_Matthews      1.86 
_exptl_crystal.description           ? 
# 
_diffrn.id                     1 
_diffrn.ambient_temp           ? 
_diffrn.ambient_temp_details   ? 
_diffrn.crystal_id             1 
# 
_diffrn_radiation.diffrn_id                        1 
_diffrn_radiation.wavelength_id                    1 
_diffrn_radiation.monochromator                    ? 
_diffrn_radiation.pdbx_monochromatic_or_laue_m_l   M 
_diffrn_radiation.pdbx_diffrn_protocol             'SINGLE WAVELENGTH' 
_diffrn_radiation.pdbx_scattering_type             x-ray 
# 
_diffrn_radiation_wavelength.id           1 
_diffrn_radiation_wavelength.wavelength   . 
_diffrn_radiation_wavelength.wt           1.0 
# 
_reflns.entry_id                     1J6S 
_reflns.number_all                   22622 
_reflns.number_obs                   22556 
_reflns.percent_possible_obs         ? 
_reflns.observed_criterion_sigma_F   ? 
_reflns.observed_criterion_sigma_I   ? 
_reflns.d_resolution_high            1.40 
_reflns.d_resolution_low             30.00 
_reflns.pdbx_Rmerge_I_obs            ? 
_reflns.pdbx_Rsym_value              ? 
_reflns.pdbx_netI_over_sigmaI        ? 
_reflns.B_iso_Wilson_estimate        ? 
_reflns.pdbx_redundancy              ? 
_reflns.R_free_details               ? 
_reflns.pdbx_diffrn_id               1 
_reflns.pdbx_ordinal                 1 
# 
_refine.ls_d_res_high                            1.4 
_refine.ls_d_res_low                             30.0 
_refine.pdbx_ls_sigma_F                          2 
_refine.pdbx_ls_sigma_I                          ? 
_refine.ls_number_reflns_all                     ? 
_refine.ls_number_reflns_obs                     22556 
_refine.ls_number_reflns_R_free                  1087 
_refine.ls_percent_reflns_obs                    99.4 
_refine.ls_R_factor_all                          ? 
_refine.ls_R_factor_obs                          ? 
_refine.ls_R_factor_R_work                       0.166 
_refine.ls_R_factor_R_free                       0.184 
_refine.pdbx_stereochemistry_target_values       ? 
_refine.details                                  ? 
_refine.ls_percent_reflns_R_free                 4.8 
_refine.entry_id                                 1J6S 
_refine.ls_redundancy_reflns_obs                 ? 
_refine.pdbx_data_cutoff_high_absF               ? 
_refine.pdbx_data_cutoff_low_absF                ? 
_refine.ls_number_parameters                     ? 
_refine.ls_number_restraints                     ? 
_refine.ls_R_factor_R_free_error                 ? 
_refine.ls_R_factor_R_free_error_details         ? 
_refine.pdbx_method_to_determine_struct          ? 
_refine.pdbx_starting_model                      ? 
_refine.pdbx_isotropic_thermal_model             ? 
_refine.B_iso_mean                               ? 
_refine.aniso_B[1][1]                            ? 
_refine.aniso_B[1][2]                            ? 
_refine.aniso_B[1][3]                            ? 
_refine.aniso_B[2][2]                            ? 
_refine.aniso_B[2][3]                            ? 
_refine.aniso_B[3][3]                            ? 
_refine.pdbx_ls_cross_valid_method               ? 
_refine.pdbx_R_Free_selection_details            ? 
_refine.pdbx_stereochem_target_val_spec_case     ? 
_refine.solvent_model_details                    ? 
_refine.solvent_model_param_bsol                 ? 
_refine.solvent_model_param_ksol                 ? 
_refine.occupancy_max                            ? 
_refine.occupancy_min                            ? 
_refine.overall_SU_B                             ? 
_refine.overall_SU_ML                            ? 
_refine.pdbx_overall_ESU_R                       ? 
_refine.pdbx_overall_ESU_R_Free                  ? 
_refine.pdbx_data_cutoff_high_rms_absF           ? 
_refine.correlation_coeff_Fo_to_Fc               ? 
_refine.correlation_coeff_Fo_to_Fc_free          ? 
_refine.pdbx_solvent_vdw_probe_radii             ? 
_refine.pdbx_solvent_ion_probe_radii             ? 
_refine.pdbx_solvent_shrinkage_radii             ? 
_refine.overall_SU_R_Cruickshank_DPI             ? 
_refine.overall_SU_R_free                        ? 
_refine.pdbx_refine_id                           'X-RAY DIFFRACTION' 
_refine.pdbx_diffrn_id                           1 
_refine.pdbx_TLS_residual_ADP_flag               ? 
_refine.pdbx_overall_phase_error                 ? 
_refine.pdbx_overall_SU_R_free_Cruickshank_DPI   ? 
_refine.pdbx_overall_SU_R_Blow_DPI               ? 
_refine.pdbx_overall_SU_R_free_Blow_DPI          ? 
# 
_refine_hist.pdbx_refine_id                   'X-RAY DIFFRACTION' 
_refine_hist.cycle_id                         LAST 
_refine_hist.pdbx_number_atoms_protein        0 
_refine_hist.pdbx_number_atoms_nucleic_acid   496 
_refine_hist.pdbx_number_atoms_ligand         16 
_refine_hist.number_atoms_solvent             113 
_refine_hist.number_atoms_total               625 
_refine_hist.d_res_high                       1.4 
_refine_hist.d_res_low                        30.0 
# 
loop_
_refine_ls_restr.type 
_refine_ls_restr.dev_ideal 
_refine_ls_restr.dev_ideal_target 
_refine_ls_restr.number 
_refine_ls_restr.weight 
_refine_ls_restr.pdbx_refine_id 
_refine_ls_restr.pdbx_restraint_function 
c_bond_d    0.015 ? ? ? 'X-RAY DIFFRACTION' ? 
c_angle_deg 2.0   ? ? ? 'X-RAY DIFFRACTION' ? 
# 
loop_
_pdbx_xplor_file.serial_no 
_pdbx_xplor_file.param_file 
_pdbx_xplor_file.topol_file 
_pdbx_xplor_file.pdbx_refine_id 
1 ion.param         ? 'X-RAY DIFFRACTION' 
2 dna-rna_rep.param ? 'X-RAY DIFFRACTION' 
3 water_rep.param   ? 'X-RAY DIFFRACTION' 
# 
_struct.entry_id                  1J6S 
_struct.title                     
'Crystal Structure of an RNA Tetraplex (UGAGGU)4 with A-tetrads, G-tetrads, U-tetrads and G-U octads' 
_struct.pdbx_model_details        ? 
_struct.pdbx_CASP_flag            ? 
_struct.pdbx_model_type_details   ? 
# 
_struct_keywords.entry_id        1J6S 
_struct_keywords.pdbx_keywords   RNA 
_struct_keywords.text            'RNA, Tetraplex, G-U octads, A-tetrads, U-tetrads, G-tetrads' 
# 
loop_
_struct_asym.id 
_struct_asym.pdbx_blank_PDB_chainid_flag 
_struct_asym.pdbx_modified 
_struct_asym.entity_id 
_struct_asym.details 
A N N 1 ? 
B N N 1 ? 
C N N 1 ? 
D N N 1 ? 
E N N 2 ? 
F N N 2 ? 
G N N 3 ? 
H N N 3 ? 
I N N 2 ? 
J N N 2 ? 
K N N 3 ? 
L N N 3 ? 
M N N 2 ? 
N N N 2 ? 
O N N 3 ? 
P N N 3 ? 
Q N N 3 ? 
R N N 2 ? 
S N N 2 ? 
T N N 3 ? 
U N N 4 ? 
V N N 4 ? 
W N N 4 ? 
X N N 4 ? 
# 
_struct_ref.id                         1 
_struct_ref.entity_id                  1 
_struct_ref.db_name                    PDB 
_struct_ref.db_code                    1J6S 
_struct_ref.pdbx_db_accession          1J6S 
_struct_ref.pdbx_db_isoform            ? 
_struct_ref.pdbx_seq_one_letter_code   ? 
_struct_ref.pdbx_align_begin           ? 
# 
loop_
_struct_ref_seq.align_id 
_struct_ref_seq.ref_id 
_struct_ref_seq.pdbx_PDB_id_code 
_struct_ref_seq.pdbx_strand_id 
_struct_ref_seq.seq_align_beg 
_struct_ref_seq.pdbx_seq_align_beg_ins_code 
_struct_ref_seq.seq_align_end 
_struct_ref_seq.pdbx_seq_align_end_ins_code 
_struct_ref_seq.pdbx_db_accession 
_struct_ref_seq.db_align_beg 
_struct_ref_seq.pdbx_db_align_beg_ins_code 
_struct_ref_seq.db_align_end 
_struct_ref_seq.pdbx_db_align_end_ins_code 
_struct_ref_seq.pdbx_auth_seq_align_beg 
_struct_ref_seq.pdbx_auth_seq_align_end 
1 1 1J6S A 1 ? 6 ? 1J6S 1  ? 6  ? 1  6  
2 1 1J6S B 1 ? 6 ? 1J6S 7  ? 12 ? 7  12 
3 1 1J6S C 1 ? 6 ? 1J6S 13 ? 18 ? 13 18 
4 1 1J6S D 1 ? 6 ? 1J6S 19 ? 24 ? 19 24 
# 
loop_
_pdbx_struct_assembly.id 
_pdbx_struct_assembly.details 
_pdbx_struct_assembly.method_details 
_pdbx_struct_assembly.oligomeric_details 
_pdbx_struct_assembly.oligomeric_count 
1 author_defined_assembly ? tetrameric 4 
2 author_defined_assembly ? tetrameric 4 
3 author_defined_assembly ? tetrameric 4 
4 author_defined_assembly ? tetrameric 4 
# 
loop_
_pdbx_struct_assembly_gen.assembly_id 
_pdbx_struct_assembly_gen.oper_expression 
_pdbx_struct_assembly_gen.asym_id_list 
1 1,2,3,4 A,E,F,G,H,U   
2 1,5,6,7 B,I,J,K,L,V   
3 1,5,6,7 C,M,N,O,P,Q,W 
4 1,5,6,7 D,R,S,T,X     
# 
loop_
_pdbx_struct_oper_list.id 
_pdbx_struct_oper_list.type 
_pdbx_struct_oper_list.name 
_pdbx_struct_oper_list.symmetry_operation 
_pdbx_struct_oper_list.matrix[1][1] 
_pdbx_struct_oper_list.matrix[1][2] 
_pdbx_struct_oper_list.matrix[1][3] 
_pdbx_struct_oper_list.vector[1] 
_pdbx_struct_oper_list.matrix[2][1] 
_pdbx_struct_oper_list.matrix[2][2] 
_pdbx_struct_oper_list.matrix[2][3] 
_pdbx_struct_oper_list.vector[2] 
_pdbx_struct_oper_list.matrix[3][1] 
_pdbx_struct_oper_list.matrix[3][2] 
_pdbx_struct_oper_list.matrix[3][3] 
_pdbx_struct_oper_list.vector[3] 
1 'identity operation'         1_555 x,y,z          1.0000000000  0.0000000000  0.0000000000  0.0000000000  0.0000000000  1.0000000000 0.0000000000 0.0000000000  0.0000000000  0.0000000000 1.0000000000  0.0000000000   
2 'crystal symmetry operation' 2_565 -x,-y+1,z      -0.9269282595 0.3578183718  0.1130044894  14.6065380840 0.3578183718  0.7521682971 0.5533614241 7.8406287613  0.1130044894  0.5533614241 -0.8252400376 -34.2716134412 
3 'crystal symmetry operation' 3_555 -y+1/2,x+1/2,z 0.0365358703  -0.1166918648 0.9924959138  24.5011246971 0.4745102366  0.8760841486 0.0855371266 -1.5139391582 -0.8794914244 0.4678242975 0.0873799812  -11.0493360806 
4 'crystal symmetry operation' 4_455 y-1/2,-x+1/2,z 0.0365358703  0.4745102366  -0.8794914244 -9.8945866131 -0.1166918648 0.8760841486 0.4678242975 9.3545679195  0.9924959138  0.0855371266 0.0873799812  -23.2222773607 
5 'crystal symmetry operation' 2_675 -x+1,-y+2,z    -0.9269282595 0.3578183718  0.1130044894  2.4270165965  0.3578183718  0.7521682971 0.5533614241 -5.6374292785 0.1130044894  0.5533614241 -0.8252400376 16.2810296134  
6 'crystal symmetry operation' 3_655 -y+3/2,x+1/2,z 0.0365358703  -0.1166918648 0.9924959138  -7.2391770329 0.4745102366  0.8760841486 0.0855371266 -1.6214217796 -0.8794914244 0.4678242975 0.0873799812  9.8151301138   
7 'crystal symmetry operation' 4_465 y-1/2,-x+3/2,z 0.0365358703  0.4745102366  -0.8794914244 9.6661936294  -0.1166918648 0.8760841486 0.4678242975 -4.0160074989 0.9924959138  0.0855371266 0.0873799812  6.4658994996 
# 
loop_
_struct_biol.id 
_struct_biol.pdbx_parent_biol_id 
_struct_biol.details 
1 ? ? 
2 ? ? 
3 ? ? 
4 ? ? 
# 
loop_
_struct_conn.id 
_struct_conn.conn_type_id 
_struct_conn.pdbx_leaving_atom_flag 
_struct_conn.pdbx_PDB_id 
_struct_conn.ptnr1_label_asym_id 
_struct_conn.ptnr1_label_comp_id 
_struct_conn.ptnr1_label_seq_id 
_struct_conn.ptnr1_label_atom_id 
_struct_conn.pdbx_ptnr1_label_alt_id 
_struct_conn.pdbx_ptnr1_PDB_ins_code 
_struct_conn.pdbx_ptnr1_standard_comp_id 
_struct_conn.ptnr1_symmetry 
_struct_conn.ptnr2_label_asym_id 
_struct_conn.ptnr2_label_comp_id 
_struct_conn.ptnr2_label_seq_id 
_struct_conn.ptnr2_label_atom_id 
_struct_conn.pdbx_ptnr2_label_alt_id 
_struct_conn.pdbx_ptnr2_PDB_ins_code 
_struct_conn.ptnr1_auth_asym_id 
_struct_conn.ptnr1_auth_comp_id 
_struct_conn.ptnr1_auth_seq_id 
_struct_conn.ptnr2_auth_asym_id 
_struct_conn.ptnr2_auth_comp_id 
_struct_conn.ptnr2_auth_seq_id 
_struct_conn.ptnr2_symmetry 
_struct_conn.pdbx_ptnr3_label_atom_id 
_struct_conn.pdbx_ptnr3_label_seq_id 
_struct_conn.pdbx_ptnr3_label_comp_id 
_struct_conn.pdbx_ptnr3_label_asym_id 
_struct_conn.pdbx_ptnr3_label_alt_id 
_struct_conn.pdbx_ptnr3_PDB_ins_code 
_struct_conn.details 
_struct_conn.pdbx_dist_value 
_struct_conn.pdbx_value_order 
_struct_conn.pdbx_role 
covale1  covale both ? A BRU 1 "O3'" ? ? ? 1_555 A G   2 P  ? ? A BRU 1   A G   2   1_555 ? ? ? ? ? ? ? 1.604 ? ? 
covale2  covale both ? B BRU 1 "O3'" ? ? ? 1_555 B G   2 P  ? ? B BRU 7   B G   8   1_555 ? ? ? ? ? ? ? 1.602 ? ? 
covale3  covale both ? C BRU 1 "O3'" ? ? ? 1_555 C G   2 P  ? ? C BRU 13  C G   14  1_555 ? ? ? ? ? ? ? 1.600 ? ? 
covale4  covale both ? D BRU 1 "O3'" ? ? ? 1_555 D G   2 P  ? ? D BRU 19  D G   20  1_555 ? ? ? ? ? ? ? 1.575 ? ? 
metalc1  metalc ?    ? A G   2 O6    ? ? ? 1_555 G NA  . NA ? ? A G   2   A NA  205 1_555 ? ? ? ? ? ? ? 2.960 ? ? 
metalc2  metalc ?    ? A G   2 O6    ? ? ? 1_555 H NA  . NA ? ? A G   2   A NA  206 1_555 ? ? ? ? ? ? ? 2.933 ? ? 
metalc3  metalc ?    ? A G   4 O6    ? ? ? 1_555 E BA  . BA ? ? A G   4   A BA  105 1_555 ? ? ? ? ? ? ? 2.786 ? ? 
metalc4  metalc ?    ? A G   4 O6    ? ? ? 2_565 E BA  . BA ? ? A G   4   A BA  105 1_555 ? ? ? ? ? ? ? 2.759 ? ? 
metalc5  metalc ?    ? A G   4 O6    ? ? ? 3_555 E BA  . BA ? ? A G   4   A BA  105 1_555 ? ? ? ? ? ? ? 2.831 ? ? 
metalc6  metalc ?    ? A G   4 O6    ? ? ? 4_455 E BA  . BA ? ? A G   4   A BA  105 1_555 ? ? ? ? ? ? ? 2.713 ? ? 
metalc7  metalc ?    ? A G   5 O6    ? ? ? 1_555 E BA  . BA ? ? A G   5   A BA  105 1_555 ? ? ? ? ? ? ? 2.730 ? ? 
metalc8  metalc ?    ? A G   5 O6    ? ? ? 4_455 E BA  . BA ? ? A G   5   A BA  105 1_555 ? ? ? ? ? ? ? 2.687 ? ? 
metalc9  metalc ?    ? A G   5 O6    ? ? ? 2_565 E BA  . BA ? ? A G   5   A BA  105 1_555 ? ? ? ? ? ? ? 2.759 ? ? 
metalc10 metalc ?    ? A G   5 O6    ? ? ? 3_555 E BA  . BA ? ? A G   5   A BA  105 1_555 ? ? ? ? ? ? ? 2.800 ? ? 
metalc11 metalc ?    ? A G   5 O6    ? ? ? 1_555 F BA  . BA ? ? A G   5   A BA  108 1_555 ? ? ? ? ? ? ? 3.655 ? ? 
metalc12 metalc ?    ? A G   5 O6    ? ? ? 4_455 F BA  . BA ? ? A G   5   A BA  108 1_555 ? ? ? ? ? ? ? 3.645 ? ? 
metalc13 metalc ?    ? A G   5 O6    ? ? ? 2_565 F BA  . BA ? ? A G   5   A BA  108 1_555 ? ? ? ? ? ? ? 3.634 ? ? 
metalc14 metalc ?    ? A G   5 O6    ? ? ? 3_555 F BA  . BA ? ? A G   5   A BA  108 1_555 ? ? ? ? ? ? ? 3.644 ? ? 
metalc15 metalc ?    ? A U   6 N3    ? ? ? 1_555 F BA  . BA ? ? A U   6   A BA  108 1_555 ? ? ? ? ? ? ? 3.554 ? ? 
metalc16 metalc ?    ? A U   6 O4    ? ? ? 1_555 F BA  . BA ? ? A U   6   A BA  108 1_555 ? ? ? ? ? ? ? 2.365 ? ? 
metalc17 metalc ?    ? A U   6 N3    ? ? ? 4_455 F BA  . BA ? ? A U   6   A BA  108 1_555 ? ? ? ? ? ? ? 3.531 ? ? 
metalc18 metalc ?    ? A U   6 O4    ? ? ? 4_455 F BA  . BA ? ? A U   6   A BA  108 1_555 ? ? ? ? ? ? ? 2.351 ? ? 
metalc19 metalc ?    ? A U   6 N3    ? ? ? 3_555 F BA  . BA ? ? A U   6   A BA  108 1_555 ? ? ? ? ? ? ? 3.548 ? ? 
metalc20 metalc ?    ? A U   6 N3    ? ? ? 2_565 F BA  . BA ? ? A U   6   A BA  108 1_555 ? ? ? ? ? ? ? 3.526 ? ? 
metalc21 metalc ?    ? A U   6 O4    ? ? ? 2_565 F BA  . BA ? ? A U   6   A BA  108 1_555 ? ? ? ? ? ? ? 2.332 ? ? 
metalc22 metalc ?    ? A U   6 O4    ? ? ? 3_555 F BA  . BA ? ? A U   6   A BA  108 1_555 ? ? ? ? ? ? ? 2.347 ? ? 
metalc23 metalc ?    ? F BA  . BA    ? ? ? 1_555 U HOH . O  ? ? A BA  108 A HOH 387 1_555 ? ? ? ? ? ? ? 2.352 ? ? 
metalc24 metalc ?    ? F BA  . BA    ? ? ? 1_555 U HOH . O  ? ? A BA  108 A HOH 387 2_565 ? ? ? ? ? ? ? 2.352 ? ? 
metalc25 metalc ?    ? F BA  . BA    ? ? ? 1_555 U HOH . O  ? ? A BA  108 A HOH 387 3_555 ? ? ? ? ? ? ? 2.352 ? ? 
metalc26 metalc ?    ? F BA  . BA    ? ? ? 1_555 U HOH . O  ? ? A BA  108 A HOH 387 4_455 ? ? ? ? ? ? ? 2.352 ? ? 
metalc27 metalc ?    ? G NA  . NA    ? ? ? 5_556 S BA  . BA ? ? A NA  205 D BA  107 1_555 ? ? ? ? ? ? ? 3.260 ? ? 
metalc28 metalc ?    ? G NA  . NA    ? ? ? 6_566 S BA  . BA ? ? A NA  205 D BA  107 1_555 ? ? ? ? ? ? ? 3.260 ? ? 
metalc29 metalc ?    ? G NA  . NA    ? ? ? 7_566 S BA  . BA ? ? A NA  205 D BA  107 1_555 ? ? ? ? ? ? ? 3.260 ? ? 
metalc30 metalc ?    ? G NA  . NA    ? ? ? 8_666 S BA  . BA ? ? A NA  205 D BA  107 1_555 ? ? ? ? ? ? ? 3.260 ? ? 
metalc31 metalc ?    ? B BRU 1 O4    ? ? ? 1_555 J BA  . BA ? ? B BRU 7   B BA  104 1_555 ? ? ? ? ? ? ? 2.563 ? ? 
metalc32 metalc ?    ? B BRU 1 O4    ? ? ? 2_675 J BA  . BA ? ? B BRU 7   B BA  104 1_555 ? ? ? ? ? ? ? 2.556 ? ? 
metalc33 metalc ?    ? B BRU 1 O4    ? ? ? 3_655 J BA  . BA ? ? B BRU 7   B BA  104 1_555 ? ? ? ? ? ? ? 2.556 ? ? 
metalc34 metalc ?    ? B BRU 1 O4    ? ? ? 4_465 J BA  . BA ? ? B BRU 7   B BA  104 1_555 ? ? ? ? ? ? ? 2.564 ? ? 
metalc35 metalc ?    ? B BRU 1 O4    ? ? ? 1_555 Q NA  . NA ? ? B BRU 7   C NA  209 1_555 ? ? ? ? ? ? ? 2.998 ? ? 
metalc36 metalc ?    ? B G   2 O6    ? ? ? 1_555 J BA  . BA ? ? B G   8   B BA  104 1_555 ? ? ? ? ? ? ? 3.023 ? ? 
metalc37 metalc ?    ? B G   2 O6    ? ? ? 2_675 J BA  . BA ? ? B G   8   B BA  104 1_555 ? ? ? ? ? ? ? 3.014 ? ? 
metalc38 metalc ?    ? B G   2 O6    ? ? ? 3_655 J BA  . BA ? ? B G   8   B BA  104 1_555 ? ? ? ? ? ? ? 3.018 ? ? 
metalc39 metalc ?    ? B G   2 O6    ? ? ? 4_465 J BA  . BA ? ? B G   8   B BA  104 1_555 ? ? ? ? ? ? ? 3.020 ? ? 
metalc40 metalc ?    ? B G   4 O6    ? ? ? 1_555 I BA  . BA ? ? B G   10  B BA  103 1_555 ? ? ? ? ? ? ? 2.696 ? ? 
metalc41 metalc ?    ? B G   4 O6    ? ? ? 2_675 I BA  . BA ? ? B G   10  B BA  103 1_555 ? ? ? ? ? ? ? 2.698 ? ? 
metalc42 metalc ?    ? B G   4 O6    ? ? ? 3_655 I BA  . BA ? ? B G   10  B BA  103 1_555 ? ? ? ? ? ? ? 2.697 ? ? 
metalc43 metalc ?    ? B G   4 O6    ? ? ? 4_465 I BA  . BA ? ? B G   10  B BA  103 1_555 ? ? ? ? ? ? ? 2.697 ? ? 
metalc44 metalc ?    ? B G   5 O6    ? ? ? 1_555 I BA  . BA ? ? B G   11  B BA  103 1_555 ? ? ? ? ? ? ? 2.700 ? ? 
metalc45 metalc ?    ? B G   5 O6    ? ? ? 2_675 I BA  . BA ? ? B G   11  B BA  103 1_555 ? ? ? ? ? ? ? 2.702 ? ? 
metalc46 metalc ?    ? B G   5 O6    ? ? ? 3_655 I BA  . BA ? ? B G   11  B BA  103 1_555 ? ? ? ? ? ? ? 2.701 ? ? 
metalc47 metalc ?    ? B G   5 O6    ? ? ? 4_465 I BA  . BA ? ? B G   11  B BA  103 1_555 ? ? ? ? ? ? ? 2.702 ? ? 
metalc48 metalc ?    ? B U   6 O4    ? ? ? 1_555 L NA  . NA ? ? B U   12  B NA  207 1_555 ? ? ? ? ? ? ? 2.488 ? ? 
metalc49 metalc ?    ? B U   6 O4    ? ? ? 2_675 L NA  . NA ? ? B U   12  B NA  207 1_555 ? ? ? ? ? ? ? 2.495 ? ? 
metalc50 metalc ?    ? B U   6 O4    ? ? ? 4_465 L NA  . NA ? ? B U   12  B NA  207 1_555 ? ? ? ? ? ? ? 2.499 ? ? 
metalc51 metalc ?    ? B U   6 O4    ? ? ? 3_655 L NA  . NA ? ? B U   12  B NA  207 1_555 ? ? ? ? ? ? ? 2.484 ? ? 
metalc52 metalc ?    ? I BA  . BA    ? ? ? 1_555 L NA  . NA ? ? B BA  103 B NA  207 1_555 ? ? ? ? ? ? ? 3.317 ? ? 
metalc53 metalc ?    ? I BA  . BA    ? ? ? 1_555 L NA  . NA ? ? B BA  103 B NA  207 2_675 ? ? ? ? ? ? ? 3.317 ? ? 
metalc54 metalc ?    ? I BA  . BA    ? ? ? 1_555 L NA  . NA ? ? B BA  103 B NA  207 3_655 ? ? ? ? ? ? ? 3.317 ? ? 
metalc55 metalc ?    ? I BA  . BA    ? ? ? 1_555 L NA  . NA ? ? B BA  103 B NA  207 4_465 ? ? ? ? ? ? ? 3.317 ? ? 
metalc56 metalc ?    ? J BA  . BA    ? ? ? 1_555 Q NA  . NA ? ? B BA  104 C NA  209 1_555 ? ? ? ? ? ? ? 2.612 ? ? 
metalc57 metalc ?    ? J BA  . BA    ? ? ? 1_555 Q NA  . NA ? ? B BA  104 C NA  209 4_465 ? ? ? ? ? ? ? 2.612 ? ? 
metalc58 metalc ?    ? J BA  . BA    ? ? ? 1_555 Q NA  . NA ? ? B BA  104 C NA  209 3_655 ? ? ? ? ? ? ? 2.612 ? ? 
metalc59 metalc ?    ? J BA  . BA    ? ? ? 1_555 Q NA  . NA ? ? B BA  104 C NA  209 2_675 ? ? ? ? ? ? ? 2.612 ? ? 
metalc60 metalc ?    ? C G   2 O6    ? ? ? 1_555 P NA  . NA ? ? C G   14  C NA  203 1_555 ? ? ? ? ? ? ? 2.977 ? ? 
metalc61 metalc ?    ? C G   4 O6    ? ? ? 1_555 M BA  . BA ? ? C G   16  C BA  101 1_555 ? ? ? ? ? ? ? 2.731 ? ? 
metalc62 metalc ?    ? C G   4 O6    ? ? ? 4_465 M BA  . BA ? ? C G   16  C BA  101 1_555 ? ? ? ? ? ? ? 2.728 ? ? 
metalc63 metalc ?    ? C G   4 O6    ? ? ? 3_655 M BA  . BA ? ? C G   16  C BA  101 1_555 ? ? ? ? ? ? ? 2.726 ? ? 
metalc64 metalc ?    ? C G   4 O6    ? ? ? 2_675 M BA  . BA ? ? C G   16  C BA  101 1_555 ? ? ? ? ? ? ? 2.723 ? ? 
metalc65 metalc ?    ? C G   5 O6    ? ? ? 1_555 M BA  . BA ? ? C G   17  C BA  101 1_555 ? ? ? ? ? ? ? 2.737 ? ? 
metalc66 metalc ?    ? C G   5 O6    ? ? ? 2_675 M BA  . BA ? ? C G   17  C BA  101 1_555 ? ? ? ? ? ? ? 2.731 ? ? 
metalc67 metalc ?    ? C G   5 O6    ? ? ? 3_655 M BA  . BA ? ? C G   17  C BA  101 1_555 ? ? ? ? ? ? ? 2.731 ? ? 
metalc68 metalc ?    ? C G   5 O6    ? ? ? 4_465 M BA  . BA ? ? C G   17  C BA  101 1_555 ? ? ? ? ? ? ? 2.737 ? ? 
metalc69 metalc ?    ? C G   5 O6    ? ? ? 1_555 O NA  . NA ? ? C G   17  C NA  201 1_555 ? ? ? ? ? ? ? 2.887 ? ? 
metalc70 metalc ?    ? C U   6 "O2'" ? ? ? 1_555 N BA  . BA ? ? C U   18  C BA  106 1_555 ? ? ? ? ? ? ? 2.893 ? ? 
metalc71 metalc ?    ? C U   6 "O3'" ? ? ? 1_555 N BA  . BA ? ? C U   18  C BA  106 1_555 ? ? ? ? ? ? ? 2.792 ? ? 
metalc72 metalc ?    ? C U   6 O4    ? ? ? 1_555 O NA  . NA ? ? C U   18  C NA  201 1_555 ? ? ? ? ? ? ? 2.882 ? ? 
metalc73 metalc ?    ? M BA  . BA    ? ? ? 1_555 O NA  . NA ? ? C BA  101 C NA  201 1_555 ? ? ? ? ? ? ? 3.106 ? ? 
metalc74 metalc ?    ? M BA  . BA    ? ? ? 1_555 O NA  . NA ? ? C BA  101 C NA  201 2_675 ? ? ? ? ? ? ? 3.106 ? ? 
metalc75 metalc ?    ? M BA  . BA    ? ? ? 1_555 O NA  . NA ? ? C BA  101 C NA  201 3_655 ? ? ? ? ? ? ? 3.106 ? ? 
metalc76 metalc ?    ? M BA  . BA    ? ? ? 1_555 O NA  . NA ? ? C BA  101 C NA  201 4_465 ? ? ? ? ? ? ? 3.106 ? ? 
metalc77 metalc ?    ? N BA  . BA    ? ? ? 1_555 W HOH . O  ? ? C BA  106 C HOH 214 4_465 ? ? ? ? ? ? ? 2.941 ? ? 
metalc78 metalc ?    ? N BA  . BA    ? ? ? 1_555 W HOH . O  ? ? C BA  106 C HOH 313 1_555 ? ? ? ? ? ? ? 2.906 ? ? 
metalc79 metalc ?    ? N BA  . BA    ? ? ? 1_555 W HOH . O  ? ? C BA  106 C HOH 369 1_555 ? ? ? ? ? ? ? 3.136 ? ? 
metalc80 metalc ?    ? N BA  . BA    ? ? ? 1_555 W HOH . O  ? ? C BA  106 C HOH 371 1_555 ? ? ? ? ? ? ? 2.825 ? ? 
metalc81 metalc ?    ? N BA  . BA    ? ? ? 1_555 W HOH . O  ? ? C BA  106 C HOH 372 4_465 ? ? ? ? ? ? ? 2.916 ? ? 
metalc82 metalc ?    ? N BA  . BA    ? ? ? 1_555 W HOH . O  ? ? C BA  106 C HOH 406 4_465 ? ? ? ? ? ? ? 2.894 ? ? 
metalc83 metalc ?    ? D BRU 1 O4    ? ? ? 1_555 S BA  . BA ? ? D BRU 19  D BA  107 1_555 ? ? ? ? ? ? ? 2.781 ? ? 
metalc84 metalc ?    ? D BRU 1 O4    ? ? ? 3_655 S BA  . BA ? ? D BRU 19  D BA  107 1_555 ? ? ? ? ? ? ? 2.785 ? ? 
metalc85 metalc ?    ? D BRU 1 O4    ? ? ? 2_675 S BA  . BA ? ? D BRU 19  D BA  107 1_555 ? ? ? ? ? ? ? 2.785 ? ? 
metalc86 metalc ?    ? D BRU 1 O4    ? ? ? 4_465 S BA  . BA ? ? D BRU 19  D BA  107 1_555 ? ? ? ? ? ? ? 2.780 ? ? 
metalc87 metalc ?    ? D G   2 O6    ? ? ? 1_555 S BA  . BA ? ? D G   20  D BA  107 1_555 ? ? ? ? ? ? ? 2.770 ? ? 
metalc88 metalc ?    ? D G   2 O6    ? ? ? 2_675 S BA  . BA ? ? D G   20  D BA  107 1_555 ? ? ? ? ? ? ? 2.775 ? ? 
metalc89 metalc ?    ? D G   2 O6    ? ? ? 3_655 S BA  . BA ? ? D G   20  D BA  107 1_555 ? ? ? ? ? ? ? 2.773 ? ? 
metalc90 metalc ?    ? D G   2 O6    ? ? ? 4_465 S BA  . BA ? ? D G   20  D BA  107 1_555 ? ? ? ? ? ? ? 2.772 ? ? 
metalc91 metalc ?    ? D G   4 O6    ? ? ? 1_555 R BA  . BA ? ? D G   22  D BA  102 1_555 ? ? ? ? ? ? ? 2.804 ? ? 
metalc92 metalc ?    ? D G   4 O6    ? ? ? 2_675 R BA  . BA ? ? D G   22  D BA  102 1_555 ? ? ? ? ? ? ? 2.797 ? ? 
metalc93 metalc ?    ? D G   4 O6    ? ? ? 3_655 R BA  . BA ? ? D G   22  D BA  102 1_555 ? ? ? ? ? ? ? 2.800 ? ? 
metalc94 metalc ?    ? D G   4 O6    ? ? ? 4_465 R BA  . BA ? ? D G   22  D BA  102 1_555 ? ? ? ? ? ? ? 2.801 ? ? 
metalc95 metalc ?    ? D G   5 O6    ? ? ? 1_555 R BA  . BA ? ? D G   23  D BA  102 1_555 ? ? ? ? ? ? ? 2.804 ? ? 
metalc96 metalc ?    ? D G   5 O6    ? ? ? 4_465 R BA  . BA ? ? D G   23  D BA  102 1_555 ? ? ? ? ? ? ? 2.799 ? ? 
metalc97 metalc ?    ? D G   5 O6    ? ? ? 3_655 R BA  . BA ? ? D G   23  D BA  102 1_555 ? ? ? ? ? ? ? 2.802 ? ? 
metalc98 metalc ?    ? D G   5 O6    ? ? ? 2_675 R BA  . BA ? ? D G   23  D BA  102 1_555 ? ? ? ? ? ? ? 2.797 ? ? 
# 
loop_
_struct_conn_type.id 
_struct_conn_type.criteria 
_struct_conn_type.reference 
covale ? ? 
metalc ? ? 
# 
loop_
_pdbx_struct_conn_angle.id 
_pdbx_struct_conn_angle.ptnr1_label_atom_id 
_pdbx_struct_conn_angle.ptnr1_label_alt_id 
_pdbx_struct_conn_angle.ptnr1_label_asym_id 
_pdbx_struct_conn_angle.ptnr1_label_comp_id 
_pdbx_struct_conn_angle.ptnr1_label_seq_id 
_pdbx_struct_conn_angle.ptnr1_auth_atom_id 
_pdbx_struct_conn_angle.ptnr1_auth_asym_id 
_pdbx_struct_conn_angle.ptnr1_auth_comp_id 
_pdbx_struct_conn_angle.ptnr1_auth_seq_id 
_pdbx_struct_conn_angle.ptnr1_PDB_ins_code 
_pdbx_struct_conn_angle.ptnr1_symmetry 
_pdbx_struct_conn_angle.ptnr2_label_atom_id 
_pdbx_struct_conn_angle.ptnr2_label_alt_id 
_pdbx_struct_conn_angle.ptnr2_label_asym_id 
_pdbx_struct_conn_angle.ptnr2_label_comp_id 
_pdbx_struct_conn_angle.ptnr2_label_seq_id 
_pdbx_struct_conn_angle.ptnr2_auth_atom_id 
_pdbx_struct_conn_angle.ptnr2_auth_asym_id 
_pdbx_struct_conn_angle.ptnr2_auth_comp_id 
_pdbx_struct_conn_angle.ptnr2_auth_seq_id 
_pdbx_struct_conn_angle.ptnr2_PDB_ins_code 
_pdbx_struct_conn_angle.ptnr2_symmetry 
_pdbx_struct_conn_angle.ptnr3_label_atom_id 
_pdbx_struct_conn_angle.ptnr3_label_alt_id 
_pdbx_struct_conn_angle.ptnr3_label_asym_id 
_pdbx_struct_conn_angle.ptnr3_label_comp_id 
_pdbx_struct_conn_angle.ptnr3_label_seq_id 
_pdbx_struct_conn_angle.ptnr3_auth_atom_id 
_pdbx_struct_conn_angle.ptnr3_auth_asym_id 
_pdbx_struct_conn_angle.ptnr3_auth_comp_id 
_pdbx_struct_conn_angle.ptnr3_auth_seq_id 
_pdbx_struct_conn_angle.ptnr3_PDB_ins_code 
_pdbx_struct_conn_angle.ptnr3_symmetry 
_pdbx_struct_conn_angle.value 
_pdbx_struct_conn_angle.value_esd 
1   O6    ? A G   2 ? A G   2   ? 1_555 NA ? G NA . ? A NA 205 ? 1_555 BA    ? S BA  . ? D BA  107 ? 1_555 92.3  ? 
2   O6    ? A G   2 ? A G   2   ? 1_555 NA ? G NA . ? A NA 205 ? 1_555 BA    ? S BA  . ? D BA  107 ? 1_555 92.3  ? 
3   BA    ? S BA  . ? D BA  107 ? 1_555 NA ? G NA . ? A NA 205 ? 1_555 BA    ? S BA  . ? D BA  107 ? 1_555 0.0   ? 
4   O6    ? A G   2 ? A G   2   ? 1_555 NA ? G NA . ? A NA 205 ? 1_555 BA    ? S BA  . ? D BA  107 ? 1_555 92.3  ? 
5   BA    ? S BA  . ? D BA  107 ? 1_555 NA ? G NA . ? A NA 205 ? 1_555 BA    ? S BA  . ? D BA  107 ? 1_555 0.0   ? 
6   BA    ? S BA  . ? D BA  107 ? 1_555 NA ? G NA . ? A NA 205 ? 1_555 BA    ? S BA  . ? D BA  107 ? 1_555 0.0   ? 
7   O6    ? A G   2 ? A G   2   ? 1_555 NA ? G NA . ? A NA 205 ? 1_555 BA    ? S BA  . ? D BA  107 ? 1_555 92.3  ? 
8   BA    ? S BA  . ? D BA  107 ? 1_555 NA ? G NA . ? A NA 205 ? 1_555 BA    ? S BA  . ? D BA  107 ? 1_555 0.0   ? 
9   BA    ? S BA  . ? D BA  107 ? 1_555 NA ? G NA . ? A NA 205 ? 1_555 BA    ? S BA  . ? D BA  107 ? 1_555 0.0   ? 
10  BA    ? S BA  . ? D BA  107 ? 1_555 NA ? G NA . ? A NA 205 ? 1_555 BA    ? S BA  . ? D BA  107 ? 1_555 0.0   ? 
11  O6    ? A G   4 ? A G   4   ? 1_555 BA ? E BA . ? A BA 105 ? 1_555 O6    ? A G   4 ? A G   4   ? 2_565 118.3 ? 
12  O6    ? A G   4 ? A G   4   ? 1_555 BA ? E BA . ? A BA 105 ? 1_555 O6    ? A G   4 ? A G   4   ? 3_555 73.6  ? 
13  O6    ? A G   4 ? A G   4   ? 2_565 BA ? E BA . ? A BA 105 ? 1_555 O6    ? A G   4 ? A G   4   ? 3_555 74.0  ? 
14  O6    ? A G   4 ? A G   4   ? 1_555 BA ? E BA . ? A BA 105 ? 1_555 O6    ? A G   4 ? A G   4   ? 4_455 75.5  ? 
15  O6    ? A G   4 ? A G   4   ? 2_565 BA ? E BA . ? A BA 105 ? 1_555 O6    ? A G   4 ? A G   4   ? 4_455 75.9  ? 
16  O6    ? A G   4 ? A G   4   ? 3_555 BA ? E BA . ? A BA 105 ? 1_555 O6    ? A G   4 ? A G   4   ? 4_455 118.3 ? 
17  O6    ? A G   4 ? A G   4   ? 1_555 BA ? E BA . ? A BA 105 ? 1_555 O6    ? A G   5 ? A G   5   ? 1_555 70.0  ? 
18  O6    ? A G   4 ? A G   4   ? 2_565 BA ? E BA . ? A BA 105 ? 1_555 O6    ? A G   5 ? A G   5   ? 1_555 159.3 ? 
19  O6    ? A G   4 ? A G   4   ? 3_555 BA ? E BA . ? A BA 105 ? 1_555 O6    ? A G   5 ? A G   5   ? 1_555 126.3 ? 
20  O6    ? A G   4 ? A G   4   ? 4_455 BA ? E BA . ? A BA 105 ? 1_555 O6    ? A G   5 ? A G   5   ? 1_555 89.0  ? 
21  O6    ? A G   4 ? A G   4   ? 1_555 BA ? E BA . ? A BA 105 ? 1_555 O6    ? A G   5 ? A G   5   ? 4_455 130.0 ? 
22  O6    ? A G   4 ? A G   4   ? 2_565 BA ? E BA . ? A BA 105 ? 1_555 O6    ? A G   5 ? A G   5   ? 4_455 88.9  ? 
23  O6    ? A G   4 ? A G   4   ? 3_555 BA ? E BA . ? A BA 105 ? 1_555 O6    ? A G   5 ? A G   5   ? 4_455 156.1 ? 
24  O6    ? A G   4 ? A G   4   ? 4_455 BA ? E BA . ? A BA 105 ? 1_555 O6    ? A G   5 ? A G   5   ? 4_455 71.7  ? 
25  O6    ? A G   5 ? A G   5   ? 1_555 BA ? E BA . ? A BA 105 ? 1_555 O6    ? A G   5 ? A G   5   ? 4_455 72.7  ? 
26  O6    ? A G   4 ? A G   4   ? 1_555 BA ? E BA . ? A BA 105 ? 1_555 O6    ? A G   5 ? A G   5   ? 2_565 153.6 ? 
27  O6    ? A G   4 ? A G   4   ? 2_565 BA ? E BA . ? A BA 105 ? 1_555 O6    ? A G   5 ? A G   5   ? 2_565 70.0  ? 
28  O6    ? A G   4 ? A G   4   ? 3_555 BA ? E BA . ? A BA 105 ? 1_555 O6    ? A G   5 ? A G   5   ? 2_565 86.0  ? 
29  O6    ? A G   4 ? A G   4   ? 4_455 BA ? E BA . ? A BA 105 ? 1_555 O6    ? A G   5 ? A G   5   ? 2_565 130.1 ? 
30  O6    ? A G   5 ? A G   5   ? 1_555 BA ? E BA . ? A BA 105 ? 1_555 O6    ? A G   5 ? A G   5   ? 2_565 111.7 ? 
31  O6    ? A G   5 ? A G   5   ? 4_455 BA ? E BA . ? A BA 105 ? 1_555 O6    ? A G   5 ? A G   5   ? 2_565 72.3  ? 
32  O6    ? A G   4 ? A G   4   ? 1_555 BA ? E BA . ? A BA 105 ? 1_555 O6    ? A G   5 ? A G   5   ? 3_555 86.1  ? 
33  O6    ? A G   4 ? A G   4   ? 2_565 BA ? E BA . ? A BA 105 ? 1_555 O6    ? A G   5 ? A G   5   ? 3_555 126.4 ? 
34  O6    ? A G   4 ? A G   4   ? 3_555 BA ? E BA . ? A BA 105 ? 1_555 O6    ? A G   5 ? A G   5   ? 3_555 68.4  ? 
35  O6    ? A G   4 ? A G   4   ? 4_455 BA ? E BA . ? A BA 105 ? 1_555 O6    ? A G   5 ? A G   5   ? 3_555 156.6 ? 
36  O6    ? A G   5 ? A G   5   ? 1_555 BA ? E BA . ? A BA 105 ? 1_555 O6    ? A G   5 ? A G   5   ? 3_555 71.0  ? 
37  O6    ? A G   5 ? A G   5   ? 4_455 BA ? E BA . ? A BA 105 ? 1_555 O6    ? A G   5 ? A G   5   ? 3_555 111.8 ? 
38  O6    ? A G   5 ? A G   5   ? 2_565 BA ? E BA . ? A BA 105 ? 1_555 O6    ? A G   5 ? A G   5   ? 3_555 70.6  ? 
39  O6    ? A G   5 ? A G   5   ? 1_555 BA ? F BA . ? A BA 108 ? 1_555 O6    ? A G   5 ? A G   5   ? 4_455 52.2  ? 
40  O6    ? A G   5 ? A G   5   ? 1_555 BA ? F BA . ? A BA 108 ? 1_555 O6    ? A G   5 ? A G   5   ? 2_565 77.1  ? 
41  O6    ? A G   5 ? A G   5   ? 4_455 BA ? F BA . ? A BA 108 ? 1_555 O6    ? A G   5 ? A G   5   ? 2_565 52.4  ? 
42  O6    ? A G   5 ? A G   5   ? 1_555 BA ? F BA . ? A BA 108 ? 1_555 O6    ? A G   5 ? A G   5   ? 3_555 52.2  ? 
43  O6    ? A G   5 ? A G   5   ? 4_455 BA ? F BA . ? A BA 108 ? 1_555 O6    ? A G   5 ? A G   5   ? 3_555 77.1  ? 
44  O6    ? A G   5 ? A G   5   ? 2_565 BA ? F BA . ? A BA 108 ? 1_555 O6    ? A G   5 ? A G   5   ? 3_555 52.4  ? 
45  O6    ? A G   5 ? A G   5   ? 1_555 BA ? F BA . ? A BA 108 ? 1_555 N3    ? A U   6 ? A U   6   ? 1_555 71.8  ? 
46  O6    ? A G   5 ? A G   5   ? 4_455 BA ? F BA . ? A BA 108 ? 1_555 N3    ? A U   6 ? A U   6   ? 1_555 81.6  ? 
47  O6    ? A G   5 ? A G   5   ? 2_565 BA ? F BA . ? A BA 108 ? 1_555 N3    ? A U   6 ? A U   6   ? 1_555 133.9 ? 
48  O6    ? A G   5 ? A G   5   ? 3_555 BA ? F BA . ? A BA 108 ? 1_555 N3    ? A U   6 ? A U   6   ? 1_555 121.7 ? 
49  O6    ? A G   5 ? A G   5   ? 1_555 BA ? F BA . ? A BA 108 ? 1_555 O4    ? A U   6 ? A U   6   ? 1_555 56.2  ? 
50  O6    ? A G   5 ? A G   5   ? 4_455 BA ? F BA . ? A BA 108 ? 1_555 O4    ? A U   6 ? A U   6   ? 1_555 96.0  ? 
51  O6    ? A G   5 ? A G   5   ? 2_565 BA ? F BA . ? A BA 108 ? 1_555 O4    ? A U   6 ? A U   6   ? 1_555 133.1 ? 
52  O6    ? A G   5 ? A G   5   ? 3_555 BA ? F BA . ? A BA 108 ? 1_555 O4    ? A U   6 ? A U   6   ? 1_555 91.0  ? 
53  N3    ? A U   6 ? A U   6   ? 1_555 BA ? F BA . ? A BA 108 ? 1_555 O4    ? A U   6 ? A U   6   ? 1_555 38.4  ? 
54  O6    ? A G   5 ? A G   5   ? 1_555 BA ? F BA . ? A BA 108 ? 1_555 N3    ? A U   6 ? A U   6   ? 4_455 122.0 ? 
55  O6    ? A G   5 ? A G   5   ? 4_455 BA ? F BA . ? A BA 108 ? 1_555 N3    ? A U   6 ? A U   6   ? 4_455 72.2  ? 
56  O6    ? A G   5 ? A G   5   ? 2_565 BA ? F BA . ? A BA 108 ? 1_555 N3    ? A U   6 ? A U   6   ? 4_455 82.1  ? 
57  O6    ? A G   5 ? A G   5   ? 3_555 BA ? F BA . ? A BA 108 ? 1_555 N3    ? A U   6 ? A U   6   ? 4_455 134.4 ? 
58  N3    ? A U   6 ? A U   6   ? 1_555 BA ? F BA . ? A BA 108 ? 1_555 N3    ? A U   6 ? A U   6   ? 4_455 86.4  ? 
59  O4    ? A U   6 ? A U   6   ? 1_555 BA ? F BA . ? A BA 108 ? 1_555 N3    ? A U   6 ? A U   6   ? 4_455 124.7 ? 
60  O6    ? A G   5 ? A G   5   ? 1_555 BA ? F BA . ? A BA 108 ? 1_555 O4    ? A U   6 ? A U   6   ? 4_455 90.9  ? 
61  O6    ? A G   5 ? A G   5   ? 4_455 BA ? F BA . ? A BA 108 ? 1_555 O4    ? A U   6 ? A U   6   ? 4_455 56.4  ? 
62  O6    ? A G   5 ? A G   5   ? 2_565 BA ? F BA . ? A BA 108 ? 1_555 O4    ? A U   6 ? A U   6   ? 4_455 96.6  ? 
63  O6    ? A G   5 ? A G   5   ? 3_555 BA ? F BA . ? A BA 108 ? 1_555 O4    ? A U   6 ? A U   6   ? 4_455 133.2 ? 
64  N3    ? A U   6 ? A U   6   ? 1_555 BA ? F BA . ? A BA 108 ? 1_555 O4    ? A U   6 ? A U   6   ? 4_455 51.7  ? 
65  O4    ? A U   6 ? A U   6   ? 1_555 BA ? F BA . ? A BA 108 ? 1_555 O4    ? A U   6 ? A U   6   ? 4_455 89.1  ? 
66  N3    ? A U   6 ? A U   6   ? 4_455 BA ? F BA . ? A BA 108 ? 1_555 O4    ? A U   6 ? A U   6   ? 4_455 38.8  ? 
67  O6    ? A G   5 ? A G   5   ? 1_555 BA ? F BA . ? A BA 108 ? 1_555 N3    ? A U   6 ? A U   6   ? 3_555 81.5  ? 
68  O6    ? A G   5 ? A G   5   ? 4_455 BA ? F BA . ? A BA 108 ? 1_555 N3    ? A U   6 ? A U   6   ? 3_555 133.7 ? 
69  O6    ? A G   5 ? A G   5   ? 2_565 BA ? F BA . ? A BA 108 ? 1_555 N3    ? A U   6 ? A U   6   ? 3_555 122.1 ? 
70  O6    ? A G   5 ? A G   5   ? 3_555 BA ? F BA . ? A BA 108 ? 1_555 N3    ? A U   6 ? A U   6   ? 3_555 72.0  ? 
71  N3    ? A U   6 ? A U   6   ? 1_555 BA ? F BA . ? A BA 108 ? 1_555 N3    ? A U   6 ? A U   6   ? 3_555 86.1  ? 
72  O4    ? A U   6 ? A U   6   ? 1_555 BA ? F BA . ? A BA 108 ? 1_555 N3    ? A U   6 ? A U   6   ? 3_555 51.8  ? 
73  N3    ? A U   6 ? A U   6   ? 4_455 BA ? F BA . ? A BA 108 ? 1_555 N3    ? A U   6 ? A U   6   ? 3_555 151.2 ? 
74  O4    ? A U   6 ? A U   6   ? 4_455 BA ? F BA . ? A BA 108 ? 1_555 N3    ? A U   6 ? A U   6   ? 3_555 137.1 ? 
75  O6    ? A G   5 ? A G   5   ? 1_555 BA ? F BA . ? A BA 108 ? 1_555 N3    ? A U   6 ? A U   6   ? 2_565 134.2 ? 
76  O6    ? A G   5 ? A G   5   ? 4_455 BA ? F BA . ? A BA 108 ? 1_555 N3    ? A U   6 ? A U   6   ? 2_565 122.5 ? 
77  O6    ? A G   5 ? A G   5   ? 2_565 BA ? F BA . ? A BA 108 ? 1_555 N3    ? A U   6 ? A U   6   ? 2_565 72.4  ? 
78  O6    ? A G   5 ? A G   5   ? 3_555 BA ? F BA . ? A BA 108 ? 1_555 N3    ? A U   6 ? A U   6   ? 2_565 82.0  ? 
79  N3    ? A U   6 ? A U   6   ? 1_555 BA ? F BA . ? A BA 108 ? 1_555 N3    ? A U   6 ? A U   6   ? 2_565 151.2 ? 
80  O4    ? A U   6 ? A U   6   ? 1_555 BA ? F BA . ? A BA 108 ? 1_555 N3    ? A U   6 ? A U   6   ? 2_565 137.6 ? 
81  N3    ? A U   6 ? A U   6   ? 4_455 BA ? F BA . ? A BA 108 ? 1_555 N3    ? A U   6 ? A U   6   ? 2_565 86.8  ? 
82  O4    ? A U   6 ? A U   6   ? 4_455 BA ? F BA . ? A BA 108 ? 1_555 N3    ? A U   6 ? A U   6   ? 2_565 125.5 ? 
83  N3    ? A U   6 ? A U   6   ? 3_555 BA ? F BA . ? A BA 108 ? 1_555 N3    ? A U   6 ? A U   6   ? 2_565 86.5  ? 
84  O6    ? A G   5 ? A G   5   ? 1_555 BA ? F BA . ? A BA 108 ? 1_555 O4    ? A U   6 ? A U   6   ? 2_565 133.5 ? 
85  O6    ? A G   5 ? A G   5   ? 4_455 BA ? F BA . ? A BA 108 ? 1_555 O4    ? A U   6 ? A U   6   ? 2_565 91.5  ? 
86  O6    ? A G   5 ? A G   5   ? 2_565 BA ? F BA . ? A BA 108 ? 1_555 O4    ? A U   6 ? A U   6   ? 2_565 56.7  ? 
87  O6    ? A G   5 ? A G   5   ? 3_555 BA ? F BA . ? A BA 108 ? 1_555 O4    ? A U   6 ? A U   6   ? 2_565 96.7  ? 
88  N3    ? A U   6 ? A U   6   ? 1_555 BA ? F BA . ? A BA 108 ? 1_555 O4    ? A U   6 ? A U   6   ? 2_565 137.8 ? 
89  O4    ? A U   6 ? A U   6   ? 1_555 BA ? F BA . ? A BA 108 ? 1_555 O4    ? A U   6 ? A U   6   ? 2_565 170.3 ? 
90  N3    ? A U   6 ? A U   6   ? 4_455 BA ? F BA . ? A BA 108 ? 1_555 O4    ? A U   6 ? A U   6   ? 2_565 52.2  ? 
91  O4    ? A U   6 ? A U   6   ? 4_455 BA ? F BA . ? A BA 108 ? 1_555 O4    ? A U   6 ? A U   6   ? 2_565 89.9  ? 
92  N3    ? A U   6 ? A U   6   ? 3_555 BA ? F BA . ? A BA 108 ? 1_555 O4    ? A U   6 ? A U   6   ? 2_565 125.3 ? 
93  N3    ? A U   6 ? A U   6   ? 2_565 BA ? F BA . ? A BA 108 ? 1_555 O4    ? A U   6 ? A U   6   ? 2_565 38.8  ? 
94  O6    ? A G   5 ? A G   5   ? 1_555 BA ? F BA . ? A BA 108 ? 1_555 O4    ? A U   6 ? A U   6   ? 3_555 96.1  ? 
95  O6    ? A G   5 ? A G   5   ? 4_455 BA ? F BA . ? A BA 108 ? 1_555 O4    ? A U   6 ? A U   6   ? 3_555 133.4 ? 
96  O6    ? A G   5 ? A G   5   ? 2_565 BA ? F BA . ? A BA 108 ? 1_555 O4    ? A U   6 ? A U   6   ? 3_555 91.5  ? 
97  O6    ? A G   5 ? A G   5   ? 3_555 BA ? F BA . ? A BA 108 ? 1_555 O4    ? A U   6 ? A U   6   ? 3_555 56.4  ? 
98  N3    ? A U   6 ? A U   6   ? 1_555 BA ? F BA . ? A BA 108 ? 1_555 O4    ? A U   6 ? A U   6   ? 3_555 124.5 ? 
99  O4    ? A U   6 ? A U   6   ? 1_555 BA ? F BA . ? A BA 108 ? 1_555 O4    ? A U   6 ? A U   6   ? 3_555 89.2  ? 
100 N3    ? A U   6 ? A U   6   ? 4_455 BA ? F BA . ? A BA 108 ? 1_555 O4    ? A U   6 ? A U   6   ? 3_555 138.2 ? 
101 O4    ? A U   6 ? A U   6   ? 4_455 BA ? F BA . ? A BA 108 ? 1_555 O4    ? A U   6 ? A U   6   ? 3_555 170.2 ? 
102 N3    ? A U   6 ? A U   6   ? 3_555 BA ? F BA . ? A BA 108 ? 1_555 O4    ? A U   6 ? A U   6   ? 3_555 38.4  ? 
103 N3    ? A U   6 ? A U   6   ? 2_565 BA ? F BA . ? A BA 108 ? 1_555 O4    ? A U   6 ? A U   6   ? 3_555 52.3  ? 
104 O4    ? A U   6 ? A U   6   ? 2_565 BA ? F BA . ? A BA 108 ? 1_555 O4    ? A U   6 ? A U   6   ? 3_555 90.0  ? 
105 O6    ? A G   5 ? A G   5   ? 1_555 BA ? F BA . ? A BA 108 ? 1_555 O     ? U HOH . ? A HOH 387 ? 1_555 140.7 ? 
106 O6    ? A G   5 ? A G   5   ? 4_455 BA ? F BA . ? A BA 108 ? 1_555 O     ? U HOH . ? A HOH 387 ? 1_555 141.0 ? 
107 O6    ? A G   5 ? A G   5   ? 2_565 BA ? F BA . ? A BA 108 ? 1_555 O     ? U HOH . ? A HOH 387 ? 1_555 142.2 ? 
108 O6    ? A G   5 ? A G   5   ? 3_555 BA ? F BA . ? A BA 108 ? 1_555 O     ? U HOH . ? A HOH 387 ? 1_555 141.8 ? 
109 N3    ? A U   6 ? A U   6   ? 1_555 BA ? F BA . ? A BA 108 ? 1_555 O     ? U HOH . ? A HOH 387 ? 1_555 75.0  ? 
110 O4    ? A U   6 ? A U   6   ? 1_555 BA ? F BA . ? A BA 108 ? 1_555 O     ? U HOH . ? A HOH 387 ? 1_555 84.7  ? 
111 N3    ? A U   6 ? A U   6   ? 4_455 BA ? F BA . ? A BA 108 ? 1_555 O     ? U HOH . ? A HOH 387 ? 1_555 75.5  ? 
112 O4    ? A U   6 ? A U   6   ? 4_455 BA ? F BA . ? A BA 108 ? 1_555 O     ? U HOH . ? A HOH 387 ? 1_555 84.7  ? 
113 N3    ? A U   6 ? A U   6   ? 3_555 BA ? F BA . ? A BA 108 ? 1_555 O     ? U HOH . ? A HOH 387 ? 1_555 75.7  ? 
114 N3    ? A U   6 ? A U   6   ? 2_565 BA ? F BA . ? A BA 108 ? 1_555 O     ? U HOH . ? A HOH 387 ? 1_555 76.2  ? 
115 O4    ? A U   6 ? A U   6   ? 2_565 BA ? F BA . ? A BA 108 ? 1_555 O     ? U HOH . ? A HOH 387 ? 1_555 85.6  ? 
116 O4    ? A U   6 ? A U   6   ? 3_555 BA ? F BA . ? A BA 108 ? 1_555 O     ? U HOH . ? A HOH 387 ? 1_555 85.6  ? 
117 O6    ? A G   5 ? A G   5   ? 1_555 BA ? F BA . ? A BA 108 ? 1_555 O     ? U HOH . ? A HOH 387 ? 2_565 140.9 ? 
118 O6    ? A G   5 ? A G   5   ? 4_455 BA ? F BA . ? A BA 108 ? 1_555 O     ? U HOH . ? A HOH 387 ? 2_565 141.8 ? 
119 O6    ? A G   5 ? A G   5   ? 2_565 BA ? F BA . ? A BA 108 ? 1_555 O     ? U HOH . ? A HOH 387 ? 2_565 142.0 ? 
120 O6    ? A G   5 ? A G   5   ? 3_555 BA ? F BA . ? A BA 108 ? 1_555 O     ? U HOH . ? A HOH 387 ? 2_565 141.1 ? 
121 N3    ? A U   6 ? A U   6   ? 1_555 BA ? F BA . ? A BA 108 ? 1_555 O     ? U HOH . ? A HOH 387 ? 2_565 75.6  ? 
122 O4    ? A U   6 ? A U   6   ? 1_555 BA ? F BA . ? A BA 108 ? 1_555 O     ? U HOH . ? A HOH 387 ? 2_565 84.8  ? 
123 N3    ? A U   6 ? A U   6   ? 4_455 BA ? F BA . ? A BA 108 ? 1_555 O     ? U HOH . ? A HOH 387 ? 2_565 76.0  ? 
124 O4    ? A U   6 ? A U   6   ? 4_455 BA ? F BA . ? A BA 108 ? 1_555 O     ? U HOH . ? A HOH 387 ? 2_565 85.5  ? 
125 N3    ? A U   6 ? A U   6   ? 3_555 BA ? F BA . ? A BA 108 ? 1_555 O     ? U HOH . ? A HOH 387 ? 2_565 75.2  ? 
126 N3    ? A U   6 ? A U   6   ? 2_565 BA ? F BA . ? A BA 108 ? 1_555 O     ? U HOH . ? A HOH 387 ? 2_565 75.6  ? 
127 O4    ? A U   6 ? A U   6   ? 2_565 BA ? F BA . ? A BA 108 ? 1_555 O     ? U HOH . ? A HOH 387 ? 2_565 85.4  ? 
128 O4    ? A U   6 ? A U   6   ? 3_555 BA ? F BA . ? A BA 108 ? 1_555 O     ? U HOH . ? A HOH 387 ? 2_565 84.8  ? 
129 O     ? U HOH . ? A HOH 387 ? 1_555 BA ? F BA . ? A BA 108 ? 1_555 O     ? U HOH . ? A HOH 387 ? 2_565 0.8   ? 
130 O6    ? A G   5 ? A G   5   ? 1_555 BA ? F BA . ? A BA 108 ? 1_555 O     ? U HOH . ? A HOH 387 ? 3_555 140.4 ? 
131 O6    ? A G   5 ? A G   5   ? 4_455 BA ? F BA . ? A BA 108 ? 1_555 O     ? U HOH . ? A HOH 387 ? 3_555 141.5 ? 
132 O6    ? A G   5 ? A G   5   ? 2_565 BA ? F BA . ? A BA 108 ? 1_555 O     ? U HOH . ? A HOH 387 ? 3_555 142.4 ? 
133 O6    ? A G   5 ? A G   5   ? 3_555 BA ? F BA . ? A BA 108 ? 1_555 O     ? U HOH . ? A HOH 387 ? 3_555 141.4 ? 
134 N3    ? A U   6 ? A U   6   ? 1_555 BA ? F BA . ? A BA 108 ? 1_555 O     ? U HOH . ? A HOH 387 ? 3_555 75.1  ? 
135 O4    ? A U   6 ? A U   6   ? 1_555 BA ? F BA . ? A BA 108 ? 1_555 O     ? U HOH . ? A HOH 387 ? 3_555 84.4  ? 
136 N3    ? A U   6 ? A U   6   ? 4_455 BA ? F BA . ? A BA 108 ? 1_555 O     ? U HOH . ? A HOH 387 ? 3_555 76.1  ? 
137 O4    ? A U   6 ? A U   6   ? 4_455 BA ? F BA . ? A BA 108 ? 1_555 O     ? U HOH . ? A HOH 387 ? 3_555 85.2  ? 
138 N3    ? A U   6 ? A U   6   ? 3_555 BA ? F BA . ? A BA 108 ? 1_555 O     ? U HOH . ? A HOH 387 ? 3_555 75.1  ? 
139 N3    ? A U   6 ? A U   6   ? 2_565 BA ? F BA . ? A BA 108 ? 1_555 O     ? U HOH . ? A HOH 387 ? 3_555 76.2  ? 
140 O4    ? A U   6 ? A U   6   ? 2_565 BA ? F BA . ? A BA 108 ? 1_555 O     ? U HOH . ? A HOH 387 ? 3_555 85.9  ? 
141 O4    ? A U   6 ? A U   6   ? 3_555 BA ? F BA . ? A BA 108 ? 1_555 O     ? U HOH . ? A HOH 387 ? 3_555 85.1  ? 
142 O     ? U HOH . ? A HOH 387 ? 1_555 BA ? F BA . ? A BA 108 ? 1_555 O     ? U HOH . ? A HOH 387 ? 3_555 0.5   ? 
143 O     ? U HOH . ? A HOH 387 ? 2_565 BA ? F BA . ? A BA 108 ? 1_555 O     ? U HOH . ? A HOH 387 ? 3_555 0.5   ? 
144 O6    ? A G   5 ? A G   5   ? 1_555 BA ? F BA . ? A BA 108 ? 1_555 O     ? U HOH . ? A HOH 387 ? 4_455 141.2 ? 
145 O6    ? A G   5 ? A G   5   ? 4_455 BA ? F BA . ? A BA 108 ? 1_555 O     ? U HOH . ? A HOH 387 ? 4_455 141.3 ? 
146 O6    ? A G   5 ? A G   5   ? 2_565 BA ? F BA . ? A BA 108 ? 1_555 O     ? U HOH . ? A HOH 387 ? 4_455 141.7 ? 
147 O6    ? A G   5 ? A G   5   ? 3_555 BA ? F BA . ? A BA 108 ? 1_555 O     ? U HOH . ? A HOH 387 ? 4_455 141.6 ? 
148 N3    ? A U   6 ? A U   6   ? 1_555 BA ? F BA . ? A BA 108 ? 1_555 O     ? U HOH . ? A HOH 387 ? 4_455 75.6  ? 
149 O4    ? A U   6 ? A U   6   ? 1_555 BA ? F BA . ? A BA 108 ? 1_555 O     ? U HOH . ? A HOH 387 ? 4_455 85.1  ? 
150 N3    ? A U   6 ? A U   6   ? 4_455 BA ? F BA . ? A BA 108 ? 1_555 O     ? U HOH . ? A HOH 387 ? 4_455 75.5  ? 
151 O4    ? A U   6 ? A U   6   ? 4_455 BA ? F BA . ? A BA 108 ? 1_555 O     ? U HOH . ? A HOH 387 ? 4_455 85.0  ? 
152 N3    ? A U   6 ? A U   6   ? 3_555 BA ? F BA . ? A BA 108 ? 1_555 O     ? U HOH . ? A HOH 387 ? 4_455 75.7  ? 
153 N3    ? A U   6 ? A U   6   ? 2_565 BA ? F BA . ? A BA 108 ? 1_555 O     ? U HOH . ? A HOH 387 ? 4_455 75.7  ? 
154 O4    ? A U   6 ? A U   6   ? 2_565 BA ? F BA . ? A BA 108 ? 1_555 O     ? U HOH . ? A HOH 387 ? 4_455 85.1  ? 
155 O4    ? A U   6 ? A U   6   ? 3_555 BA ? F BA . ? A BA 108 ? 1_555 O     ? U HOH . ? A HOH 387 ? 4_455 85.3  ? 
156 O     ? U HOH . ? A HOH 387 ? 1_555 BA ? F BA . ? A BA 108 ? 1_555 O     ? U HOH . ? A HOH 387 ? 4_455 0.5   ? 
157 O     ? U HOH . ? A HOH 387 ? 2_565 BA ? F BA . ? A BA 108 ? 1_555 O     ? U HOH . ? A HOH 387 ? 4_455 0.5   ? 
158 O     ? U HOH . ? A HOH 387 ? 3_555 BA ? F BA . ? A BA 108 ? 1_555 O     ? U HOH . ? A HOH 387 ? 4_455 0.8   ? 
159 O4    ? B BRU 1 ? B BRU 7   ? 1_555 BA ? J BA . ? B BA 104 ? 1_555 O4    ? B BRU 1 ? B BRU 7   ? 2_675 141.4 ? 
160 O4    ? B BRU 1 ? B BRU 7   ? 1_555 BA ? J BA . ? B BA 104 ? 1_555 O4    ? B BRU 1 ? B BRU 7   ? 3_655 83.7  ? 
161 O4    ? B BRU 1 ? B BRU 7   ? 2_675 BA ? J BA . ? B BA 104 ? 1_555 O4    ? B BRU 1 ? B BRU 7   ? 3_655 83.9  ? 
162 O4    ? B BRU 1 ? B BRU 7   ? 1_555 BA ? J BA . ? B BA 104 ? 1_555 O4    ? B BRU 1 ? B BRU 7   ? 4_465 83.6  ? 
163 O4    ? B BRU 1 ? B BRU 7   ? 2_675 BA ? J BA . ? B BA 104 ? 1_555 O4    ? B BRU 1 ? B BRU 7   ? 4_465 83.7  ? 
164 O4    ? B BRU 1 ? B BRU 7   ? 3_655 BA ? J BA . ? B BA 104 ? 1_555 O4    ? B BRU 1 ? B BRU 7   ? 4_465 141.4 ? 
165 O4    ? B BRU 1 ? B BRU 7   ? 1_555 BA ? J BA . ? B BA 104 ? 1_555 O6    ? B G   2 ? B G   8   ? 1_555 68.6  ? 
166 O4    ? B BRU 1 ? B BRU 7   ? 2_675 BA ? J BA . ? B BA 104 ? 1_555 O6    ? B G   2 ? B G   8   ? 1_555 142.0 ? 
167 O4    ? B BRU 1 ? B BRU 7   ? 3_655 BA ? J BA . ? B BA 104 ? 1_555 O6    ? B G   2 ? B G   8   ? 1_555 130.4 ? 
168 O4    ? B BRU 1 ? B BRU 7   ? 4_465 BA ? J BA . ? B BA 104 ? 1_555 O6    ? B G   2 ? B G   8   ? 1_555 77.0  ? 
169 O4    ? B BRU 1 ? B BRU 7   ? 1_555 BA ? J BA . ? B BA 104 ? 1_555 O6    ? B G   2 ? B G   8   ? 2_675 142.1 ? 
170 O4    ? B BRU 1 ? B BRU 7   ? 2_675 BA ? J BA . ? B BA 104 ? 1_555 O6    ? B G   2 ? B G   8   ? 2_675 68.8  ? 
171 O4    ? B BRU 1 ? B BRU 7   ? 3_655 BA ? J BA . ? B BA 104 ? 1_555 O6    ? B G   2 ? B G   8   ? 2_675 77.3  ? 
172 O4    ? B BRU 1 ? B BRU 7   ? 4_465 BA ? J BA . ? B BA 104 ? 1_555 O6    ? B G   2 ? B G   8   ? 2_675 130.4 ? 
173 O6    ? B G   2 ? B G   8   ? 1_555 BA ? J BA . ? B BA 104 ? 1_555 O6    ? B G   2 ? B G   8   ? 2_675 99.8  ? 
174 O4    ? B BRU 1 ? B BRU 7   ? 1_555 BA ? J BA . ? B BA 104 ? 1_555 O6    ? B G   2 ? B G   8   ? 3_655 77.1  ? 
175 O4    ? B BRU 1 ? B BRU 7   ? 2_675 BA ? J BA . ? B BA 104 ? 1_555 O6    ? B G   2 ? B G   8   ? 3_655 130.6 ? 
176 O4    ? B BRU 1 ? B BRU 7   ? 3_655 BA ? J BA . ? B BA 104 ? 1_555 O6    ? B G   2 ? B G   8   ? 3_655 68.8  ? 
177 O4    ? B BRU 1 ? B BRU 7   ? 4_465 BA ? J BA . ? B BA 104 ? 1_555 O6    ? B G   2 ? B G   8   ? 3_655 141.9 ? 
178 O6    ? B G   2 ? B G   8   ? 1_555 BA ? J BA . ? B BA 104 ? 1_555 O6    ? B G   2 ? B G   8   ? 3_655 65.5  ? 
179 O6    ? B G   2 ? B G   8   ? 2_675 BA ? J BA . ? B BA 104 ? 1_555 O6    ? B G   2 ? B G   8   ? 3_655 65.6  ? 
180 O4    ? B BRU 1 ? B BRU 7   ? 1_555 BA ? J BA . ? B BA 104 ? 1_555 O6    ? B G   2 ? B G   8   ? 4_465 130.2 ? 
181 O4    ? B BRU 1 ? B BRU 7   ? 2_675 BA ? J BA . ? B BA 104 ? 1_555 O6    ? B G   2 ? B G   8   ? 4_465 77.2  ? 
182 O4    ? B BRU 1 ? B BRU 7   ? 3_655 BA ? J BA . ? B BA 104 ? 1_555 O6    ? B G   2 ? B G   8   ? 4_465 142.3 ? 
183 O4    ? B BRU 1 ? B BRU 7   ? 4_465 BA ? J BA . ? B BA 104 ? 1_555 O6    ? B G   2 ? B G   8   ? 4_465 68.7  ? 
184 O6    ? B G   2 ? B G   8   ? 1_555 BA ? J BA . ? B BA 104 ? 1_555 O6    ? B G   2 ? B G   8   ? 4_465 65.4  ? 
185 O6    ? B G   2 ? B G   8   ? 2_675 BA ? J BA . ? B BA 104 ? 1_555 O6    ? B G   2 ? B G   8   ? 4_465 65.5  ? 
186 O6    ? B G   2 ? B G   8   ? 3_655 BA ? J BA . ? B BA 104 ? 1_555 O6    ? B G   2 ? B G   8   ? 4_465 99.8  ? 
187 O4    ? B BRU 1 ? B BRU 7   ? 1_555 BA ? J BA . ? B BA 104 ? 1_555 NA    ? Q NA  . ? C NA  209 ? 1_555 70.8  ? 
188 O4    ? B BRU 1 ? B BRU 7   ? 2_675 BA ? J BA . ? B BA 104 ? 1_555 NA    ? Q NA  . ? C NA  209 ? 1_555 70.6  ? 
189 O4    ? B BRU 1 ? B BRU 7   ? 3_655 BA ? J BA . ? B BA 104 ? 1_555 NA    ? Q NA  . ? C NA  209 ? 1_555 70.8  ? 
190 O4    ? B BRU 1 ? B BRU 7   ? 4_465 BA ? J BA . ? B BA 104 ? 1_555 NA    ? Q NA  . ? C NA  209 ? 1_555 70.6  ? 
191 O6    ? B G   2 ? B G   8   ? 1_555 BA ? J BA . ? B BA 104 ? 1_555 NA    ? Q NA  . ? C NA  209 ? 1_555 130.0 ? 
192 O6    ? B G   2 ? B G   8   ? 2_675 BA ? J BA . ? B BA 104 ? 1_555 NA    ? Q NA  . ? C NA  209 ? 1_555 130.2 ? 
193 O6    ? B G   2 ? B G   8   ? 3_655 BA ? J BA . ? B BA 104 ? 1_555 NA    ? Q NA  . ? C NA  209 ? 1_555 130.3 ? 
194 O6    ? B G   2 ? B G   8   ? 4_465 BA ? J BA . ? B BA 104 ? 1_555 NA    ? Q NA  . ? C NA  209 ? 1_555 129.9 ? 
195 O4    ? B BRU 1 ? B BRU 7   ? 1_555 BA ? J BA . ? B BA 104 ? 1_555 NA    ? Q NA  . ? C NA  209 ? 4_465 70.7  ? 
196 O4    ? B BRU 1 ? B BRU 7   ? 2_675 BA ? J BA . ? B BA 104 ? 1_555 NA    ? Q NA  . ? C NA  209 ? 4_465 70.7  ? 
197 O4    ? B BRU 1 ? B BRU 7   ? 3_655 BA ? J BA . ? B BA 104 ? 1_555 NA    ? Q NA  . ? C NA  209 ? 4_465 70.6  ? 
198 O4    ? B BRU 1 ? B BRU 7   ? 4_465 BA ? J BA . ? B BA 104 ? 1_555 NA    ? Q NA  . ? C NA  209 ? 4_465 70.8  ? 
199 O6    ? B G   2 ? B G   8   ? 1_555 BA ? J BA . ? B BA 104 ? 1_555 NA    ? Q NA  . ? C NA  209 ? 4_465 130.0 ? 
200 O6    ? B G   2 ? B G   8   ? 2_675 BA ? J BA . ? B BA 104 ? 1_555 NA    ? Q NA  . ? C NA  209 ? 4_465 130.1 ? 
201 O6    ? B G   2 ? B G   8   ? 3_655 BA ? J BA . ? B BA 104 ? 1_555 NA    ? Q NA  . ? C NA  209 ? 4_465 130.0 ? 
202 O6    ? B G   2 ? B G   8   ? 4_465 BA ? J BA . ? B BA 104 ? 1_555 NA    ? Q NA  . ? C NA  209 ? 4_465 130.1 ? 
203 NA    ? Q NA  . ? C NA  209 ? 1_555 BA ? J BA . ? B BA 104 ? 1_555 NA    ? Q NA  . ? C NA  209 ? 4_465 0.2   ? 
204 O4    ? B BRU 1 ? B BRU 7   ? 1_555 BA ? J BA . ? B BA 104 ? 1_555 NA    ? Q NA  . ? C NA  209 ? 3_655 70.6  ? 
205 O4    ? B BRU 1 ? B BRU 7   ? 2_675 BA ? J BA . ? B BA 104 ? 1_555 NA    ? Q NA  . ? C NA  209 ? 3_655 70.8  ? 
206 O4    ? B BRU 1 ? B BRU 7   ? 3_655 BA ? J BA . ? B BA 104 ? 1_555 NA    ? Q NA  . ? C NA  209 ? 3_655 70.9  ? 
207 O4    ? B BRU 1 ? B BRU 7   ? 4_465 BA ? J BA . ? B BA 104 ? 1_555 NA    ? Q NA  . ? C NA  209 ? 3_655 70.5  ? 
208 O6    ? B G   2 ? B G   8   ? 1_555 BA ? J BA . ? B BA 104 ? 1_555 NA    ? Q NA  . ? C NA  209 ? 3_655 129.8 ? 
209 O6    ? B G   2 ? B G   8   ? 2_675 BA ? J BA . ? B BA 104 ? 1_555 NA    ? Q NA  . ? C NA  209 ? 3_655 130.4 ? 
210 O6    ? B G   2 ? B G   8   ? 3_655 BA ? J BA . ? B BA 104 ? 1_555 NA    ? Q NA  . ? C NA  209 ? 3_655 130.2 ? 
211 O6    ? B G   2 ? B G   8   ? 4_465 BA ? J BA . ? B BA 104 ? 1_555 NA    ? Q NA  . ? C NA  209 ? 3_655 129.9 ? 
212 NA    ? Q NA  . ? C NA  209 ? 1_555 BA ? J BA . ? B BA 104 ? 1_555 NA    ? Q NA  . ? C NA  209 ? 3_655 0.2   ? 
213 NA    ? Q NA  . ? C NA  209 ? 4_465 BA ? J BA . ? B BA 104 ? 1_555 NA    ? Q NA  . ? C NA  209 ? 3_655 0.3   ? 
214 O4    ? B BRU 1 ? B BRU 7   ? 1_555 BA ? J BA . ? B BA 104 ? 1_555 NA    ? Q NA  . ? C NA  209 ? 2_675 70.5  ? 
215 O4    ? B BRU 1 ? B BRU 7   ? 2_675 BA ? J BA . ? B BA 104 ? 1_555 NA    ? Q NA  . ? C NA  209 ? 2_675 70.9  ? 
216 O4    ? B BRU 1 ? B BRU 7   ? 3_655 BA ? J BA . ? B BA 104 ? 1_555 NA    ? Q NA  . ? C NA  209 ? 2_675 70.7  ? 
217 O4    ? B BRU 1 ? B BRU 7   ? 4_465 BA ? J BA . ? B BA 104 ? 1_555 NA    ? Q NA  . ? C NA  209 ? 2_675 70.7  ? 
218 O6    ? B G   2 ? B G   8   ? 1_555 BA ? J BA . ? B BA 104 ? 1_555 NA    ? Q NA  . ? C NA  209 ? 2_675 129.8 ? 
219 O6    ? B G   2 ? B G   8   ? 2_675 BA ? J BA . ? B BA 104 ? 1_555 NA    ? Q NA  . ? C NA  209 ? 2_675 130.4 ? 
220 O6    ? B G   2 ? B G   8   ? 3_655 BA ? J BA . ? B BA 104 ? 1_555 NA    ? Q NA  . ? C NA  209 ? 2_675 130.0 ? 
221 O6    ? B G   2 ? B G   8   ? 4_465 BA ? J BA . ? B BA 104 ? 1_555 NA    ? Q NA  . ? C NA  209 ? 2_675 130.2 ? 
222 NA    ? Q NA  . ? C NA  209 ? 1_555 BA ? J BA . ? B BA 104 ? 1_555 NA    ? Q NA  . ? C NA  209 ? 2_675 0.3   ? 
223 NA    ? Q NA  . ? C NA  209 ? 4_465 BA ? J BA . ? B BA 104 ? 1_555 NA    ? Q NA  . ? C NA  209 ? 2_675 0.2   ? 
224 NA    ? Q NA  . ? C NA  209 ? 3_655 BA ? J BA . ? B BA 104 ? 1_555 NA    ? Q NA  . ? C NA  209 ? 2_675 0.2   ? 
225 O6    ? B G   4 ? B G   10  ? 1_555 BA ? I BA . ? B BA 103 ? 1_555 O6    ? B G   4 ? B G   10  ? 2_675 110.8 ? 
226 O6    ? B G   4 ? B G   10  ? 1_555 BA ? I BA . ? B BA 103 ? 1_555 O6    ? B G   4 ? B G   10  ? 3_655 71.2  ? 
227 O6    ? B G   4 ? B G   10  ? 2_675 BA ? I BA . ? B BA 103 ? 1_555 O6    ? B G   4 ? B G   10  ? 3_655 71.2  ? 
228 O6    ? B G   4 ? B G   10  ? 1_555 BA ? I BA . ? B BA 103 ? 1_555 O6    ? B G   4 ? B G   10  ? 4_465 71.2  ? 
229 O6    ? B G   4 ? B G   10  ? 2_675 BA ? I BA . ? B BA 103 ? 1_555 O6    ? B G   4 ? B G   10  ? 4_465 71.2  ? 
230 O6    ? B G   4 ? B G   10  ? 3_655 BA ? I BA . ? B BA 103 ? 1_555 O6    ? B G   4 ? B G   10  ? 4_465 110.8 ? 
231 O6    ? B G   4 ? B G   10  ? 1_555 BA ? I BA . ? B BA 103 ? 1_555 O6    ? B G   5 ? B G   11  ? 1_555 69.8  ? 
232 O6    ? B G   4 ? B G   10  ? 2_675 BA ? I BA . ? B BA 103 ? 1_555 O6    ? B G   5 ? B G   11  ? 1_555 156.9 ? 
233 O6    ? B G   4 ? B G   10  ? 3_655 BA ? I BA . ? B BA 103 ? 1_555 O6    ? B G   5 ? B G   11  ? 1_555 127.6 ? 
234 O6    ? B G   4 ? B G   10  ? 4_465 BA ? I BA . ? B BA 103 ? 1_555 O6    ? B G   5 ? B G   11  ? 1_555 88.0  ? 
235 O6    ? B G   4 ? B G   10  ? 1_555 BA ? I BA . ? B BA 103 ? 1_555 O6    ? B G   5 ? B G   11  ? 2_675 156.9 ? 
236 O6    ? B G   4 ? B G   10  ? 2_675 BA ? I BA . ? B BA 103 ? 1_555 O6    ? B G   5 ? B G   11  ? 2_675 69.7  ? 
237 O6    ? B G   4 ? B G   10  ? 3_655 BA ? I BA . ? B BA 103 ? 1_555 O6    ? B G   5 ? B G   11  ? 2_675 88.0  ? 
238 O6    ? B G   4 ? B G   10  ? 4_465 BA ? I BA . ? B BA 103 ? 1_555 O6    ? B G   5 ? B G   11  ? 2_675 127.5 ? 
239 O6    ? B G   5 ? B G   11  ? 1_555 BA ? I BA . ? B BA 103 ? 1_555 O6    ? B G   5 ? B G   11  ? 2_675 119.2 ? 
240 O6    ? B G   4 ? B G   10  ? 1_555 BA ? I BA . ? B BA 103 ? 1_555 O6    ? B G   5 ? B G   11  ? 3_655 88.0  ? 
241 O6    ? B G   4 ? B G   10  ? 2_675 BA ? I BA . ? B BA 103 ? 1_555 O6    ? B G   5 ? B G   11  ? 3_655 127.5 ? 
242 O6    ? B G   4 ? B G   10  ? 3_655 BA ? I BA . ? B BA 103 ? 1_555 O6    ? B G   5 ? B G   11  ? 3_655 69.8  ? 
243 O6    ? B G   4 ? B G   10  ? 4_465 BA ? I BA . ? B BA 103 ? 1_555 O6    ? B G   5 ? B G   11  ? 3_655 157.0 ? 
244 O6    ? B G   5 ? B G   11  ? 1_555 BA ? I BA . ? B BA 103 ? 1_555 O6    ? B G   5 ? B G   11  ? 3_655 75.2  ? 
245 O6    ? B G   5 ? B G   11  ? 2_675 BA ? I BA . ? B BA 103 ? 1_555 O6    ? B G   5 ? B G   11  ? 3_655 75.2  ? 
246 O6    ? B G   4 ? B G   10  ? 1_555 BA ? I BA . ? B BA 103 ? 1_555 O6    ? B G   5 ? B G   11  ? 4_465 127.6 ? 
247 O6    ? B G   4 ? B G   10  ? 2_675 BA ? I BA . ? B BA 103 ? 1_555 O6    ? B G   5 ? B G   11  ? 4_465 88.0  ? 
248 O6    ? B G   4 ? B G   10  ? 3_655 BA ? I BA . ? B BA 103 ? 1_555 O6    ? B G   5 ? B G   11  ? 4_465 156.9 ? 
249 O6    ? B G   4 ? B G   10  ? 4_465 BA ? I BA . ? B BA 103 ? 1_555 O6    ? B G   5 ? B G   11  ? 4_465 69.8  ? 
250 O6    ? B G   5 ? B G   11  ? 1_555 BA ? I BA . ? B BA 103 ? 1_555 O6    ? B G   5 ? B G   11  ? 4_465 75.2  ? 
251 O6    ? B G   5 ? B G   11  ? 2_675 BA ? I BA . ? B BA 103 ? 1_555 O6    ? B G   5 ? B G   11  ? 4_465 75.2  ? 
252 O6    ? B G   5 ? B G   11  ? 3_655 BA ? I BA . ? B BA 103 ? 1_555 O6    ? B G   5 ? B G   11  ? 4_465 119.2 ? 
253 O6    ? B G   4 ? B G   10  ? 1_555 BA ? I BA . ? B BA 103 ? 1_555 NA    ? L NA  . ? B NA  207 ? 1_555 124.5 ? 
254 O6    ? B G   4 ? B G   10  ? 2_675 BA ? I BA . ? B BA 103 ? 1_555 NA    ? L NA  . ? B NA  207 ? 1_555 124.7 ? 
255 O6    ? B G   4 ? B G   10  ? 3_655 BA ? I BA . ? B BA 103 ? 1_555 NA    ? L NA  . ? B NA  207 ? 1_555 124.5 ? 
256 O6    ? B G   4 ? B G   10  ? 4_465 BA ? I BA . ? B BA 103 ? 1_555 NA    ? L NA  . ? B NA  207 ? 1_555 124.7 ? 
257 O6    ? B G   5 ? B G   11  ? 1_555 BA ? I BA . ? B BA 103 ? 1_555 NA    ? L NA  . ? B NA  207 ? 1_555 59.5  ? 
258 O6    ? B G   5 ? B G   11  ? 2_675 BA ? I BA . ? B BA 103 ? 1_555 NA    ? L NA  . ? B NA  207 ? 1_555 59.7  ? 
259 O6    ? B G   5 ? B G   11  ? 3_655 BA ? I BA . ? B BA 103 ? 1_555 NA    ? L NA  . ? B NA  207 ? 1_555 59.5  ? 
260 O6    ? B G   5 ? B G   11  ? 4_465 BA ? I BA . ? B BA 103 ? 1_555 NA    ? L NA  . ? B NA  207 ? 1_555 59.8  ? 
261 O6    ? B G   4 ? B G   10  ? 1_555 BA ? I BA . ? B BA 103 ? 1_555 NA    ? L NA  . ? B NA  207 ? 2_675 124.8 ? 
262 O6    ? B G   4 ? B G   10  ? 2_675 BA ? I BA . ? B BA 103 ? 1_555 NA    ? L NA  . ? B NA  207 ? 2_675 124.4 ? 
263 O6    ? B G   4 ? B G   10  ? 3_655 BA ? I BA . ? B BA 103 ? 1_555 NA    ? L NA  . ? B NA  207 ? 2_675 124.7 ? 
264 O6    ? B G   4 ? B G   10  ? 4_465 BA ? I BA . ? B BA 103 ? 1_555 NA    ? L NA  . ? B NA  207 ? 2_675 124.5 ? 
265 O6    ? B G   5 ? B G   11  ? 1_555 BA ? I BA . ? B BA 103 ? 1_555 NA    ? L NA  . ? B NA  207 ? 2_675 59.7  ? 
266 O6    ? B G   5 ? B G   11  ? 2_675 BA ? I BA . ? B BA 103 ? 1_555 NA    ? L NA  . ? B NA  207 ? 2_675 59.5  ? 
267 O6    ? B G   5 ? B G   11  ? 3_655 BA ? I BA . ? B BA 103 ? 1_555 NA    ? L NA  . ? B NA  207 ? 2_675 59.8  ? 
268 O6    ? B G   5 ? B G   11  ? 4_465 BA ? I BA . ? B BA 103 ? 1_555 NA    ? L NA  . ? B NA  207 ? 2_675 59.5  ? 
269 NA    ? L NA  . ? B NA  207 ? 1_555 BA ? I BA . ? B BA 103 ? 1_555 NA    ? L NA  . ? B NA  207 ? 2_675 0.3   ? 
270 O6    ? B G   4 ? B G   10  ? 1_555 BA ? I BA . ? B BA 103 ? 1_555 NA    ? L NA  . ? B NA  207 ? 3_655 124.7 ? 
271 O6    ? B G   4 ? B G   10  ? 2_675 BA ? I BA . ? B BA 103 ? 1_555 NA    ? L NA  . ? B NA  207 ? 3_655 124.5 ? 
272 O6    ? B G   4 ? B G   10  ? 3_655 BA ? I BA . ? B BA 103 ? 1_555 NA    ? L NA  . ? B NA  207 ? 3_655 124.4 ? 
273 O6    ? B G   4 ? B G   10  ? 4_465 BA ? I BA . ? B BA 103 ? 1_555 NA    ? L NA  . ? B NA  207 ? 3_655 124.7 ? 
274 O6    ? B G   5 ? B G   11  ? 1_555 BA ? I BA . ? B BA 103 ? 1_555 NA    ? L NA  . ? B NA  207 ? 3_655 59.8  ? 
275 O6    ? B G   5 ? B G   11  ? 2_675 BA ? I BA . ? B BA 103 ? 1_555 NA    ? L NA  . ? B NA  207 ? 3_655 59.5  ? 
276 O6    ? B G   5 ? B G   11  ? 3_655 BA ? I BA . ? B BA 103 ? 1_555 NA    ? L NA  . ? B NA  207 ? 3_655 59.5  ? 
277 O6    ? B G   5 ? B G   11  ? 4_465 BA ? I BA . ? B BA 103 ? 1_555 NA    ? L NA  . ? B NA  207 ? 3_655 59.7  ? 
278 NA    ? L NA  . ? B NA  207 ? 1_555 BA ? I BA . ? B BA 103 ? 1_555 NA    ? L NA  . ? B NA  207 ? 3_655 0.2   ? 
279 NA    ? L NA  . ? B NA  207 ? 2_675 BA ? I BA . ? B BA 103 ? 1_555 NA    ? L NA  . ? B NA  207 ? 3_655 0.2   ? 
280 O6    ? B G   4 ? B G   10  ? 1_555 BA ? I BA . ? B BA 103 ? 1_555 NA    ? L NA  . ? B NA  207 ? 4_465 124.5 ? 
281 O6    ? B G   4 ? B G   10  ? 2_675 BA ? I BA . ? B BA 103 ? 1_555 NA    ? L NA  . ? B NA  207 ? 4_465 124.6 ? 
282 O6    ? B G   4 ? B G   10  ? 3_655 BA ? I BA . ? B BA 103 ? 1_555 NA    ? L NA  . ? B NA  207 ? 4_465 124.7 ? 
283 O6    ? B G   4 ? B G   10  ? 4_465 BA ? I BA . ? B BA 103 ? 1_555 NA    ? L NA  . ? B NA  207 ? 4_465 124.4 ? 
284 O6    ? B G   5 ? B G   11  ? 1_555 BA ? I BA . ? B BA 103 ? 1_555 NA    ? L NA  . ? B NA  207 ? 4_465 59.5  ? 
285 O6    ? B G   5 ? B G   11  ? 2_675 BA ? I BA . ? B BA 103 ? 1_555 NA    ? L NA  . ? B NA  207 ? 4_465 59.7  ? 
286 O6    ? B G   5 ? B G   11  ? 3_655 BA ? I BA . ? B BA 103 ? 1_555 NA    ? L NA  . ? B NA  207 ? 4_465 59.7  ? 
287 O6    ? B G   5 ? B G   11  ? 4_465 BA ? I BA . ? B BA 103 ? 1_555 NA    ? L NA  . ? B NA  207 ? 4_465 59.5  ? 
288 NA    ? L NA  . ? B NA  207 ? 1_555 BA ? I BA . ? B BA 103 ? 1_555 NA    ? L NA  . ? B NA  207 ? 4_465 0.2   ? 
289 NA    ? L NA  . ? B NA  207 ? 2_675 BA ? I BA . ? B BA 103 ? 1_555 NA    ? L NA  . ? B NA  207 ? 4_465 0.2   ? 
290 NA    ? L NA  . ? B NA  207 ? 3_655 BA ? I BA . ? B BA 103 ? 1_555 NA    ? L NA  . ? B NA  207 ? 4_465 0.3   ? 
291 O4    ? B U   6 ? B U   12  ? 1_555 NA ? L NA . ? B NA 207 ? 1_555 O4    ? B U   6 ? B U   12  ? 2_675 128.0 ? 
292 O4    ? B U   6 ? B U   12  ? 1_555 NA ? L NA . ? B NA 207 ? 1_555 O4    ? B U   6 ? B U   12  ? 4_465 78.9  ? 
293 O4    ? B U   6 ? B U   12  ? 2_675 NA ? L NA . ? B NA 207 ? 1_555 O4    ? B U   6 ? B U   12  ? 4_465 78.7  ? 
294 O4    ? B U   6 ? B U   12  ? 1_555 NA ? L NA . ? B NA 207 ? 1_555 O4    ? B U   6 ? B U   12  ? 3_655 79.1  ? 
295 O4    ? B U   6 ? B U   12  ? 2_675 NA ? L NA . ? B NA 207 ? 1_555 O4    ? B U   6 ? B U   12  ? 3_655 79.0  ? 
296 O4    ? B U   6 ? B U   12  ? 4_465 NA ? L NA . ? B NA 207 ? 1_555 O4    ? B U   6 ? B U   12  ? 3_655 128.0 ? 
297 O6    ? C G   4 ? C G   16  ? 1_555 BA ? M BA . ? C BA 101 ? 1_555 O6    ? C G   4 ? C G   16  ? 4_465 73.2  ? 
298 O6    ? C G   4 ? C G   16  ? 1_555 BA ? M BA . ? C BA 101 ? 1_555 O6    ? C G   4 ? C G   16  ? 3_655 73.3  ? 
299 O6    ? C G   4 ? C G   16  ? 4_465 BA ? M BA . ? C BA 101 ? 1_555 O6    ? C G   4 ? C G   16  ? 3_655 115.2 ? 
300 O6    ? C G   4 ? C G   16  ? 1_555 BA ? M BA . ? C BA 101 ? 1_555 O6    ? C G   4 ? C G   16  ? 2_675 115.2 ? 
301 O6    ? C G   4 ? C G   16  ? 4_465 BA ? M BA . ? C BA 101 ? 1_555 O6    ? C G   4 ? C G   16  ? 2_675 73.4  ? 
302 O6    ? C G   4 ? C G   16  ? 3_655 BA ? M BA . ? C BA 101 ? 1_555 O6    ? C G   4 ? C G   16  ? 2_675 73.4  ? 
303 O6    ? C G   4 ? C G   16  ? 1_555 BA ? M BA . ? C BA 101 ? 1_555 O6    ? C G   5 ? C G   17  ? 1_555 68.1  ? 
304 O6    ? C G   4 ? C G   16  ? 4_465 BA ? M BA . ? C BA 101 ? 1_555 O6    ? C G   5 ? C G   17  ? 1_555 126.4 ? 
305 O6    ? C G   4 ? C G   16  ? 3_655 BA ? M BA . ? C BA 101 ? 1_555 O6    ? C G   5 ? C G   17  ? 1_555 87.5  ? 
306 O6    ? C G   4 ? C G   16  ? 2_675 BA ? M BA . ? C BA 101 ? 1_555 O6    ? C G   5 ? C G   17  ? 1_555 157.9 ? 
307 O6    ? C G   4 ? C G   16  ? 1_555 BA ? M BA . ? C BA 101 ? 1_555 O6    ? C G   5 ? C G   17  ? 2_675 157.7 ? 
308 O6    ? C G   4 ? C G   16  ? 4_465 BA ? M BA . ? C BA 101 ? 1_555 O6    ? C G   5 ? C G   17  ? 2_675 87.6  ? 
309 O6    ? C G   4 ? C G   16  ? 3_655 BA ? M BA . ? C BA 101 ? 1_555 O6    ? C G   5 ? C G   17  ? 2_675 126.8 ? 
310 O6    ? C G   4 ? C G   16  ? 2_675 BA ? M BA . ? C BA 101 ? 1_555 O6    ? C G   5 ? C G   17  ? 2_675 68.3  ? 
311 O6    ? C G   5 ? C G   17  ? 1_555 BA ? M BA . ? C BA 101 ? 1_555 O6    ? C G   5 ? C G   17  ? 2_675 117.8 ? 
312 O6    ? C G   4 ? C G   16  ? 1_555 BA ? M BA . ? C BA 101 ? 1_555 O6    ? C G   5 ? C G   17  ? 3_655 126.5 ? 
313 O6    ? C G   4 ? C G   16  ? 4_465 BA ? M BA . ? C BA 101 ? 1_555 O6    ? C G   5 ? C G   17  ? 3_655 157.9 ? 
314 O6    ? C G   4 ? C G   16  ? 3_655 BA ? M BA . ? C BA 101 ? 1_555 O6    ? C G   5 ? C G   17  ? 3_655 68.2  ? 
315 O6    ? C G   4 ? C G   16  ? 2_675 BA ? M BA . ? C BA 101 ? 1_555 O6    ? C G   5 ? C G   17  ? 3_655 87.7  ? 
316 O6    ? C G   5 ? C G   17  ? 1_555 BA ? M BA . ? C BA 101 ? 1_555 O6    ? C G   5 ? C G   17  ? 3_655 74.5  ? 
317 O6    ? C G   5 ? C G   17  ? 2_675 BA ? M BA . ? C BA 101 ? 1_555 O6    ? C G   5 ? C G   17  ? 3_655 74.6  ? 
318 O6    ? C G   4 ? C G   16  ? 1_555 BA ? M BA . ? C BA 101 ? 1_555 O6    ? C G   5 ? C G   17  ? 4_465 87.4  ? 
319 O6    ? C G   4 ? C G   16  ? 4_465 BA ? M BA . ? C BA 101 ? 1_555 O6    ? C G   5 ? C G   17  ? 4_465 68.1  ? 
320 O6    ? C G   4 ? C G   16  ? 3_655 BA ? M BA . ? C BA 101 ? 1_555 O6    ? C G   5 ? C G   17  ? 4_465 157.6 ? 
321 O6    ? C G   4 ? C G   16  ? 2_675 BA ? M BA . ? C BA 101 ? 1_555 O6    ? C G   5 ? C G   17  ? 4_465 126.6 ? 
322 O6    ? C G   5 ? C G   17  ? 1_555 BA ? M BA . ? C BA 101 ? 1_555 O6    ? C G   5 ? C G   17  ? 4_465 74.4  ? 
323 O6    ? C G   5 ? C G   17  ? 2_675 BA ? M BA . ? C BA 101 ? 1_555 O6    ? C G   5 ? C G   17  ? 4_465 74.5  ? 
324 O6    ? C G   5 ? C G   17  ? 3_655 BA ? M BA . ? C BA 101 ? 1_555 O6    ? C G   5 ? C G   17  ? 4_465 117.8 ? 
325 O6    ? C G   4 ? C G   16  ? 1_555 BA ? M BA . ? C BA 101 ? 1_555 NA    ? O NA  . ? C NA  201 ? 1_555 122.2 ? 
326 O6    ? C G   4 ? C G   16  ? 4_465 BA ? M BA . ? C BA 101 ? 1_555 NA    ? O NA  . ? C NA  201 ? 1_555 122.4 ? 
327 O6    ? C G   4 ? C G   16  ? 3_655 BA ? M BA . ? C BA 101 ? 1_555 NA    ? O NA  . ? C NA  201 ? 1_555 122.4 ? 
328 O6    ? C G   4 ? C G   16  ? 2_675 BA ? M BA . ? C BA 101 ? 1_555 NA    ? O NA  . ? C NA  201 ? 1_555 122.5 ? 
329 O6    ? C G   5 ? C G   17  ? 1_555 BA ? M BA . ? C BA 101 ? 1_555 NA    ? O NA  . ? C NA  201 ? 1_555 58.8  ? 
330 O6    ? C G   5 ? C G   17  ? 2_675 BA ? M BA . ? C BA 101 ? 1_555 NA    ? O NA  . ? C NA  201 ? 1_555 59.0  ? 
331 O6    ? C G   5 ? C G   17  ? 3_655 BA ? M BA . ? C BA 101 ? 1_555 NA    ? O NA  . ? C NA  201 ? 1_555 58.9  ? 
332 O6    ? C G   5 ? C G   17  ? 4_465 BA ? M BA . ? C BA 101 ? 1_555 NA    ? O NA  . ? C NA  201 ? 1_555 58.9  ? 
333 O6    ? C G   4 ? C G   16  ? 1_555 BA ? M BA . ? C BA 101 ? 1_555 NA    ? O NA  . ? C NA  201 ? 2_675 122.3 ? 
334 O6    ? C G   4 ? C G   16  ? 4_465 BA ? M BA . ? C BA 101 ? 1_555 NA    ? O NA  . ? C NA  201 ? 2_675 122.3 ? 
335 O6    ? C G   4 ? C G   16  ? 3_655 BA ? M BA . ? C BA 101 ? 1_555 NA    ? O NA  . ? C NA  201 ? 2_675 122.5 ? 
336 O6    ? C G   4 ? C G   16  ? 2_675 BA ? M BA . ? C BA 101 ? 1_555 NA    ? O NA  . ? C NA  201 ? 2_675 122.5 ? 
337 O6    ? C G   5 ? C G   17  ? 1_555 BA ? M BA . ? C BA 101 ? 1_555 NA    ? O NA  . ? C NA  201 ? 2_675 58.9  ? 
338 O6    ? C G   5 ? C G   17  ? 2_675 BA ? M BA . ? C BA 101 ? 1_555 NA    ? O NA  . ? C NA  201 ? 2_675 58.9  ? 
339 O6    ? C G   5 ? C G   17  ? 3_655 BA ? M BA . ? C BA 101 ? 1_555 NA    ? O NA  . ? C NA  201 ? 2_675 59.0  ? 
340 O6    ? C G   5 ? C G   17  ? 4_465 BA ? M BA . ? C BA 101 ? 1_555 NA    ? O NA  . ? C NA  201 ? 2_675 58.8  ? 
341 NA    ? O NA  . ? C NA  201 ? 1_555 BA ? M BA . ? C BA 101 ? 1_555 NA    ? O NA  . ? C NA  201 ? 2_675 0.1   ? 
342 O6    ? C G   4 ? C G   16  ? 1_555 BA ? M BA . ? C BA 101 ? 1_555 NA    ? O NA  . ? C NA  201 ? 3_655 122.3 ? 
343 O6    ? C G   4 ? C G   16  ? 4_465 BA ? M BA . ? C BA 101 ? 1_555 NA    ? O NA  . ? C NA  201 ? 3_655 122.4 ? 
344 O6    ? C G   4 ? C G   16  ? 3_655 BA ? M BA . ? C BA 101 ? 1_555 NA    ? O NA  . ? C NA  201 ? 3_655 122.4 ? 
345 O6    ? C G   4 ? C G   16  ? 2_675 BA ? M BA . ? C BA 101 ? 1_555 NA    ? O NA  . ? C NA  201 ? 3_655 122.5 ? 
346 O6    ? C G   5 ? C G   17  ? 1_555 BA ? M BA . ? C BA 101 ? 1_555 NA    ? O NA  . ? C NA  201 ? 3_655 58.9  ? 
347 O6    ? C G   5 ? C G   17  ? 2_675 BA ? M BA . ? C BA 101 ? 1_555 NA    ? O NA  . ? C NA  201 ? 3_655 58.9  ? 
348 O6    ? C G   5 ? C G   17  ? 3_655 BA ? M BA . ? C BA 101 ? 1_555 NA    ? O NA  . ? C NA  201 ? 3_655 58.9  ? 
349 O6    ? C G   5 ? C G   17  ? 4_465 BA ? M BA . ? C BA 101 ? 1_555 NA    ? O NA  . ? C NA  201 ? 3_655 58.9  ? 
350 NA    ? O NA  . ? C NA  201 ? 1_555 BA ? M BA . ? C BA 101 ? 1_555 NA    ? O NA  . ? C NA  201 ? 3_655 0.1   ? 
351 NA    ? O NA  . ? C NA  201 ? 2_675 BA ? M BA . ? C BA 101 ? 1_555 NA    ? O NA  . ? C NA  201 ? 3_655 0.1   ? 
352 O6    ? C G   4 ? C G   16  ? 1_555 BA ? M BA . ? C BA 101 ? 1_555 NA    ? O NA  . ? C NA  201 ? 4_465 122.2 ? 
353 O6    ? C G   4 ? C G   16  ? 4_465 BA ? M BA . ? C BA 101 ? 1_555 NA    ? O NA  . ? C NA  201 ? 4_465 122.3 ? 
354 O6    ? C G   4 ? C G   16  ? 3_655 BA ? M BA . ? C BA 101 ? 1_555 NA    ? O NA  . ? C NA  201 ? 4_465 122.5 ? 
355 O6    ? C G   4 ? C G   16  ? 2_675 BA ? M BA . ? C BA 101 ? 1_555 NA    ? O NA  . ? C NA  201 ? 4_465 122.6 ? 
356 O6    ? C G   5 ? C G   17  ? 1_555 BA ? M BA . ? C BA 101 ? 1_555 NA    ? O NA  . ? C NA  201 ? 4_465 58.8  ? 
357 O6    ? C G   5 ? C G   17  ? 2_675 BA ? M BA . ? C BA 101 ? 1_555 NA    ? O NA  . ? C NA  201 ? 4_465 59.0  ? 
358 O6    ? C G   5 ? C G   17  ? 3_655 BA ? M BA . ? C BA 101 ? 1_555 NA    ? O NA  . ? C NA  201 ? 4_465 59.0  ? 
359 O6    ? C G   5 ? C G   17  ? 4_465 BA ? M BA . ? C BA 101 ? 1_555 NA    ? O NA  . ? C NA  201 ? 4_465 58.8  ? 
360 NA    ? O NA  . ? C NA  201 ? 1_555 BA ? M BA . ? C BA 101 ? 1_555 NA    ? O NA  . ? C NA  201 ? 4_465 0.1   ? 
361 NA    ? O NA  . ? C NA  201 ? 2_675 BA ? M BA . ? C BA 101 ? 1_555 NA    ? O NA  . ? C NA  201 ? 4_465 0.1   ? 
362 NA    ? O NA  . ? C NA  201 ? 3_655 BA ? M BA . ? C BA 101 ? 1_555 NA    ? O NA  . ? C NA  201 ? 4_465 0.1   ? 
363 O6    ? C G   5 ? C G   17  ? 1_555 NA ? O NA . ? C NA 201 ? 1_555 O4    ? C U   6 ? C U   18  ? 1_555 68.5  ? 
364 "O2'" ? C U   6 ? C U   18  ? 1_555 BA ? N BA . ? C BA 106 ? 1_555 "O3'" ? C U   6 ? C U   18  ? 1_555 63.1  ? 
365 "O2'" ? C U   6 ? C U   18  ? 1_555 BA ? N BA . ? C BA 106 ? 1_555 O     ? W HOH . ? C HOH 214 ? 4_465 73.9  ? 
366 "O3'" ? C U   6 ? C U   18  ? 1_555 BA ? N BA . ? C BA 106 ? 1_555 O     ? W HOH . ? C HOH 214 ? 4_465 103.6 ? 
367 "O2'" ? C U   6 ? C U   18  ? 1_555 BA ? N BA . ? C BA 106 ? 1_555 O     ? W HOH . ? C HOH 313 ? 1_555 58.2  ? 
368 "O3'" ? C U   6 ? C U   18  ? 1_555 BA ? N BA . ? C BA 106 ? 1_555 O     ? W HOH . ? C HOH 313 ? 1_555 121.0 ? 
369 O     ? W HOH . ? C HOH 214 ? 4_465 BA ? N BA . ? C BA 106 ? 1_555 O     ? W HOH . ? C HOH 313 ? 1_555 65.9  ? 
370 "O2'" ? C U   6 ? C U   18  ? 1_555 BA ? N BA . ? C BA 106 ? 1_555 O     ? W HOH . ? C HOH 369 ? 1_555 110.1 ? 
371 "O3'" ? C U   6 ? C U   18  ? 1_555 BA ? N BA . ? C BA 106 ? 1_555 O     ? W HOH . ? C HOH 369 ? 1_555 47.0  ? 
372 O     ? W HOH . ? C HOH 214 ? 4_465 BA ? N BA . ? C BA 106 ? 1_555 O     ? W HOH . ? C HOH 369 ? 1_555 120.6 ? 
373 O     ? W HOH . ? C HOH 313 ? 1_555 BA ? N BA . ? C BA 106 ? 1_555 O     ? W HOH . ? C HOH 369 ? 1_555 165.9 ? 
374 "O2'" ? C U   6 ? C U   18  ? 1_555 BA ? N BA . ? C BA 106 ? 1_555 O     ? W HOH . ? C HOH 371 ? 1_555 82.4  ? 
375 "O3'" ? C U   6 ? C U   18  ? 1_555 BA ? N BA . ? C BA 106 ? 1_555 O     ? W HOH . ? C HOH 371 ? 1_555 67.2  ? 
376 O     ? W HOH . ? C HOH 214 ? 4_465 BA ? N BA . ? C BA 106 ? 1_555 O     ? W HOH . ? C HOH 371 ? 1_555 156.1 ? 
377 O     ? W HOH . ? C HOH 313 ? 1_555 BA ? N BA . ? C BA 106 ? 1_555 O     ? W HOH . ? C HOH 371 ? 1_555 99.0  ? 
378 O     ? W HOH . ? C HOH 369 ? 1_555 BA ? N BA . ? C BA 106 ? 1_555 O     ? W HOH . ? C HOH 371 ? 1_555 70.3  ? 
379 "O2'" ? C U   6 ? C U   18  ? 1_555 BA ? N BA . ? C BA 106 ? 1_555 O     ? W HOH . ? C HOH 372 ? 4_465 156.2 ? 
380 "O3'" ? C U   6 ? C U   18  ? 1_555 BA ? N BA . ? C BA 106 ? 1_555 O     ? W HOH . ? C HOH 372 ? 4_465 114.4 ? 
381 O     ? W HOH . ? C HOH 214 ? 4_465 BA ? N BA . ? C BA 106 ? 1_555 O     ? W HOH . ? C HOH 372 ? 4_465 127.3 ? 
382 O     ? W HOH . ? C HOH 313 ? 1_555 BA ? N BA . ? C BA 106 ? 1_555 O     ? W HOH . ? C HOH 372 ? 4_465 116.5 ? 
383 O     ? W HOH . ? C HOH 369 ? 1_555 BA ? N BA . ? C BA 106 ? 1_555 O     ? W HOH . ? C HOH 372 ? 4_465 70.7  ? 
384 O     ? W HOH . ? C HOH 371 ? 1_555 BA ? N BA . ? C BA 106 ? 1_555 O     ? W HOH . ? C HOH 372 ? 4_465 75.5  ? 
385 "O2'" ? C U   6 ? C U   18  ? 1_555 BA ? N BA . ? C BA 106 ? 1_555 O     ? W HOH . ? C HOH 406 ? 4_465 119.4 ? 
386 "O3'" ? C U   6 ? C U   18  ? 1_555 BA ? N BA . ? C BA 106 ? 1_555 O     ? W HOH . ? C HOH 406 ? 4_465 163.7 ? 
387 O     ? W HOH . ? C HOH 214 ? 4_465 BA ? N BA . ? C BA 106 ? 1_555 O     ? W HOH . ? C HOH 406 ? 4_465 64.1  ? 
388 O     ? W HOH . ? C HOH 313 ? 1_555 BA ? N BA . ? C BA 106 ? 1_555 O     ? W HOH . ? C HOH 406 ? 4_465 65.5  ? 
389 O     ? W HOH . ? C HOH 369 ? 1_555 BA ? N BA . ? C BA 106 ? 1_555 O     ? W HOH . ? C HOH 406 ? 4_465 128.2 ? 
390 O     ? W HOH . ? C HOH 371 ? 1_555 BA ? N BA . ? C BA 106 ? 1_555 O     ? W HOH . ? C HOH 406 ? 4_465 128.4 ? 
391 O     ? W HOH . ? C HOH 372 ? 4_465 BA ? N BA . ? C BA 106 ? 1_555 O     ? W HOH . ? C HOH 406 ? 4_465 70.2  ? 
392 O4    ? D BRU 1 ? D BRU 19  ? 1_555 BA ? S BA . ? D BA 107 ? 1_555 O4    ? D BRU 1 ? D BRU 19  ? 3_655 80.5  ? 
393 O4    ? D BRU 1 ? D BRU 19  ? 1_555 BA ? S BA . ? D BA 107 ? 1_555 O4    ? D BRU 1 ? D BRU 19  ? 2_675 132.2 ? 
394 O4    ? D BRU 1 ? D BRU 19  ? 3_655 BA ? S BA . ? D BA 107 ? 1_555 O4    ? D BRU 1 ? D BRU 19  ? 2_675 80.5  ? 
395 O4    ? D BRU 1 ? D BRU 19  ? 1_555 BA ? S BA . ? D BA 107 ? 1_555 O4    ? D BRU 1 ? D BRU 19  ? 4_465 80.6  ? 
396 O4    ? D BRU 1 ? D BRU 19  ? 3_655 BA ? S BA . ? D BA 107 ? 1_555 O4    ? D BRU 1 ? D BRU 19  ? 4_465 132.2 ? 
397 O4    ? D BRU 1 ? D BRU 19  ? 2_675 BA ? S BA . ? D BA 107 ? 1_555 O4    ? D BRU 1 ? D BRU 19  ? 4_465 80.6  ? 
398 O4    ? D BRU 1 ? D BRU 19  ? 1_555 BA ? S BA . ? D BA 107 ? 1_555 O6    ? D G   2 ? D G   20  ? 1_555 71.5  ? 
399 O4    ? D BRU 1 ? D BRU 19  ? 3_655 BA ? S BA . ? D BA 107 ? 1_555 O6    ? D G   2 ? D G   20  ? 1_555 132.7 ? 
400 O4    ? D BRU 1 ? D BRU 19  ? 2_675 BA ? S BA . ? D BA 107 ? 1_555 O6    ? D G   2 ? D G   20  ? 1_555 145.8 ? 
401 O4    ? D BRU 1 ? D BRU 19  ? 4_465 BA ? S BA . ? D BA 107 ? 1_555 O6    ? D G   2 ? D G   20  ? 1_555 80.3  ? 
402 O4    ? D BRU 1 ? D BRU 19  ? 1_555 BA ? S BA . ? D BA 107 ? 1_555 O6    ? D G   2 ? D G   20  ? 2_675 145.7 ? 
403 O4    ? D BRU 1 ? D BRU 19  ? 3_655 BA ? S BA . ? D BA 107 ? 1_555 O6    ? D G   2 ? D G   20  ? 2_675 80.1  ? 
404 O4    ? D BRU 1 ? D BRU 19  ? 2_675 BA ? S BA . ? D BA 107 ? 1_555 O6    ? D G   2 ? D G   20  ? 2_675 71.4  ? 
405 O4    ? D BRU 1 ? D BRU 19  ? 4_465 BA ? S BA . ? D BA 107 ? 1_555 O6    ? D G   2 ? D G   20  ? 2_675 132.7 ? 
406 O6    ? D G   2 ? D G   20  ? 1_555 BA ? S BA . ? D BA 107 ? 1_555 O6    ? D G   2 ? D G   20  ? 2_675 102.4 ? 
407 O4    ? D BRU 1 ? D BRU 19  ? 1_555 BA ? S BA . ? D BA 107 ? 1_555 O6    ? D G   2 ? D G   20  ? 3_655 80.2  ? 
408 O4    ? D BRU 1 ? D BRU 19  ? 3_655 BA ? S BA . ? D BA 107 ? 1_555 O6    ? D G   2 ? D G   20  ? 3_655 71.4  ? 
409 O4    ? D BRU 1 ? D BRU 19  ? 2_675 BA ? S BA . ? D BA 107 ? 1_555 O6    ? D G   2 ? D G   20  ? 3_655 132.6 ? 
410 O4    ? D BRU 1 ? D BRU 19  ? 4_465 BA ? S BA . ? D BA 107 ? 1_555 O6    ? D G   2 ? D G   20  ? 3_655 145.9 ? 
411 O6    ? D G   2 ? D G   20  ? 1_555 BA ? S BA . ? D BA 107 ? 1_555 O6    ? D G   2 ? D G   20  ? 3_655 66.9  ? 
412 O6    ? D G   2 ? D G   20  ? 2_675 BA ? S BA . ? D BA 107 ? 1_555 O6    ? D G   2 ? D G   20  ? 3_655 66.8  ? 
413 O4    ? D BRU 1 ? D BRU 19  ? 1_555 BA ? S BA . ? D BA 107 ? 1_555 O6    ? D G   2 ? D G   20  ? 4_465 132.8 ? 
414 O4    ? D BRU 1 ? D BRU 19  ? 3_655 BA ? S BA . ? D BA 107 ? 1_555 O6    ? D G   2 ? D G   20  ? 4_465 145.6 ? 
415 O4    ? D BRU 1 ? D BRU 19  ? 2_675 BA ? S BA . ? D BA 107 ? 1_555 O6    ? D G   2 ? D G   20  ? 4_465 80.2  ? 
416 O4    ? D BRU 1 ? D BRU 19  ? 4_465 BA ? S BA . ? D BA 107 ? 1_555 O6    ? D G   2 ? D G   20  ? 4_465 71.5  ? 
417 O6    ? D G   2 ? D G   20  ? 1_555 BA ? S BA . ? D BA 107 ? 1_555 O6    ? D G   2 ? D G   20  ? 4_465 66.9  ? 
418 O6    ? D G   2 ? D G   20  ? 2_675 BA ? S BA . ? D BA 107 ? 1_555 O6    ? D G   2 ? D G   20  ? 4_465 66.9  ? 
419 O6    ? D G   2 ? D G   20  ? 3_655 BA ? S BA . ? D BA 107 ? 1_555 O6    ? D G   2 ? D G   20  ? 4_465 102.4 ? 
420 O6    ? D G   4 ? D G   22  ? 1_555 BA ? R BA . ? D BA 102 ? 1_555 O6    ? D G   4 ? D G   22  ? 2_675 113.5 ? 
421 O6    ? D G   4 ? D G   22  ? 1_555 BA ? R BA . ? D BA 102 ? 1_555 O6    ? D G   4 ? D G   22  ? 3_655 72.5  ? 
422 O6    ? D G   4 ? D G   22  ? 2_675 BA ? R BA . ? D BA 102 ? 1_555 O6    ? D G   4 ? D G   22  ? 3_655 72.6  ? 
423 O6    ? D G   4 ? D G   22  ? 1_555 BA ? R BA . ? D BA 102 ? 1_555 O6    ? D G   4 ? D G   22  ? 4_465 72.5  ? 
424 O6    ? D G   4 ? D G   22  ? 2_675 BA ? R BA . ? D BA 102 ? 1_555 O6    ? D G   4 ? D G   22  ? 4_465 72.6  ? 
425 O6    ? D G   4 ? D G   22  ? 3_655 BA ? R BA . ? D BA 102 ? 1_555 O6    ? D G   4 ? D G   22  ? 4_465 113.5 ? 
426 O6    ? D G   4 ? D G   22  ? 1_555 BA ? R BA . ? D BA 102 ? 1_555 O6    ? D G   5 ? D G   23  ? 1_555 71.4  ? 
427 O6    ? D G   4 ? D G   22  ? 2_675 BA ? R BA . ? D BA 102 ? 1_555 O6    ? D G   5 ? D G   23  ? 1_555 157.4 ? 
428 O6    ? D G   4 ? D G   22  ? 3_655 BA ? R BA . ? D BA 102 ? 1_555 O6    ? D G   5 ? D G   23  ? 1_555 128.3 ? 
429 O6    ? D G   4 ? D G   22  ? 4_465 BA ? R BA . ? D BA 102 ? 1_555 O6    ? D G   5 ? D G   23  ? 1_555 89.0  ? 
430 O6    ? D G   4 ? D G   22  ? 1_555 BA ? R BA . ? D BA 102 ? 1_555 O6    ? D G   5 ? D G   23  ? 4_465 128.3 ? 
431 O6    ? D G   4 ? D G   22  ? 2_675 BA ? R BA . ? D BA 102 ? 1_555 O6    ? D G   5 ? D G   23  ? 4_465 89.2  ? 
432 O6    ? D G   4 ? D G   22  ? 3_655 BA ? R BA . ? D BA 102 ? 1_555 O6    ? D G   5 ? D G   23  ? 4_465 157.5 ? 
433 O6    ? D G   4 ? D G   22  ? 4_465 BA ? R BA . ? D BA 102 ? 1_555 O6    ? D G   5 ? D G   23  ? 4_465 71.5  ? 
434 O6    ? D G   5 ? D G   23  ? 1_555 BA ? R BA . ? D BA 102 ? 1_555 O6    ? D G   5 ? D G   23  ? 4_465 72.2  ? 
435 O6    ? D G   4 ? D G   22  ? 1_555 BA ? R BA . ? D BA 102 ? 1_555 O6    ? D G   5 ? D G   23  ? 3_655 89.0  ? 
436 O6    ? D G   4 ? D G   22  ? 2_675 BA ? R BA . ? D BA 102 ? 1_555 O6    ? D G   5 ? D G   23  ? 3_655 128.5 ? 
437 O6    ? D G   4 ? D G   22  ? 3_655 BA ? R BA . ? D BA 102 ? 1_555 O6    ? D G   5 ? D G   23  ? 3_655 71.5  ? 
438 O6    ? D G   4 ? D G   22  ? 4_465 BA ? R BA . ? D BA 102 ? 1_555 O6    ? D G   5 ? D G   23  ? 3_655 157.2 ? 
439 O6    ? D G   5 ? D G   23  ? 1_555 BA ? R BA . ? D BA 102 ? 1_555 O6    ? D G   5 ? D G   23  ? 3_655 72.2  ? 
440 O6    ? D G   5 ? D G   23  ? 4_465 BA ? R BA . ? D BA 102 ? 1_555 O6    ? D G   5 ? D G   23  ? 3_655 112.9 ? 
441 O6    ? D G   4 ? D G   22  ? 1_555 BA ? R BA . ? D BA 102 ? 1_555 O6    ? D G   5 ? D G   23  ? 2_675 157.4 ? 
442 O6    ? D G   4 ? D G   22  ? 2_675 BA ? R BA . ? D BA 102 ? 1_555 O6    ? D G   5 ? D G   23  ? 2_675 71.6  ? 
443 O6    ? D G   4 ? D G   22  ? 3_655 BA ? R BA . ? D BA 102 ? 1_555 O6    ? D G   5 ? D G   23  ? 2_675 89.2  ? 
444 O6    ? D G   4 ? D G   22  ? 4_465 BA ? R BA . ? D BA 102 ? 1_555 O6    ? D G   5 ? D G   23  ? 2_675 128.5 ? 
445 O6    ? D G   5 ? D G   23  ? 1_555 BA ? R BA . ? D BA 102 ? 1_555 O6    ? D G   5 ? D G   23  ? 2_675 112.9 ? 
446 O6    ? D G   5 ? D G   23  ? 4_465 BA ? R BA . ? D BA 102 ? 1_555 O6    ? D G   5 ? D G   23  ? 2_675 72.3  ? 
447 O6    ? D G   5 ? D G   23  ? 3_655 BA ? R BA . ? D BA 102 ? 1_555 O6    ? D G   5 ? D G   23  ? 2_675 72.3  ? 
# 
loop_
_struct_site.id 
_struct_site.pdbx_evidence_code 
_struct_site.pdbx_auth_asym_id 
_struct_site.pdbx_auth_comp_id 
_struct_site.pdbx_auth_seq_id 
_struct_site.pdbx_auth_ins_code 
_struct_site.pdbx_num_residues 
_struct_site.details 
AC1 Software C BA 101 ? 12 'BINDING SITE FOR RESIDUE BA C 101' 
AC2 Software D BA 102 ? 8  'BINDING SITE FOR RESIDUE BA D 102' 
AC3 Software B BA 103 ? 12 'BINDING SITE FOR RESIDUE BA B 103' 
AC4 Software B BA 104 ? 12 'BINDING SITE FOR RESIDUE BA B 104' 
AC5 Software A BA 105 ? 8  'BINDING SITE FOR RESIDUE BA A 105' 
AC6 Software C BA 106 ? 6  'BINDING SITE FOR RESIDUE BA C 106' 
AC7 Software D BA 107 ? 12 'BINDING SITE FOR RESIDUE BA D 107' 
AC8 Software A BA 108 ? 12 'BINDING SITE FOR RESIDUE BA A 108' 
AC9 Software C NA 201 ? 12 'BINDING SITE FOR RESIDUE NA C 201' 
BC1 Software B NA 202 ? 8  'BINDING SITE FOR RESIDUE NA B 202' 
BC2 Software C NA 203 ? 8  'BINDING SITE FOR RESIDUE NA C 203' 
BC3 Software A NA 205 ? 16 'BINDING SITE FOR RESIDUE NA A 205' 
BC4 Software A NA 206 ? 12 'BINDING SITE FOR RESIDUE NA A 206' 
BC5 Software B NA 207 ? 12 'BINDING SITE FOR RESIDUE NA B 207' 
BC6 Software D NA 208 ? 8  'BINDING SITE FOR RESIDUE NA D 208' 
BC7 Software C NA 209 ? 12 'BINDING SITE FOR RESIDUE NA C 209' 
# 
loop_
_struct_site_gen.id 
_struct_site_gen.site_id 
_struct_site_gen.pdbx_num_res 
_struct_site_gen.label_comp_id 
_struct_site_gen.label_asym_id 
_struct_site_gen.label_seq_id 
_struct_site_gen.pdbx_auth_ins_code 
_struct_site_gen.auth_comp_id 
_struct_site_gen.auth_asym_id 
_struct_site_gen.auth_seq_id 
_struct_site_gen.label_atom_id 
_struct_site_gen.label_alt_id 
_struct_site_gen.symmetry 
_struct_site_gen.details 
1   AC1 12 G   C 4 ? G   C 16  . ? 4_465 ? 
2   AC1 12 G   C 4 ? G   C 16  . ? 1_555 ? 
3   AC1 12 G   C 4 ? G   C 16  . ? 2_675 ? 
4   AC1 12 G   C 4 ? G   C 16  . ? 3_655 ? 
5   AC1 12 G   C 5 ? G   C 17  . ? 1_555 ? 
6   AC1 12 G   C 5 ? G   C 17  . ? 2_675 ? 
7   AC1 12 G   C 5 ? G   C 17  . ? 4_465 ? 
8   AC1 12 G   C 5 ? G   C 17  . ? 3_655 ? 
9   AC1 12 NA  O . ? NA  C 201 . ? 2_675 ? 
10  AC1 12 NA  O . ? NA  C 201 . ? 3_655 ? 
11  AC1 12 NA  O . ? NA  C 201 . ? 4_465 ? 
12  AC1 12 NA  O . ? NA  C 201 . ? 1_555 ? 
13  AC2 8  G   D 4 ? G   D 22  . ? 1_555 ? 
14  AC2 8  G   D 4 ? G   D 22  . ? 3_655 ? 
15  AC2 8  G   D 4 ? G   D 22  . ? 4_465 ? 
16  AC2 8  G   D 4 ? G   D 22  . ? 2_675 ? 
17  AC2 8  G   D 5 ? G   D 23  . ? 4_465 ? 
18  AC2 8  G   D 5 ? G   D 23  . ? 3_655 ? 
19  AC2 8  G   D 5 ? G   D 23  . ? 2_675 ? 
20  AC2 8  G   D 5 ? G   D 23  . ? 1_555 ? 
21  AC3 12 G   B 4 ? G   B 10  . ? 2_675 ? 
22  AC3 12 G   B 4 ? G   B 10  . ? 4_465 ? 
23  AC3 12 G   B 4 ? G   B 10  . ? 3_655 ? 
24  AC3 12 G   B 4 ? G   B 10  . ? 1_555 ? 
25  AC3 12 G   B 5 ? G   B 11  . ? 2_675 ? 
26  AC3 12 G   B 5 ? G   B 11  . ? 1_555 ? 
27  AC3 12 G   B 5 ? G   B 11  . ? 3_655 ? 
28  AC3 12 G   B 5 ? G   B 11  . ? 4_465 ? 
29  AC3 12 NA  L . ? NA  B 207 . ? 4_465 ? 
30  AC3 12 NA  L . ? NA  B 207 . ? 3_655 ? 
31  AC3 12 NA  L . ? NA  B 207 . ? 2_675 ? 
32  AC3 12 NA  L . ? NA  B 207 . ? 1_555 ? 
33  AC4 12 BRU B 1 ? BRU B 7   . ? 2_675 ? 
34  AC4 12 BRU B 1 ? BRU B 7   . ? 1_555 ? 
35  AC4 12 BRU B 1 ? BRU B 7   . ? 3_655 ? 
36  AC4 12 BRU B 1 ? BRU B 7   . ? 4_465 ? 
37  AC4 12 G   B 2 ? G   B 8   . ? 4_465 ? 
38  AC4 12 G   B 2 ? G   B 8   . ? 1_555 ? 
39  AC4 12 G   B 2 ? G   B 8   . ? 2_675 ? 
40  AC4 12 G   B 2 ? G   B 8   . ? 3_655 ? 
41  AC4 12 NA  Q . ? NA  C 209 . ? 2_675 ? 
42  AC4 12 NA  Q . ? NA  C 209 . ? 3_655 ? 
43  AC4 12 NA  Q . ? NA  C 209 . ? 4_465 ? 
44  AC4 12 NA  Q . ? NA  C 209 . ? 1_555 ? 
45  AC5 8  G   A 4 ? G   A 4   . ? 4_455 ? 
46  AC5 8  G   A 4 ? G   A 4   . ? 3_555 ? 
47  AC5 8  G   A 4 ? G   A 4   . ? 2_565 ? 
48  AC5 8  G   A 4 ? G   A 4   . ? 1_555 ? 
49  AC5 8  G   A 5 ? G   A 5   . ? 3_555 ? 
50  AC5 8  G   A 5 ? G   A 5   . ? 2_565 ? 
51  AC5 8  G   A 5 ? G   A 5   . ? 1_555 ? 
52  AC5 8  G   A 5 ? G   A 5   . ? 4_455 ? 
53  AC6 6  U   C 6 ? U   C 18  . ? 1_555 ? 
54  AC6 6  HOH W . ? HOH C 214 . ? 4_465 ? 
55  AC6 6  HOH W . ? HOH C 313 . ? 1_555 ? 
56  AC6 6  HOH W . ? HOH C 371 . ? 1_555 ? 
57  AC6 6  HOH W . ? HOH C 372 . ? 4_465 ? 
58  AC6 6  HOH W . ? HOH C 406 . ? 4_465 ? 
59  AC7 12 NA  G . ? NA  A 205 . ? 5_556 ? 
60  AC7 12 NA  G . ? NA  A 205 . ? 8_666 ? 
61  AC7 12 NA  G . ? NA  A 205 . ? 7_566 ? 
62  AC7 12 NA  G . ? NA  A 205 . ? 6_566 ? 
63  AC7 12 BRU D 1 ? BRU D 19  . ? 1_555 ? 
64  AC7 12 BRU D 1 ? BRU D 19  . ? 2_675 ? 
65  AC7 12 BRU D 1 ? BRU D 19  . ? 3_655 ? 
66  AC7 12 BRU D 1 ? BRU D 19  . ? 4_465 ? 
67  AC7 12 G   D 2 ? G   D 20  . ? 4_465 ? 
68  AC7 12 G   D 2 ? G   D 20  . ? 3_655 ? 
69  AC7 12 G   D 2 ? G   D 20  . ? 2_675 ? 
70  AC7 12 G   D 2 ? G   D 20  . ? 1_555 ? 
71  AC8 12 G   A 5 ? G   A 5   . ? 4_455 ? 
72  AC8 12 G   A 5 ? G   A 5   . ? 1_555 ? 
73  AC8 12 G   A 5 ? G   A 5   . ? 2_565 ? 
74  AC8 12 G   A 5 ? G   A 5   . ? 3_555 ? 
75  AC8 12 U   A 6 ? U   A 6   . ? 3_555 ? 
76  AC8 12 U   A 6 ? U   A 6   . ? 4_455 ? 
77  AC8 12 U   A 6 ? U   A 6   . ? 1_555 ? 
78  AC8 12 U   A 6 ? U   A 6   . ? 2_565 ? 
79  AC8 12 HOH U . ? HOH A 387 . ? 2_565 ? 
80  AC8 12 HOH U . ? HOH A 387 . ? 3_555 ? 
81  AC8 12 HOH U . ? HOH A 387 . ? 4_455 ? 
82  AC8 12 HOH U . ? HOH A 387 . ? 1_555 ? 
83  AC9 12 G   C 5 ? G   C 17  . ? 1_555 ? 
84  AC9 12 G   C 5 ? G   C 17  . ? 2_675 ? 
85  AC9 12 G   C 5 ? G   C 17  . ? 4_465 ? 
86  AC9 12 G   C 5 ? G   C 17  . ? 3_655 ? 
87  AC9 12 U   C 6 ? U   C 18  . ? 1_555 ? 
88  AC9 12 U   C 6 ? U   C 18  . ? 2_675 ? 
89  AC9 12 U   C 6 ? U   C 18  . ? 3_655 ? 
90  AC9 12 U   C 6 ? U   C 18  . ? 4_465 ? 
91  AC9 12 BA  M . ? BA  C 101 . ? 2_675 ? 
92  AC9 12 BA  M . ? BA  C 101 . ? 3_655 ? 
93  AC9 12 BA  M . ? BA  C 101 . ? 4_465 ? 
94  AC9 12 BA  M . ? BA  C 101 . ? 1_555 ? 
95  BC1 8  G   B 2 ? G   B 8   . ? 1_555 ? 
96  BC1 8  G   B 2 ? G   B 8   . ? 2_675 ? 
97  BC1 8  G   B 2 ? G   B 8   . ? 3_655 ? 
98  BC1 8  G   B 2 ? G   B 8   . ? 4_465 ? 
99  BC1 8  A   B 3 ? A   B 9   . ? 1_555 ? 
100 BC1 8  A   B 3 ? A   B 9   . ? 2_675 ? 
101 BC1 8  A   B 3 ? A   B 9   . ? 3_655 ? 
102 BC1 8  A   B 3 ? A   B 9   . ? 4_465 ? 
103 BC2 8  G   C 2 ? G   C 14  . ? 3_655 ? 
104 BC2 8  G   C 2 ? G   C 14  . ? 1_555 ? 
105 BC2 8  G   C 2 ? G   C 14  . ? 2_675 ? 
106 BC2 8  G   C 2 ? G   C 14  . ? 4_465 ? 
107 BC2 8  A   C 3 ? A   C 15  . ? 2_675 ? 
108 BC2 8  A   C 3 ? A   C 15  . ? 3_655 ? 
109 BC2 8  A   C 3 ? A   C 15  . ? 4_465 ? 
110 BC2 8  A   C 3 ? A   C 15  . ? 1_555 ? 
111 BC3 16 G   A 2 ? G   A 2   . ? 2_565 ? 
112 BC3 16 G   A 2 ? G   A 2   . ? 4_455 ? 
113 BC3 16 G   A 2 ? G   A 2   . ? 1_555 ? 
114 BC3 16 G   A 2 ? G   A 2   . ? 3_555 ? 
115 BC3 16 NA  H . ? NA  A 206 . ? 1_555 ? 
116 BC3 16 NA  H . ? NA  A 206 . ? 2_565 ? 
117 BC3 16 NA  H . ? NA  A 206 . ? 3_555 ? 
118 BC3 16 NA  H . ? NA  A 206 . ? 4_455 ? 
119 BC3 16 BRU D 1 ? BRU D 19  . ? 6_466 ? 
120 BC3 16 BRU D 1 ? BRU D 19  . ? 7_456 ? 
121 BC3 16 BRU D 1 ? BRU D 19  . ? 8_666 ? 
122 BC3 16 BRU D 1 ? BRU D 19  . ? 5_546 ? 
123 BC3 16 BA  S . ? BA  D 107 . ? 6_466 ? 
124 BC3 16 BA  S . ? BA  D 107 . ? 7_456 ? 
125 BC3 16 BA  S . ? BA  D 107 . ? 8_666 ? 
126 BC3 16 BA  S . ? BA  D 107 . ? 5_546 ? 
127 BC4 12 G   A 2 ? G   A 2   . ? 2_565 ? 
128 BC4 12 G   A 2 ? G   A 2   . ? 4_455 ? 
129 BC4 12 G   A 2 ? G   A 2   . ? 1_555 ? 
130 BC4 12 G   A 2 ? G   A 2   . ? 3_555 ? 
131 BC4 12 A   A 3 ? A   A 3   . ? 2_565 ? 
132 BC4 12 A   A 3 ? A   A 3   . ? 3_555 ? 
133 BC4 12 A   A 3 ? A   A 3   . ? 1_555 ? 
134 BC4 12 A   A 3 ? A   A 3   . ? 4_455 ? 
135 BC4 12 NA  G . ? NA  A 205 . ? 2_565 ? 
136 BC4 12 NA  G . ? NA  A 205 . ? 3_555 ? 
137 BC4 12 NA  G . ? NA  A 205 . ? 4_455 ? 
138 BC4 12 NA  G . ? NA  A 205 . ? 1_555 ? 
139 BC5 12 G   B 5 ? G   B 11  . ? 1_555 ? 
140 BC5 12 G   B 5 ? G   B 11  . ? 2_675 ? 
141 BC5 12 G   B 5 ? G   B 11  . ? 3_655 ? 
142 BC5 12 G   B 5 ? G   B 11  . ? 4_465 ? 
143 BC5 12 U   B 6 ? U   B 12  . ? 4_465 ? 
144 BC5 12 U   B 6 ? U   B 12  . ? 2_675 ? 
145 BC5 12 U   B 6 ? U   B 12  . ? 3_655 ? 
146 BC5 12 U   B 6 ? U   B 12  . ? 1_555 ? 
147 BC5 12 BA  I . ? BA  B 103 . ? 2_675 ? 
148 BC5 12 BA  I . ? BA  B 103 . ? 3_655 ? 
149 BC5 12 BA  I . ? BA  B 103 . ? 4_465 ? 
150 BC5 12 BA  I . ? BA  B 103 . ? 1_555 ? 
151 BC6 8  G   D 2 ? G   D 20  . ? 1_555 ? 
152 BC6 8  G   D 2 ? G   D 20  . ? 4_465 ? 
153 BC6 8  G   D 2 ? G   D 20  . ? 3_655 ? 
154 BC6 8  G   D 2 ? G   D 20  . ? 2_675 ? 
155 BC6 8  A   D 3 ? A   D 21  . ? 4_465 ? 
156 BC6 8  A   D 3 ? A   D 21  . ? 3_655 ? 
157 BC6 8  A   D 3 ? A   D 21  . ? 2_675 ? 
158 BC6 8  A   D 3 ? A   D 21  . ? 1_555 ? 
159 BC7 12 BRU B 1 ? BRU B 7   . ? 2_675 ? 
160 BC7 12 BRU B 1 ? BRU B 7   . ? 1_555 ? 
161 BC7 12 BRU B 1 ? BRU B 7   . ? 3_655 ? 
162 BC7 12 BRU B 1 ? BRU B 7   . ? 4_465 ? 
163 BC7 12 BA  J . ? BA  B 104 . ? 3_655 ? 
164 BC7 12 BA  J . ? BA  B 104 . ? 4_465 ? 
165 BC7 12 BA  J . ? BA  B 104 . ? 2_675 ? 
166 BC7 12 BA  J . ? BA  B 104 . ? 1_555 ? 
167 BC7 12 G   C 2 ? G   C 14  . ? 1_555 ? 
168 BC7 12 G   C 2 ? G   C 14  . ? 2_675 ? 
169 BC7 12 G   C 2 ? G   C 14  . ? 4_465 ? 
170 BC7 12 G   C 2 ? G   C 14  . ? 3_655 ? 
# 
loop_
_pdbx_validate_symm_contact.id 
_pdbx_validate_symm_contact.PDB_model_num 
_pdbx_validate_symm_contact.auth_atom_id_1 
_pdbx_validate_symm_contact.auth_asym_id_1 
_pdbx_validate_symm_contact.auth_comp_id_1 
_pdbx_validate_symm_contact.auth_seq_id_1 
_pdbx_validate_symm_contact.PDB_ins_code_1 
_pdbx_validate_symm_contact.label_alt_id_1 
_pdbx_validate_symm_contact.site_symmetry_1 
_pdbx_validate_symm_contact.auth_atom_id_2 
_pdbx_validate_symm_contact.auth_asym_id_2 
_pdbx_validate_symm_contact.auth_comp_id_2 
_pdbx_validate_symm_contact.auth_seq_id_2 
_pdbx_validate_symm_contact.PDB_ins_code_2 
_pdbx_validate_symm_contact.label_alt_id_2 
_pdbx_validate_symm_contact.site_symmetry_2 
_pdbx_validate_symm_contact.dist 
1 1 O A HOH 389 ? ? 1_555 O A HOH 421 ? ? 3_555 1.97 
2 1 O A HOH 421 ? ? 1_555 O D HOH 351 ? ? 8_666 2.12 
# 
loop_
_pdbx_validate_rmsd_bond.id 
_pdbx_validate_rmsd_bond.PDB_model_num 
_pdbx_validate_rmsd_bond.auth_atom_id_1 
_pdbx_validate_rmsd_bond.auth_asym_id_1 
_pdbx_validate_rmsd_bond.auth_comp_id_1 
_pdbx_validate_rmsd_bond.auth_seq_id_1 
_pdbx_validate_rmsd_bond.PDB_ins_code_1 
_pdbx_validate_rmsd_bond.label_alt_id_1 
_pdbx_validate_rmsd_bond.auth_atom_id_2 
_pdbx_validate_rmsd_bond.auth_asym_id_2 
_pdbx_validate_rmsd_bond.auth_comp_id_2 
_pdbx_validate_rmsd_bond.auth_seq_id_2 
_pdbx_validate_rmsd_bond.PDB_ins_code_2 
_pdbx_validate_rmsd_bond.label_alt_id_2 
_pdbx_validate_rmsd_bond.bond_value 
_pdbx_validate_rmsd_bond.bond_target_value 
_pdbx_validate_rmsd_bond.bond_deviation 
_pdbx_validate_rmsd_bond.bond_standard_deviation 
_pdbx_validate_rmsd_bond.linker_flag 
1 1 C6    B G 8  ? ? O6    B G 8  ? ? 1.180 1.237 -0.057 0.009 N 
2 1 "C2'" B U 12 ? ? "C1'" B U 12 ? ? 1.423 1.526 -0.103 0.008 N 
# 
loop_
_pdbx_validate_rmsd_angle.id 
_pdbx_validate_rmsd_angle.PDB_model_num 
_pdbx_validate_rmsd_angle.auth_atom_id_1 
_pdbx_validate_rmsd_angle.auth_asym_id_1 
_pdbx_validate_rmsd_angle.auth_comp_id_1 
_pdbx_validate_rmsd_angle.auth_seq_id_1 
_pdbx_validate_rmsd_angle.PDB_ins_code_1 
_pdbx_validate_rmsd_angle.label_alt_id_1 
_pdbx_validate_rmsd_angle.auth_atom_id_2 
_pdbx_validate_rmsd_angle.auth_asym_id_2 
_pdbx_validate_rmsd_angle.auth_comp_id_2 
_pdbx_validate_rmsd_angle.auth_seq_id_2 
_pdbx_validate_rmsd_angle.PDB_ins_code_2 
_pdbx_validate_rmsd_angle.label_alt_id_2 
_pdbx_validate_rmsd_angle.auth_atom_id_3 
_pdbx_validate_rmsd_angle.auth_asym_id_3 
_pdbx_validate_rmsd_angle.auth_comp_id_3 
_pdbx_validate_rmsd_angle.auth_seq_id_3 
_pdbx_validate_rmsd_angle.PDB_ins_code_3 
_pdbx_validate_rmsd_angle.label_alt_id_3 
_pdbx_validate_rmsd_angle.angle_value 
_pdbx_validate_rmsd_angle.angle_target_value 
_pdbx_validate_rmsd_angle.angle_deviation 
_pdbx_validate_rmsd_angle.angle_standard_deviation 
_pdbx_validate_rmsd_angle.linker_flag 
1 1 "C1'" B U 12 ? ? "O4'" B U 12 ? ? "C4'" B U 12 ? ? 101.02 109.70 -8.68  0.70 N 
2 1 "C2'" B U 12 ? ? "C3'" B U 12 ? ? "O3'" B U 12 ? ? 129.93 113.70 16.23  1.60 N 
3 1 "C3'" B U 12 ? ? "C2'" B U 12 ? ? "C1'" B U 12 ? ? 96.36  101.30 -4.94  0.70 N 
4 1 "O4'" B U 12 ? ? "C1'" B U 12 ? ? "C2'" B U 12 ? ? 115.32 107.60 7.72   0.90 N 
5 1 C6    B U 12 ? ? N1    B U 12 ? ? "C1'" B U 12 ? ? 110.81 121.20 -10.39 1.40 N 
6 1 C2    B U 12 ? ? N1    B U 12 ? ? "C1'" B U 12 ? ? 127.34 117.70 9.64   1.20 N 
7 1 "C3'" D G 23 ? ? "O3'" D G 23 ? ? P     D U 24 ? ? 112.17 119.70 -7.53  1.20 Y 
8 1 "O3'" D G 23 ? ? P     D U 24 ? ? OP1   D U 24 ? ? 91.59  105.20 -13.61 2.20 Y 
# 
loop_
_pdbx_validate_planes.id 
_pdbx_validate_planes.PDB_model_num 
_pdbx_validate_planes.auth_comp_id 
_pdbx_validate_planes.auth_asym_id 
_pdbx_validate_planes.auth_seq_id 
_pdbx_validate_planes.PDB_ins_code 
_pdbx_validate_planes.label_alt_id 
_pdbx_validate_planes.rmsd 
_pdbx_validate_planes.type 
1  1 G A 2  ? ? 0.059 'SIDE CHAIN' 
2  1 A A 3  ? ? 0.060 'SIDE CHAIN' 
3  1 U A 6  ? ? 0.082 'SIDE CHAIN' 
4  1 G B 8  ? ? 0.067 'SIDE CHAIN' 
5  1 A B 9  ? ? 0.051 'SIDE CHAIN' 
6  1 G B 10 ? ? 0.066 'SIDE CHAIN' 
7  1 G C 14 ? ? 0.056 'SIDE CHAIN' 
8  1 G C 16 ? ? 0.061 'SIDE CHAIN' 
9  1 U C 18 ? ? 0.068 'SIDE CHAIN' 
10 1 G D 20 ? ? 0.078 'SIDE CHAIN' 
11 1 G D 22 ? ? 0.077 'SIDE CHAIN' 
# 
loop_
_pdbx_struct_mod_residue.id 
_pdbx_struct_mod_residue.label_asym_id 
_pdbx_struct_mod_residue.label_comp_id 
_pdbx_struct_mod_residue.label_seq_id 
_pdbx_struct_mod_residue.auth_asym_id 
_pdbx_struct_mod_residue.auth_comp_id 
_pdbx_struct_mod_residue.auth_seq_id 
_pdbx_struct_mod_residue.PDB_ins_code 
_pdbx_struct_mod_residue.parent_comp_id 
_pdbx_struct_mod_residue.details 
1 A BRU 1 A BRU 1  ? DU ? 
2 B BRU 1 B BRU 7  ? DU ? 
3 C BRU 1 C BRU 13 ? DU ? 
4 D BRU 1 D BRU 19 ? DU ? 
# 
loop_
_pdbx_struct_special_symmetry.id 
_pdbx_struct_special_symmetry.PDB_model_num 
_pdbx_struct_special_symmetry.auth_asym_id 
_pdbx_struct_special_symmetry.auth_comp_id 
_pdbx_struct_special_symmetry.auth_seq_id 
_pdbx_struct_special_symmetry.PDB_ins_code 
_pdbx_struct_special_symmetry.label_asym_id 
_pdbx_struct_special_symmetry.label_comp_id 
_pdbx_struct_special_symmetry.label_seq_id 
1  1 A BA  105 ? E BA  . 
2  1 A BA  108 ? F BA  . 
3  1 A NA  205 ? G NA  . 
4  1 A NA  206 ? H NA  . 
5  1 B BA  103 ? I BA  . 
6  1 B BA  104 ? J BA  . 
7  1 B NA  202 ? K NA  . 
8  1 B NA  207 ? L NA  . 
9  1 C BA  101 ? M BA  . 
10 1 C NA  201 ? O NA  . 
11 1 C NA  203 ? P NA  . 
12 1 C NA  209 ? Q NA  . 
13 1 D BA  102 ? R BA  . 
14 1 D BA  107 ? S BA  . 
15 1 D NA  208 ? T NA  . 
16 1 A HOH 387 ? U HOH . 
17 1 D HOH 320 ? X HOH . 
# 
loop_
_chem_comp_atom.comp_id 
_chem_comp_atom.atom_id 
_chem_comp_atom.type_symbol 
_chem_comp_atom.pdbx_aromatic_flag 
_chem_comp_atom.pdbx_stereo_config 
_chem_comp_atom.pdbx_ordinal 
A   OP3    O  N N 1   
A   P      P  N N 2   
A   OP1    O  N N 3   
A   OP2    O  N N 4   
A   "O5'"  O  N N 5   
A   "C5'"  C  N N 6   
A   "C4'"  C  N R 7   
A   "O4'"  O  N N 8   
A   "C3'"  C  N S 9   
A   "O3'"  O  N N 10  
A   "C2'"  C  N R 11  
A   "O2'"  O  N N 12  
A   "C1'"  C  N R 13  
A   N9     N  Y N 14  
A   C8     C  Y N 15  
A   N7     N  Y N 16  
A   C5     C  Y N 17  
A   C6     C  Y N 18  
A   N6     N  N N 19  
A   N1     N  Y N 20  
A   C2     C  Y N 21  
A   N3     N  Y N 22  
A   C4     C  Y N 23  
A   HOP3   H  N N 24  
A   HOP2   H  N N 25  
A   "H5'"  H  N N 26  
A   "H5''" H  N N 27  
A   "H4'"  H  N N 28  
A   "H3'"  H  N N 29  
A   "HO3'" H  N N 30  
A   "H2'"  H  N N 31  
A   "HO2'" H  N N 32  
A   "H1'"  H  N N 33  
A   H8     H  N N 34  
A   H61    H  N N 35  
A   H62    H  N N 36  
A   H2     H  N N 37  
BA  BA     BA N N 38  
BRU N1     N  N N 39  
BRU C2     C  N N 40  
BRU N3     N  N N 41  
BRU C4     C  N N 42  
BRU C5     C  N N 43  
BRU C6     C  N N 44  
BRU O2     O  N N 45  
BRU O4     O  N N 46  
BRU BR     BR N N 47  
BRU "C1'"  C  N R 48  
BRU "C2'"  C  N N 49  
BRU "C3'"  C  N S 50  
BRU "C4'"  C  N R 51  
BRU "O3'"  O  N N 52  
BRU "O4'"  O  N N 53  
BRU "C5'"  C  N N 54  
BRU "O5'"  O  N N 55  
BRU P      P  N N 56  
BRU OP1    O  N N 57  
BRU OP2    O  N N 58  
BRU OP3    O  N N 59  
BRU HN3    H  N N 60  
BRU H6     H  N N 61  
BRU "H1'"  H  N N 62  
BRU "H2'"  H  N N 63  
BRU "H2''" H  N N 64  
BRU "H3'"  H  N N 65  
BRU "H4'"  H  N N 66  
BRU "HO3'" H  N N 67  
BRU "H5'"  H  N N 68  
BRU "H5''" H  N N 69  
BRU HOP2   H  N N 70  
BRU HOP3   H  N N 71  
G   OP3    O  N N 72  
G   P      P  N N 73  
G   OP1    O  N N 74  
G   OP2    O  N N 75  
G   "O5'"  O  N N 76  
G   "C5'"  C  N N 77  
G   "C4'"  C  N R 78  
G   "O4'"  O  N N 79  
G   "C3'"  C  N S 80  
G   "O3'"  O  N N 81  
G   "C2'"  C  N R 82  
G   "O2'"  O  N N 83  
G   "C1'"  C  N R 84  
G   N9     N  Y N 85  
G   C8     C  Y N 86  
G   N7     N  Y N 87  
G   C5     C  Y N 88  
G   C6     C  N N 89  
G   O6     O  N N 90  
G   N1     N  N N 91  
G   C2     C  N N 92  
G   N2     N  N N 93  
G   N3     N  N N 94  
G   C4     C  Y N 95  
G   HOP3   H  N N 96  
G   HOP2   H  N N 97  
G   "H5'"  H  N N 98  
G   "H5''" H  N N 99  
G   "H4'"  H  N N 100 
G   "H3'"  H  N N 101 
G   "HO3'" H  N N 102 
G   "H2'"  H  N N 103 
G   "HO2'" H  N N 104 
G   "H1'"  H  N N 105 
G   H8     H  N N 106 
G   H1     H  N N 107 
G   H21    H  N N 108 
G   H22    H  N N 109 
HOH O      O  N N 110 
HOH H1     H  N N 111 
HOH H2     H  N N 112 
NA  NA     NA N N 113 
U   OP3    O  N N 114 
U   P      P  N N 115 
U   OP1    O  N N 116 
U   OP2    O  N N 117 
U   "O5'"  O  N N 118 
U   "C5'"  C  N N 119 
U   "C4'"  C  N R 120 
U   "O4'"  O  N N 121 
U   "C3'"  C  N S 122 
U   "O3'"  O  N N 123 
U   "C2'"  C  N R 124 
U   "O2'"  O  N N 125 
U   "C1'"  C  N R 126 
U   N1     N  N N 127 
U   C2     C  N N 128 
U   O2     O  N N 129 
U   N3     N  N N 130 
U   C4     C  N N 131 
U   O4     O  N N 132 
U   C5     C  N N 133 
U   C6     C  N N 134 
U   HOP3   H  N N 135 
U   HOP2   H  N N 136 
U   "H5'"  H  N N 137 
U   "H5''" H  N N 138 
U   "H4'"  H  N N 139 
U   "H3'"  H  N N 140 
U   "HO3'" H  N N 141 
U   "H2'"  H  N N 142 
U   "HO2'" H  N N 143 
U   "H1'"  H  N N 144 
U   H3     H  N N 145 
U   H5     H  N N 146 
U   H6     H  N N 147 
# 
loop_
_chem_comp_bond.comp_id 
_chem_comp_bond.atom_id_1 
_chem_comp_bond.atom_id_2 
_chem_comp_bond.value_order 
_chem_comp_bond.pdbx_aromatic_flag 
_chem_comp_bond.pdbx_stereo_config 
_chem_comp_bond.pdbx_ordinal 
A   OP3   P      sing N N 1   
A   OP3   HOP3   sing N N 2   
A   P     OP1    doub N N 3   
A   P     OP2    sing N N 4   
A   P     "O5'"  sing N N 5   
A   OP2   HOP2   sing N N 6   
A   "O5'" "C5'"  sing N N 7   
A   "C5'" "C4'"  sing N N 8   
A   "C5'" "H5'"  sing N N 9   
A   "C5'" "H5''" sing N N 10  
A   "C4'" "O4'"  sing N N 11  
A   "C4'" "C3'"  sing N N 12  
A   "C4'" "H4'"  sing N N 13  
A   "O4'" "C1'"  sing N N 14  
A   "C3'" "O3'"  sing N N 15  
A   "C3'" "C2'"  sing N N 16  
A   "C3'" "H3'"  sing N N 17  
A   "O3'" "HO3'" sing N N 18  
A   "C2'" "O2'"  sing N N 19  
A   "C2'" "C1'"  sing N N 20  
A   "C2'" "H2'"  sing N N 21  
A   "O2'" "HO2'" sing N N 22  
A   "C1'" N9     sing N N 23  
A   "C1'" "H1'"  sing N N 24  
A   N9    C8     sing Y N 25  
A   N9    C4     sing Y N 26  
A   C8    N7     doub Y N 27  
A   C8    H8     sing N N 28  
A   N7    C5     sing Y N 29  
A   C5    C6     sing Y N 30  
A   C5    C4     doub Y N 31  
A   C6    N6     sing N N 32  
A   C6    N1     doub Y N 33  
A   N6    H61    sing N N 34  
A   N6    H62    sing N N 35  
A   N1    C2     sing Y N 36  
A   C2    N3     doub Y N 37  
A   C2    H2     sing N N 38  
A   N3    C4     sing Y N 39  
BRU N1    C2     sing N N 40  
BRU N1    C6     sing N N 41  
BRU N1    "C1'"  sing N N 42  
BRU C2    N3     sing N N 43  
BRU C2    O2     doub N N 44  
BRU N3    C4     sing N N 45  
BRU N3    HN3    sing N N 46  
BRU C4    C5     sing N N 47  
BRU C4    O4     doub N N 48  
BRU C5    C6     doub N N 49  
BRU C5    BR     sing N N 50  
BRU C6    H6     sing N N 51  
BRU "C1'" "C2'"  sing N N 52  
BRU "C1'" "O4'"  sing N N 53  
BRU "C1'" "H1'"  sing N N 54  
BRU "C2'" "C3'"  sing N N 55  
BRU "C2'" "H2'"  sing N N 56  
BRU "C2'" "H2''" sing N N 57  
BRU "C3'" "C4'"  sing N N 58  
BRU "C3'" "O3'"  sing N N 59  
BRU "C3'" "H3'"  sing N N 60  
BRU "C4'" "O4'"  sing N N 61  
BRU "C4'" "C5'"  sing N N 62  
BRU "C4'" "H4'"  sing N N 63  
BRU "O3'" "HO3'" sing N N 64  
BRU "C5'" "O5'"  sing N N 65  
BRU "C5'" "H5'"  sing N N 66  
BRU "C5'" "H5''" sing N N 67  
BRU "O5'" P      sing N N 68  
BRU P     OP1    doub N N 69  
BRU P     OP2    sing N N 70  
BRU P     OP3    sing N N 71  
BRU OP2   HOP2   sing N N 72  
BRU OP3   HOP3   sing N N 73  
G   OP3   P      sing N N 74  
G   OP3   HOP3   sing N N 75  
G   P     OP1    doub N N 76  
G   P     OP2    sing N N 77  
G   P     "O5'"  sing N N 78  
G   OP2   HOP2   sing N N 79  
G   "O5'" "C5'"  sing N N 80  
G   "C5'" "C4'"  sing N N 81  
G   "C5'" "H5'"  sing N N 82  
G   "C5'" "H5''" sing N N 83  
G   "C4'" "O4'"  sing N N 84  
G   "C4'" "C3'"  sing N N 85  
G   "C4'" "H4'"  sing N N 86  
G   "O4'" "C1'"  sing N N 87  
G   "C3'" "O3'"  sing N N 88  
G   "C3'" "C2'"  sing N N 89  
G   "C3'" "H3'"  sing N N 90  
G   "O3'" "HO3'" sing N N 91  
G   "C2'" "O2'"  sing N N 92  
G   "C2'" "C1'"  sing N N 93  
G   "C2'" "H2'"  sing N N 94  
G   "O2'" "HO2'" sing N N 95  
G   "C1'" N9     sing N N 96  
G   "C1'" "H1'"  sing N N 97  
G   N9    C8     sing Y N 98  
G   N9    C4     sing Y N 99  
G   C8    N7     doub Y N 100 
G   C8    H8     sing N N 101 
G   N7    C5     sing Y N 102 
G   C5    C6     sing N N 103 
G   C5    C4     doub Y N 104 
G   C6    O6     doub N N 105 
G   C6    N1     sing N N 106 
G   N1    C2     sing N N 107 
G   N1    H1     sing N N 108 
G   C2    N2     sing N N 109 
G   C2    N3     doub N N 110 
G   N2    H21    sing N N 111 
G   N2    H22    sing N N 112 
G   N3    C4     sing N N 113 
HOH O     H1     sing N N 114 
HOH O     H2     sing N N 115 
U   OP3   P      sing N N 116 
U   OP3   HOP3   sing N N 117 
U   P     OP1    doub N N 118 
U   P     OP2    sing N N 119 
U   P     "O5'"  sing N N 120 
U   OP2   HOP2   sing N N 121 
U   "O5'" "C5'"  sing N N 122 
U   "C5'" "C4'"  sing N N 123 
U   "C5'" "H5'"  sing N N 124 
U   "C5'" "H5''" sing N N 125 
U   "C4'" "O4'"  sing N N 126 
U   "C4'" "C3'"  sing N N 127 
U   "C4'" "H4'"  sing N N 128 
U   "O4'" "C1'"  sing N N 129 
U   "C3'" "O3'"  sing N N 130 
U   "C3'" "C2'"  sing N N 131 
U   "C3'" "H3'"  sing N N 132 
U   "O3'" "HO3'" sing N N 133 
U   "C2'" "O2'"  sing N N 134 
U   "C2'" "C1'"  sing N N 135 
U   "C2'" "H2'"  sing N N 136 
U   "O2'" "HO2'" sing N N 137 
U   "C1'" N1     sing N N 138 
U   "C1'" "H1'"  sing N N 139 
U   N1    C2     sing N N 140 
U   N1    C6     sing N N 141 
U   C2    O2     doub N N 142 
U   C2    N3     sing N N 143 
U   N3    C4     sing N N 144 
U   N3    H3     sing N N 145 
U   C4    O4     doub N N 146 
U   C4    C5     sing N N 147 
U   C5    C6     doub N N 148 
U   C5    H5     sing N N 149 
U   C6    H6     sing N N 150 
# 
_atom_sites.entry_id                    1J6S 
_atom_sites.fract_transf_matrix[1][1]   -0.02199945 
_atom_sites.fract_transf_matrix[1][2]   -0.00007450 
_atom_sites.fract_transf_matrix[1][3]   0.01446132 
_atom_sites.fract_transf_matrix[2][1]   0.01355773 
_atom_sites.fract_transf_matrix[2][2]   -0.00926725 
_atom_sites.fract_transf_matrix[2][3]   0.02057710 
_atom_sites.fract_transf_matrix[3][1]   0.00232545 
_atom_sites.fract_transf_matrix[3][2]   0.01138730 
_atom_sites.fract_transf_matrix[3][3]   0.00359628 
_atom_sites.fract_transf_vector[1]      0.408766 
_atom_sites.fract_transf_vector[2]      0.789922 
_atom_sites.fract_transf_vector[3]      0.280394 
# 
loop_
_atom_type.symbol 
BA 
BR 
C  
N  
NA 
O  
P  
# 
loop_
_atom_site.group_PDB 
_atom_site.id 
_atom_site.type_symbol 
_atom_site.label_atom_id 
_atom_site.label_alt_id 
_atom_site.label_comp_id 
_atom_site.label_asym_id 
_atom_site.label_entity_id 
_atom_site.label_seq_id 
_atom_site.pdbx_PDB_ins_code 
_atom_site.Cartn_x 
_atom_site.Cartn_y 
_atom_site.Cartn_z 
_atom_site.occupancy 
_atom_site.B_iso_or_equiv 
_atom_site.pdbx_formal_charge 
_atom_site.auth_seq_id 
_atom_site.auth_comp_id 
_atom_site.auth_asym_id 
_atom_site.auth_atom_id 
_atom_site.pdbx_PDB_model_num 
HETATM 1   N  N1    . BRU A 1 1 ? 3.563   1.677   -7.301  1.00 9.63  ? 1   BRU A N1    1 
HETATM 2   C  C2    . BRU A 1 1 ? 4.550   1.632   -8.273  1.00 9.60  ? 1   BRU A C2    1 
HETATM 3   N  N3    . BRU A 1 1 ? 5.678   0.960   -7.920  1.00 9.34  ? 1   BRU A N3    1 
HETATM 4   C  C4    . BRU A 1 1 ? 5.908   0.302   -6.738  1.00 10.49 ? 1   BRU A C4    1 
HETATM 5   C  C5    . BRU A 1 1 ? 4.857   0.378   -5.795  1.00 9.81  ? 1   BRU A C5    1 
HETATM 6   C  C6    . BRU A 1 1 ? 3.746   1.042   -6.073  1.00 10.25 ? 1   BRU A C6    1 
HETATM 7   O  O2    . BRU A 1 1 ? 4.405   2.118   -9.394  1.00 8.65  ? 1   BRU A O2    1 
HETATM 8   O  O4    . BRU A 1 1 ? 6.912   -0.395  -6.635  1.00 9.59  ? 1   BRU A O4    1 
HETATM 9   BR BR    . BRU A 1 1 ? 5.102   -0.338  -4.089  1.00 14.42 ? 1   BRU A BR    1 
HETATM 10  C  "C1'" . BRU A 1 1 ? 2.326   2.407   -7.622  1.00 9.36  ? 1   BRU A "C1'" 1 
HETATM 11  C  "C2'" . BRU A 1 1 ? 1.047   1.652   -7.326  1.00 9.50  ? 1   BRU A "C2'" 1 
HETATM 12  C  "C3'" . BRU A 1 1 ? 0.085   2.782   -6.979  1.00 9.65  ? 1   BRU A "C3'" 1 
HETATM 13  C  "C4'" . BRU A 1 1 ? 0.981   3.812   -6.302  1.00 9.44  ? 1   BRU A "C4'" 1 
HETATM 14  O  "O3'" . BRU A 1 1 ? -0.396  3.403   -8.189  1.00 9.76  ? 1   BRU A "O3'" 1 
HETATM 15  O  "O4'" . BRU A 1 1 ? 2.298   3.594   -6.829  1.00 9.51  ? 1   BRU A "O4'" 1 
HETATM 16  C  "C5'" . BRU A 1 1 ? 1.000   3.778   -4.791  1.00 9.60  ? 1   BRU A "C5'" 1 
HETATM 17  O  "O5'" . BRU A 1 1 ? 1.470   2.546   -4.302  1.00 9.66  ? 1   BRU A "O5'" 1 
ATOM   18  P  P     . G   A 1 2 ? -1.968  3.610   -8.433  1.00 10.38 ? 2   G   A P     1 
ATOM   19  O  OP1   . G   A 1 2 ? -2.370  4.735   -7.568  1.00 11.91 ? 2   G   A OP1   1 
ATOM   20  O  OP2   . G   A 1 2 ? -2.646  2.300   -8.324  1.00 11.21 ? 2   G   A OP2   1 
ATOM   21  O  "O5'" . G   A 1 2 ? -1.940  4.041   -9.962  1.00 8.86  ? 2   G   A "O5'" 1 
ATOM   22  C  "C5'" . G   A 1 2 ? -1.672  3.091   -10.994 1.00 7.49  ? 2   G   A "C5'" 1 
ATOM   23  C  "C4'" . G   A 1 2 ? -1.685  3.788   -12.316 1.00 6.57  ? 2   G   A "C4'" 1 
ATOM   24  O  "O4'" . G   A 1 2 ? -0.443  4.512   -12.491 1.00 5.76  ? 2   G   A "O4'" 1 
ATOM   25  C  "C3'" . G   A 1 2 ? -1.702  2.868   -13.501 1.00 7.00  ? 2   G   A "C3'" 1 
ATOM   26  O  "O3'" . G   A 1 2 ? -3.048  2.414   -13.685 1.00 7.07  ? 2   G   A "O3'" 1 
ATOM   27  C  "C2'" . G   A 1 2 ? -1.185  3.756   -14.617 1.00 6.48  ? 2   G   A "C2'" 1 
ATOM   28  O  "O2'" . G   A 1 2 ? -2.151  4.643   -15.075 1.00 7.57  ? 2   G   A "O2'" 1 
ATOM   29  C  "C1'" . G   A 1 2 ? -0.146  4.584   -13.872 1.00 5.66  ? 2   G   A "C1'" 1 
ATOM   30  N  N9    . G   A 1 2 ? 1.219   4.110   -14.049 1.00 4.91  ? 2   G   A N9    1 
ATOM   31  C  C8    . G   A 1 2 ? 2.048   3.528   -13.117 1.00 4.59  ? 2   G   A C8    1 
ATOM   32  N  N7    . G   A 1 2 ? 3.271   3.411   -13.543 1.00 4.70  ? 2   G   A N7    1 
ATOM   33  C  C5    . G   A 1 2 ? 3.221   3.867   -14.862 1.00 4.35  ? 2   G   A C5    1 
ATOM   34  C  C6    . G   A 1 2 ? 4.234   3.944   -15.859 1.00 4.65  ? 2   G   A C6    1 
ATOM   35  O  O6    . G   A 1 2 ? 5.406   3.614   -15.770 1.00 5.51  ? 2   G   A O6    1 
ATOM   36  N  N1    . G   A 1 2 ? 3.751   4.442   -17.063 1.00 5.03  ? 2   G   A N1    1 
ATOM   37  C  C2    . G   A 1 2 ? 2.446   4.788   -17.293 1.00 4.34  ? 2   G   A C2    1 
ATOM   38  N  N2    . G   A 1 2 ? 2.154   5.198   -18.553 1.00 5.20  ? 2   G   A N2    1 
ATOM   39  N  N3    . G   A 1 2 ? 1.490   4.721   -16.375 1.00 4.13  ? 2   G   A N3    1 
ATOM   40  C  C4    . G   A 1 2 ? 1.956   4.261   -15.188 1.00 4.21  ? 2   G   A C4    1 
ATOM   41  P  P     . A   A 1 3 ? -3.342  1.177   -14.640 1.00 7.47  ? 3   A   A P     1 
ATOM   42  O  OP1   . A   A 1 3 ? -4.807  0.921   -14.473 1.00 9.06  ? 3   A   A OP1   1 
ATOM   43  O  OP2   . A   A 1 3 ? -2.363  0.102   -14.403 1.00 7.91  ? 3   A   A OP2   1 
ATOM   44  O  "O5'" . A   A 1 3 ? -3.058  1.861   -16.042 1.00 7.07  ? 3   A   A "O5'" 1 
ATOM   45  C  "C5'" . A   A 1 3 ? -2.717  1.126   -17.179 1.00 6.96  ? 3   A   A "C5'" 1 
ATOM   46  C  "C4'" . A   A 1 3 ? -2.553  2.063   -18.324 1.00 6.46  ? 3   A   A "C4'" 1 
ATOM   47  O  "O4'" . A   A 1 3 ? -1.288  2.756   -18.206 1.00 6.11  ? 3   A   A "O4'" 1 
ATOM   48  C  "C3'" . A   A 1 3 ? -2.467  1.411   -19.680 1.00 6.73  ? 3   A   A "C3'" 1 
ATOM   49  O  "O3'" . A   A 1 3 ? -3.765  1.201   -20.210 1.00 6.55  ? 3   A   A "O3'" 1 
ATOM   50  C  "C2'" . A   A 1 3 ? -1.708  2.441   -20.496 1.00 6.64  ? 3   A   A "C2'" 1 
ATOM   51  O  "O2'" . A   A 1 3 ? -2.534  3.498   -20.863 1.00 7.21  ? 3   A   A "O2'" 1 
ATOM   52  C  "C1'" . A   A 1 3 ? -0.729  2.982   -19.473 1.00 5.60  ? 3   A   A "C1'" 1 
ATOM   53  N  N9    . A   A 1 3 ? 0.609   2.394   -19.467 1.00 5.39  ? 3   A   A N9    1 
ATOM   54  C  C8    . A   A 1 3 ? 1.235   1.805   -18.405 1.00 5.11  ? 3   A   A C8    1 
ATOM   55  N  N7    . A   A 1 3 ? 2.492   1.502   -18.638 1.00 5.05  ? 3   A   A N7    1 
ATOM   56  C  C5    . A   A 1 3 ? 2.699   1.928   -19.939 1.00 4.95  ? 3   A   A C5    1 
ATOM   57  C  C6    . A   A 1 3 ? 3.840   1.931   -20.780 1.00 4.85  ? 3   A   A C6    1 
ATOM   58  N  N6    . A   A 1 3 ? 5.038   1.481   -20.378 1.00 5.32  ? 3   A   A N6    1 
ATOM   59  N  N1    . A   A 1 3 ? 3.704   2.391   -22.037 1.00 5.12  ? 3   A   A N1    1 
ATOM   60  C  C2    . A   A 1 3 ? 2.509   2.827   -22.413 1.00 5.78  ? 3   A   A C2    1 
ATOM   61  N  N3    . A   A 1 3 ? 1.378   2.916   -21.722 1.00 5.66  ? 3   A   A N3    1 
ATOM   62  C  C4    . A   A 1 3 ? 1.534   2.442   -20.474 1.00 5.34  ? 3   A   A C4    1 
ATOM   63  P  P     . G   A 1 4 ? -4.120  -0.197  -20.902 1.00 7.64  ? 4   G   A P     1 
ATOM   64  O  OP1   . G   A 1 4 ? -5.576  -0.091  -21.291 1.00 8.43  ? 4   G   A OP1   1 
ATOM   65  O  OP2   . G   A 1 4 ? -3.702  -1.343  -20.054 1.00 9.09  ? 4   G   A OP2   1 
ATOM   66  O  "O5'" . G   A 1 4 ? -3.166  -0.228  -22.181 1.00 7.36  ? 4   G   A "O5'" 1 
ATOM   67  C  "C5'" . G   A 1 4 ? -3.457  0.556   -23.298 1.00 7.12  ? 4   G   A "C5'" 1 
ATOM   68  C  "C4'" . G   A 1 4 ? -2.268  0.552   -24.231 1.00 6.61  ? 4   G   A "C4'" 1 
ATOM   69  O  "O4'" . G   A 1 4 ? -1.089  1.055   -23.561 1.00 6.20  ? 4   G   A "O4'" 1 
ATOM   70  C  "C3'" . G   A 1 4 ? -1.822  -0.838  -24.643 1.00 7.60  ? 4   G   A "C3'" 1 
ATOM   71  O  "O3'" . G   A 1 4 ? -2.705  -1.372  -25.647 1.00 8.48  ? 4   G   A "O3'" 1 
ATOM   72  C  "C2'" . G   A 1 4 ? -0.429  -0.543  -25.168 1.00 6.34  ? 4   G   A "C2'" 1 
ATOM   73  O  "O2'" . G   A 1 4 ? -0.431  0.114   -26.420 1.00 7.67  ? 4   G   A "O2'" 1 
ATOM   74  C  "C1'" . G   A 1 4 ? 0.054   0.428   -24.086 1.00 6.74  ? 4   G   A "C1'" 1 
ATOM   75  N  N9    . G   A 1 4 ? 0.755   -0.223  -22.966 1.00 5.39  ? 4   G   A N9    1 
ATOM   76  C  C8    . G   A 1 4 ? 0.206   -0.567  -21.767 1.00 5.66  ? 4   G   A C8    1 
ATOM   77  N  N7    . G   A 1 4 ? 1.078   -1.017  -20.906 1.00 5.07  ? 4   G   A N7    1 
ATOM   78  C  C5    . G   A 1 4 ? 2.273   -1.020  -21.612 1.00 5.15  ? 4   G   A C5    1 
ATOM   79  C  C6    . G   A 1 4 ? 3.587   -1.357  -21.180 1.00 4.49  ? 4   G   A C6    1 
ATOM   80  O  O6    . G   A 1 4 ? 3.935   -1.740  -20.088 1.00 4.84  ? 4   G   A O6    1 
ATOM   81  N  N1    . G   A 1 4 ? 4.532   -1.157  -22.199 1.00 4.95  ? 4   G   A N1    1 
ATOM   82  C  C2    . G   A 1 4 ? 4.226   -0.700  -23.485 1.00 5.26  ? 4   G   A C2    1 
ATOM   83  N  N2    . G   A 1 4 ? 5.229   -0.605  -24.323 1.00 4.61  ? 4   G   A N2    1 
ATOM   84  N  N3    . G   A 1 4 ? 3.006   -0.388  -23.884 1.00 4.75  ? 4   G   A N3    1 
ATOM   85  C  C4    . G   A 1 4 ? 2.084   -0.556  -22.897 1.00 4.85  ? 4   G   A C4    1 
ATOM   86  P  P     . G   A 1 5 ? -2.803  -2.960  -25.862 1.00 9.65  ? 5   G   A P     1 
ATOM   87  O  OP1   . G   A 1 5 ? -3.986  -3.193  -26.770 1.00 10.62 ? 5   G   A OP1   1 
ATOM   88  O  OP2   . G   A 1 5 ? -2.743  -3.659  -24.556 1.00 10.05 ? 5   G   A OP2   1 
ATOM   89  O  "O5'" . G   A 1 5 ? -1.477  -3.320  -26.642 1.00 8.97  ? 5   G   A "O5'" 1 
ATOM   90  C  "C5'" . G   A 1 5 ? -1.235  -2.767  -27.931 1.00 8.71  ? 5   G   A "C5'" 1 
ATOM   91  C  "C4'" . G   A 1 5 ? 0.167   -3.122  -28.365 1.00 8.61  ? 5   G   A "C4'" 1 
ATOM   92  O  "O4'" . G   A 1 5 ? 1.122   -2.538  -27.438 1.00 7.68  ? 5   G   A "O4'" 1 
ATOM   93  C  "C3'" . G   A 1 5 ? 0.506   -4.608  -28.318 1.00 9.18  ? 5   G   A "C3'" 1 
ATOM   94  O  "O3'" . G   A 1 5 ? 0.065   -5.202  -29.547 1.00 10.77 ? 5   G   A "O3'" 1 
ATOM   95  C  "C2'" . G   A 1 5 ? 2.023   -4.607  -28.175 1.00 8.73  ? 5   G   A "C2'" 1 
ATOM   96  O  "O2'" . G   A 1 5 ? 2.606   -4.303  -29.425 1.00 9.64  ? 5   G   A "O2'" 1 
ATOM   97  C  "C1'" . G   A 1 5 ? 2.229   -3.386  -27.290 1.00 8.05  ? 5   G   A "C1'" 1 
ATOM   98  N  N9    . G   A 1 5 ? 2.390   -3.692  -25.868 1.00 7.22  ? 5   G   A N9    1 
ATOM   99  C  C8    . G   A 1 5 ? 1.409   -3.767  -24.911 1.00 6.73  ? 5   G   A C8    1 
ATOM   100 N  N7    . G   A 1 5 ? 1.868   -4.015  -23.724 1.00 6.08  ? 5   G   A N7    1 
ATOM   101 C  C5    . G   A 1 5 ? 3.245   -4.106  -23.897 1.00 6.17  ? 5   G   A C5    1 
ATOM   102 C  C6    . G   A 1 5 ? 4.271   -4.327  -22.955 1.00 5.66  ? 5   G   A C6    1 
ATOM   103 O  O6    . G   A 1 5 ? 4.174   -4.429  -21.737 1.00 5.90  ? 5   G   A O6    1 
ATOM   104 N  N1    . G   A 1 5 ? 5.520   -4.409  -23.570 1.00 5.63  ? 5   G   A N1    1 
ATOM   105 C  C2    . G   A 1 5 ? 5.746   -4.258  -24.935 1.00 6.47  ? 5   G   A C2    1 
ATOM   106 N  N2    . G   A 1 5 ? 6.979   -4.382  -25.357 1.00 6.54  ? 5   G   A N2    1 
ATOM   107 N  N3    . G   A 1 5 ? 4.783   -3.992  -25.816 1.00 6.32  ? 5   G   A N3    1 
ATOM   108 C  C4    . G   A 1 5 ? 3.581   -3.925  -25.223 1.00 6.28  ? 5   G   A C4    1 
ATOM   109 P  P     . U   A 1 6 ? -0.414  -6.729  -29.599 1.00 11.79 ? 6   U   A P     1 
ATOM   110 O  OP1   . U   A 1 6 ? -1.006  -6.874  -30.948 1.00 13.18 ? 6   U   A OP1   1 
ATOM   111 O  OP2   . U   A 1 6 ? -1.239  -7.061  -28.452 1.00 11.95 ? 6   U   A OP2   1 
ATOM   112 O  "O5'" . U   A 1 6 ? 0.900   -7.589  -29.492 1.00 12.44 ? 6   U   A "O5'" 1 
ATOM   113 C  "C5'" . U   A 1 6 ? 1.986   -7.404  -30.419 1.00 12.43 ? 6   U   A "C5'" 1 
ATOM   114 C  "C4'" . U   A 1 6 ? 3.177   -8.202  -29.967 1.00 12.94 ? 6   U   A "C4'" 1 
ATOM   115 O  "O4'" . U   A 1 6 ? 3.699   -7.667  -28.731 1.00 13.02 ? 6   U   A "O4'" 1 
ATOM   116 C  "C3'" . U   A 1 6 ? 2.842   -9.663  -29.737 1.00 12.77 ? 6   U   A "C3'" 1 
ATOM   117 O  "O3'" . U   A 1 6 ? 3.954   -10.350 -30.394 1.00 13.78 ? 6   U   A "O3'" 1 
ATOM   118 C  "C2'" . U   A 1 6 ? 3.077   -9.877  -28.246 1.00 12.71 ? 6   U   A "C2'" 1 
ATOM   119 O  "O2'" . U   A 1 6 ? 3.557   -11.128 -27.891 1.00 13.37 ? 6   U   A "O2'" 1 
ATOM   120 C  "C1'" . U   A 1 6 ? 3.968   -8.701  -27.838 1.00 12.48 ? 6   U   A "C1'" 1 
ATOM   121 N  N1    . U   A 1 6 ? 3.804   -8.186  -26.472 1.00 11.69 ? 6   U   A N1    1 
ATOM   122 C  C2    . U   A 1 6 ? 4.936   -8.046  -25.694 1.00 11.43 ? 6   U   A C2    1 
ATOM   123 O  O2    . U   A 1 6 ? 6.072   -8.219  -26.125 1.00 12.52 ? 6   U   A O2    1 
ATOM   124 N  N3    . U   A 1 6 ? 4.690   -7.679  -24.395 1.00 10.45 ? 6   U   A N3    1 
ATOM   125 C  C4    . U   A 1 6 ? 3.480   -7.400  -23.818 1.00 9.96  ? 6   U   A C4    1 
ATOM   126 O  O4    . U   A 1 6 ? 3.420   -7.264  -22.587 1.00 8.94  ? 6   U   A O4    1 
ATOM   127 C  C5    . U   A 1 6 ? 2.356   -7.480  -24.710 1.00 10.39 ? 6   U   A C5    1 
ATOM   128 C  C6    . U   A 1 6 ? 2.551   -7.879  -25.979 1.00 11.12 ? 6   U   A C6    1 
HETATM 129 N  N1    . BRU B 1 1 ? 1.770   -12.157 11.406  1.00 6.70  ? 7   BRU B N1    1 
HETATM 130 C  C2    . BRU B 1 1 ? 0.469   -11.983 10.951  1.00 6.40  ? 7   BRU B C2    1 
HETATM 131 N  N3    . BRU B 1 1 ? 0.327   -11.783 9.573   1.00 6.30  ? 7   BRU B N3    1 
HETATM 132 C  C4    . BRU B 1 1 ? 1.331   -11.786 8.606   1.00 6.90  ? 7   BRU B C4    1 
HETATM 133 C  C5    . BRU B 1 1 ? 2.661   -11.997 9.193   1.00 6.38  ? 7   BRU B C5    1 
HETATM 134 C  C6    . BRU B 1 1 ? 2.824   -12.184 10.513  1.00 6.38  ? 7   BRU B C6    1 
HETATM 135 O  O2    . BRU B 1 1 ? -0.490  -12.025 11.722  1.00 6.56  ? 7   BRU B O2    1 
HETATM 136 O  O4    . BRU B 1 1 ? 1.062   -11.577 7.366   1.00 6.18  ? 7   BRU B O4    1 
HETATM 137 BR BR    . BRU B 1 1 ? 4.160   -11.959 8.091   1.00 8.36  ? 7   BRU B BR    1 
HETATM 138 C  "C1'" . BRU B 1 1 ? 1.958   -12.263 12.872  1.00 6.53  ? 7   BRU B "C1'" 1 
HETATM 139 C  "C2'" . BRU B 1 1 ? 1.630   -13.516 13.646  1.00 7.53  ? 7   BRU B "C2'" 1 
HETATM 140 C  "C3'" . BRU B 1 1 ? 2.836   -14.421 13.420  1.00 7.86  ? 7   BRU B "C3'" 1 
HETATM 141 C  "C4'" . BRU B 1 1 ? 3.885   -13.351 13.705  1.00 8.26  ? 7   BRU B "C4'" 1 
HETATM 142 O  "O3'" . BRU B 1 1 ? 2.749   -15.379 14.476  1.00 7.61  ? 7   BRU B "O3'" 1 
HETATM 143 O  "O4'" . BRU B 1 1 ? 3.339   -12.151 13.122  1.00 7.38  ? 7   BRU B "O4'" 1 
HETATM 144 C  "C5'" . BRU B 1 1 ? 5.229   -13.621 13.071  1.00 8.50  ? 7   BRU B "C5'" 1 
HETATM 145 O  "O5'" . BRU B 1 1 ? 5.134   -13.740 11.698  1.00 9.04  ? 7   BRU B "O5'" 1 
ATOM   146 P  P     . G   B 1 2 ? 2.330   -16.888 14.134  1.00 8.50  ? 8   G   B P     1 
ATOM   147 O  OP1   . G   B 1 2 ? 2.622   -17.602 15.405  1.00 8.11  ? 8   G   B OP1   1 
ATOM   148 O  OP2   . G   B 1 2 ? 2.972   -17.353 12.866  1.00 9.40  ? 8   G   B OP2   1 
ATOM   149 O  "O5'" . G   B 1 2 ? 0.784   -16.792 13.856  1.00 7.43  ? 8   G   B "O5'" 1 
ATOM   150 C  "C5'" . G   B 1 2 ? -0.095  -16.511 14.945  1.00 7.52  ? 8   G   B "C5'" 1 
ATOM   151 C  "C4'" . G   B 1 2 ? -1.508  -16.258 14.443  1.00 7.69  ? 8   G   B "C4'" 1 
ATOM   152 O  "O4'" . G   B 1 2 ? -1.490  -15.106 13.561  1.00 7.23  ? 8   G   B "O4'" 1 
ATOM   153 C  "C3'" . G   B 1 2 ? -2.096  -17.329 13.542  1.00 8.44  ? 8   G   B "C3'" 1 
ATOM   154 O  "O3'" . G   B 1 2 ? -2.614  -18.368 14.376  1.00 8.89  ? 8   G   B "O3'" 1 
ATOM   155 C  "C2'" . G   B 1 2 ? -3.183  -16.539 12.832  1.00 7.79  ? 8   G   B "C2'" 1 
ATOM   156 O  "O2'" . G   B 1 2 ? -4.221  -16.206 13.728  1.00 8.24  ? 8   G   B "O2'" 1 
ATOM   157 C  "C1'" . G   B 1 2 ? -2.463  -15.246 12.552  1.00 6.71  ? 8   G   B "C1'" 1 
ATOM   158 N  N9    . G   B 1 2 ? -1.783  -15.169 11.268  1.00 6.26  ? 8   G   B N9    1 
ATOM   159 C  C8    . G   B 1 2 ? -0.447  -15.361 10.989  1.00 5.29  ? 8   G   B C8    1 
ATOM   160 N  N7    . G   B 1 2 ? -0.151  -15.077 9.756   1.00 4.83  ? 8   G   B N7    1 
ATOM   161 C  C5    . G   B 1 2 ? -1.352  -14.704 9.192   1.00 5.02  ? 8   G   B C5    1 
ATOM   162 C  C6    . G   B 1 2 ? -1.647  -14.233 7.905   1.00 4.46  ? 8   G   B C6    1 
ATOM   163 O  O6    . G   B 1 2 ? -0.894  -14.048 7.015   1.00 5.84  ? 8   G   B O6    1 
ATOM   164 N  N1    . G   B 1 2 ? -3.009  -13.985 7.732   1.00 4.59  ? 8   G   B N1    1 
ATOM   165 C  C2    . G   B 1 2 ? -3.948  -14.160 8.702   1.00 4.66  ? 8   G   B C2    1 
ATOM   166 N  N2    . G   B 1 2 ? -5.199  -13.871 8.379   1.00 5.32  ? 8   G   B N2    1 
ATOM   167 N  N3    . G   B 1 2 ? -3.668  -14.589 9.916   1.00 5.13  ? 8   G   B N3    1 
ATOM   168 C  C4    . G   B 1 2 ? -2.369  -14.803 10.098  1.00 5.15  ? 8   G   B C4    1 
ATOM   169 P  P     . A   B 1 3 ? -3.139  -19.724 13.697  1.00 10.30 ? 9   A   B P     1 
ATOM   170 O  OP1   . A   B 1 3 ? -3.433  -20.602 14.871  1.00 11.21 ? 9   A   B OP1   1 
ATOM   171 O  OP2   . A   B 1 3 ? -2.237  -20.174 12.666  1.00 10.33 ? 9   A   B OP2   1 
ATOM   172 O  "O5'" . A   B 1 3 ? -4.483  -19.137 13.107  1.00 10.47 ? 9   A   B "O5'" 1 
ATOM   173 C  "C5'" . A   B 1 3 ? -5.192  -19.744 12.052  1.00 9.47  ? 9   A   B "C5'" 1 
ATOM   174 C  "C4'" . A   B 1 3 ? -6.282  -18.824 11.584  1.00 9.33  ? 9   A   B "C4'" 1 
ATOM   175 O  "O4'" . A   B 1 3 ? -5.678  -17.700 10.869  1.00 9.17  ? 9   A   B "O4'" 1 
ATOM   176 C  "C3'" . A   B 1 3 ? -7.197  -19.444 10.541  1.00 9.47  ? 9   A   B "C3'" 1 
ATOM   177 O  "O3'" . A   B 1 3 ? -8.244  -20.110 11.248  1.00 10.56 ? 9   A   B "O3'" 1 
ATOM   178 C  "C2'" . A   B 1 3 ? -7.770  -18.219 9.850   1.00 8.90  ? 9   A   B "C2'" 1 
ATOM   179 O  "O2'" . A   B 1 3 ? -8.771  -17.578 10.620  1.00 10.35 ? 9   A   B "O2'" 1 
ATOM   180 C  "C1'" . A   B 1 3 ? -6.564  -17.286 9.843   1.00 8.33  ? 9   A   B "C1'" 1 
ATOM   181 N  N9    . A   B 1 3 ? -5.825  -17.264 8.594   1.00 7.33  ? 9   A   B N9    1 
ATOM   182 C  C8    . A   B 1 3 ? -4.508  -17.603 8.398   1.00 7.10  ? 9   A   B C8    1 
ATOM   183 N  N7    . A   B 1 3 ? -4.074  -17.347 7.187   1.00 7.16  ? 9   A   B N7    1 
ATOM   184 C  C5    . A   B 1 3 ? -5.196  -16.840 6.536   1.00 6.13  ? 9   A   B C5    1 
ATOM   185 C  C6    . A   B 1 3 ? -5.399  -16.356 5.220   1.00 5.98  ? 9   A   B C6    1 
ATOM   186 N  N6    . A   B 1 3 ? -4.421  -16.329 4.282   1.00 6.65  ? 9   A   B N6    1 
ATOM   187 N  N1    . A   B 1 3 ? -6.642  -15.928 4.894   1.00 6.53  ? 9   A   B N1    1 
ATOM   188 C  C2    . A   B 1 3 ? -7.594  -15.986 5.806   1.00 6.09  ? 9   A   B C2    1 
ATOM   189 N  N3    . A   B 1 3 ? -7.535  -16.425 7.068   1.00 6.30  ? 9   A   B N3    1 
ATOM   190 C  C4    . A   B 1 3 ? -6.285  -16.820 7.378   1.00 6.57  ? 9   A   B C4    1 
ATOM   191 P  P     . G   B 1 4 ? -8.878  -21.467 10.652  1.00 11.49 ? 10  G   B P     1 
ATOM   192 O  OP1   . G   B 1 4 ? -9.911  -21.899 11.629  1.00 12.24 ? 10  G   B OP1   1 
ATOM   193 O  OP2   . G   B 1 4 ? -7.779  -22.297 10.320  1.00 10.62 ? 10  G   B OP2   1 
ATOM   194 O  "O5'" . G   B 1 4 ? -9.558  -20.989 9.303   1.00 10.18 ? 10  G   B "O5'" 1 
ATOM   195 C  "C5'" . G   B 1 4 ? -10.693 -20.148 9.298   1.00 10.23 ? 10  G   B "C5'" 1 
ATOM   196 C  "C4'" . G   B 1 4 ? -10.985 -19.731 7.887   1.00 9.42  ? 10  G   B "C4'" 1 
ATOM   197 O  "O4'" . G   B 1 4 ? -9.903  -18.887 7.400   1.00 9.14  ? 10  G   B "O4'" 1 
ATOM   198 C  "C3'" . G   B 1 4 ? -11.000 -20.867 6.885   1.00 9.69  ? 10  G   B "C3'" 1 
ATOM   199 O  "O3'" . G   B 1 4 ? -12.241 -21.567 6.915   1.00 10.17 ? 10  G   B "O3'" 1 
ATOM   200 C  "C2'" . G   B 1 4 ? -10.781 -20.129 5.569   1.00 8.93  ? 10  G   B "C2'" 1 
ATOM   201 O  "O2'" . G   B 1 4 ? -11.955 -19.455 5.165   1.00 10.46 ? 10  G   B "O2'" 1 
ATOM   202 C  "C1'" . G   B 1 4 ? -9.722  -19.113 6.003   1.00 8.84  ? 10  G   B "C1'" 1 
ATOM   203 N  N9    . G   B 1 4 ? -8.347  -19.531 5.799   1.00 7.56  ? 10  G   B N9    1 
ATOM   204 C  C8    . G   B 1 4 ? -7.510  -20.069 6.725   1.00 7.20  ? 10  G   B C8    1 
ATOM   205 N  N7    . G   B 1 4 ? -6.272  -20.154 6.312   1.00 6.93  ? 10  G   B N7    1 
ATOM   206 C  C5    . G   B 1 4 ? -6.323  -19.709 5.002   1.00 6.83  ? 10  G   B C5    1 
ATOM   207 C  C6    . G   B 1 4 ? -5.269  -19.514 4.029   1.00 6.21  ? 10  G   B C6    1 
ATOM   208 O  O6    . G   B 1 4 ? -4.018  -19.766 4.130   1.00 5.83  ? 10  G   B O6    1 
ATOM   209 N  N1    . G   B 1 4 ? -5.782  -18.974 2.850   1.00 5.90  ? 10  G   B N1    1 
ATOM   210 C  C2    . G   B 1 4 ? -7.108  -18.682 2.601   1.00 6.32  ? 10  G   B C2    1 
ATOM   211 N  N2    . G   B 1 4 ? -7.419  -18.235 1.371   1.00 7.29  ? 10  G   B N2    1 
ATOM   212 N  N3    . G   B 1 4 ? -8.085  -18.827 3.505   1.00 6.94  ? 10  G   B N3    1 
ATOM   213 C  C4    . G   B 1 4 ? -7.618  -19.346 4.662   1.00 6.74  ? 10  G   B C4    1 
ATOM   214 P  P     . G   B 1 5 ? -12.310 -23.125 6.512   1.00 9.80  ? 11  G   B P     1 
ATOM   215 O  OP1   . G   B 1 5 ? -13.720 -23.491 6.922   1.00 11.14 ? 11  G   B OP1   1 
ATOM   216 O  OP2   . G   B 1 5 ? -11.174 -23.879 7.013   1.00 11.11 ? 11  G   B OP2   1 
ATOM   217 O  "O5'" . G   B 1 5 ? -12.195 -23.142 4.934   1.00 10.20 ? 11  G   B "O5'" 1 
ATOM   218 C  "C5'" . G   B 1 5 ? -13.242 -22.561 4.153   1.00 10.73 ? 11  G   B "C5'" 1 
ATOM   219 C  "C4'" . G   B 1 5 ? -12.838 -22.498 2.712   1.00 11.22 ? 11  G   B "C4'" 1 
ATOM   220 O  "O4'" . G   B 1 5 ? -11.773 -21.524 2.531   1.00 10.38 ? 11  G   B "O4'" 1 
ATOM   221 C  "C3'" . G   B 1 5 ? -12.287 -23.770 2.124   1.00 12.08 ? 11  G   B "C3'" 1 
ATOM   222 O  "O3'" . G   B 1 5 ? -13.387 -24.637 1.824   1.00 12.99 ? 11  G   B "O3'" 1 
ATOM   223 C  "C2'" . G   B 1 5 ? -11.485 -23.258 0.931   1.00 11.59 ? 11  G   B "C2'" 1 
ATOM   224 O  "O2'" . G   B 1 5 ? -12.260 -22.989 -0.228  1.00 13.49 ? 11  G   B "O2'" 1 
ATOM   225 C  "C1'" . G   B 1 5 ? -10.933 -21.936 1.474   1.00 10.38 ? 11  G   B "C1'" 1 
ATOM   226 N  N9    . G   B 1 5 ? -9.576  -22.067 1.999   1.00 9.04  ? 11  G   B N9    1 
ATOM   227 C  C8    . G   B 1 5 ? -9.209  -22.438 3.274   1.00 8.19  ? 11  G   B C8    1 
ATOM   228 N  N7    . G   B 1 5 ? -7.914  -22.497 3.429   1.00 8.35  ? 11  G   B N7    1 
ATOM   229 C  C5    . G   B 1 5 ? -7.396  -22.101 2.189   1.00 7.65  ? 11  G   B C5    1 
ATOM   230 C  C6    . G   B 1 5 ? -6.063  -21.960 1.754   1.00 7.80  ? 11  G   B C6    1 
ATOM   231 O  O6    . G   B 1 5 ? -5.054  -22.103 2.399   1.00 7.92  ? 11  G   B O6    1 
ATOM   232 N  N1    . G   B 1 5 ? -5.987  -21.607 0.411   1.00 7.53  ? 11  G   B N1    1 
ATOM   233 C  C2    . G   B 1 5 ? -7.060  -21.402 -0.412  1.00 8.01  ? 11  G   B C2    1 
ATOM   234 N  N2    . G   B 1 5 ? -6.776  -21.124 -1.685  1.00 7.92  ? 11  G   B N2    1 
ATOM   235 N  N3    . G   B 1 5 ? -8.321  -21.485 -0.006  1.00 8.38  ? 11  G   B N3    1 
ATOM   236 C  C4    . G   B 1 5 ? -8.409  -21.848 1.297   1.00 8.26  ? 11  G   B C4    1 
ATOM   237 P  P     . U   B 1 6 ? -13.141 -26.210 1.650   1.00 14.01 ? 12  U   B P     1 
ATOM   238 O  OP1   . U   B 1 6 ? -12.380 -26.310 0.393   1.00 15.23 ? 12  U   B OP1   1 
ATOM   239 O  OP2   . U   B 1 6 ? -14.417 -26.958 1.804   1.00 15.58 ? 12  U   B OP2   1 
ATOM   240 O  "O5'" . U   B 1 6 ? -12.271 -26.643 2.893   1.00 14.60 ? 12  U   B "O5'" 1 
ATOM   241 C  "C5'" . U   B 1 6 ? -12.316 -27.973 3.406   1.00 15.42 ? 12  U   B "C5'" 1 
ATOM   242 C  "C4'" . U   B 1 6 ? -11.245 -28.135 4.439   1.00 15.72 ? 12  U   B "C4'" 1 
ATOM   243 O  "O4'" . U   B 1 6 ? -9.978  -28.141 3.750   1.00 14.75 ? 12  U   B "O4'" 1 
ATOM   244 C  "C3'" . U   B 1 6 ? -11.134 -27.211 5.647   1.00 16.16 ? 12  U   B "C3'" 1 
ATOM   245 O  "O3'" . U   B 1 6 ? -11.229 -27.906 6.875   1.00 17.78 ? 12  U   B "O3'" 1 
ATOM   246 C  "C2'" . U   B 1 6 ? -10.083 -26.214 5.165   1.00 15.72 ? 12  U   B "C2'" 1 
ATOM   247 O  "O2'" . U   B 1 6 ? -9.686  -25.463 6.310   1.00 17.17 ? 12  U   B "O2'" 1 
ATOM   248 C  "C1'" . U   B 1 6 ? -9.273  -27.159 4.474   1.00 14.86 ? 12  U   B "C1'" 1 
ATOM   249 N  N1    . U   B 1 6 ? -8.166  -26.688 3.656   1.00 13.46 ? 12  U   B N1    1 
ATOM   250 C  C2    . U   B 1 6 ? -6.876  -26.538 4.030   1.00 12.83 ? 12  U   B C2    1 
ATOM   251 O  O2    . U   B 1 6 ? -6.446  -26.962 5.070   1.00 12.60 ? 12  U   B O2    1 
ATOM   252 N  N3    . U   B 1 6 ? -6.081  -25.877 3.133   1.00 12.72 ? 12  U   B N3    1 
ATOM   253 C  C4    . U   B 1 6 ? -6.444  -25.347 1.927   1.00 12.54 ? 12  U   B C4    1 
ATOM   254 O  O4    . U   B 1 6 ? -5.570  -24.872 1.205   1.00 12.11 ? 12  U   B O4    1 
ATOM   255 C  C5    . U   B 1 6 ? -7.833  -25.516 1.590   1.00 12.92 ? 12  U   B C5    1 
ATOM   256 C  C6    . U   B 1 6 ? -8.627  -26.164 2.456   1.00 13.17 ? 12  U   B C6    1 
HETATM 257 N  N1    . BRU C 1 1 ? 10.873  -9.054  5.649   1.00 9.10  ? 13  BRU C N1    1 
HETATM 258 C  C2    . BRU C 1 1 ? 9.733   -8.993  6.402   1.00 9.43  ? 13  BRU C C2    1 
HETATM 259 N  N3    . BRU C 1 1 ? 9.919   -9.040  7.758   1.00 9.29  ? 13  BRU C N3    1 
HETATM 260 C  C4    . BRU C 1 1 ? 11.130  -9.183  8.421   1.00 9.35  ? 13  BRU C C4    1 
HETATM 261 C  C5    . BRU C 1 1 ? 12.268  -9.268  7.561   1.00 9.30  ? 13  BRU C C5    1 
HETATM 262 C  C6    . BRU C 1 1 ? 12.109  -9.185  6.229   1.00 9.43  ? 13  BRU C C6    1 
HETATM 263 O  O2    . BRU C 1 1 ? 8.620   -8.909  5.901   1.00 9.11  ? 13  BRU C O2    1 
HETATM 264 O  O4    . BRU C 1 1 ? 11.148  -9.258  9.642   1.00 9.64  ? 13  BRU C O4    1 
HETATM 265 BR BR    . BRU C 1 1 ? 13.969  -9.592  8.290   1.00 12.43 ? 13  BRU C BR    1 
HETATM 266 C  "C1'" . BRU C 1 1 ? 10.735  -9.014  4.196   1.00 9.94  ? 13  BRU C "C1'" 1 
HETATM 267 C  "C2'" . BRU C 1 1 ? 11.730  -8.094  3.513   1.00 10.26 ? 13  BRU C "C2'" 1 
HETATM 268 C  "C3'" . BRU C 1 1 ? 11.958  -8.810  2.191   1.00 10.59 ? 13  BRU C "C3'" 1 
HETATM 269 C  "C4'" . BRU C 1 1 ? 11.805  -10.306 2.534   1.00 10.95 ? 13  BRU C "C4'" 1 
HETATM 270 O  "O3'" . BRU C 1 1 ? 10.840  -8.449  1.364   1.00 10.19 ? 13  BRU C "O3'" 1 
HETATM 271 O  "O4'" . BRU C 1 1 ? 10.989  -10.351 3.726   1.00 10.27 ? 13  BRU C "O4'" 1 
HETATM 272 C  "C5'" . BRU C 1 1 ? 13.078  -11.089 2.777   1.00 12.26 ? 13  BRU C "C5'" 1 
HETATM 273 O  "O5'" . BRU C 1 1 ? 13.627  -10.861 4.063   1.00 14.46 ? 13  BRU C "O5'" 1 
ATOM   274 P  P     . G   C 1 2 ? 11.047  -7.601  0.023   1.00 9.20  ? 14  G   C P     1 
ATOM   275 O  OP1   . G   C 1 2 ? 11.591  -8.480  -1.011  1.00 10.88 ? 14  G   C OP1   1 
ATOM   276 O  OP2   . G   C 1 2 ? 11.748  -6.351  0.383   1.00 10.14 ? 14  G   C OP2   1 
ATOM   277 O  "O5'" . G   C 1 2 ? 9.537   -7.232  -0.357  1.00 8.50  ? 14  G   C "O5'" 1 
ATOM   278 C  "C5'" . G   C 1 2 ? 8.870   -6.091  0.215   1.00 7.82  ? 14  G   C "C5'" 1 
ATOM   279 C  "C4'" . G   C 1 2 ? 7.472   -5.957  -0.372  1.00 6.48  ? 14  G   C "C4'" 1 
ATOM   280 O  "O4'" . G   C 1 2 ? 6.611   -6.928  0.230   1.00 6.45  ? 14  G   C "O4'" 1 
ATOM   281 C  "C3'" . G   C 1 2 ? 6.776   -4.658  -0.061  1.00 6.54  ? 14  G   C "C3'" 1 
ATOM   282 O  "O3'" . G   C 1 2 ? 7.198   -3.693  -1.048  1.00 7.04  ? 14  G   C "O3'" 1 
ATOM   283 C  "C2'" . G   C 1 2 ? 5.303   -5.009  -0.215  1.00 6.20  ? 14  G   C "C2'" 1 
ATOM   284 O  "O2'" . G   C 1 2 ? 4.871   -5.110  -1.568  1.00 7.55  ? 14  G   C "O2'" 1 
ATOM   285 C  "C1'" . G   C 1 2 ? 5.285   -6.434  0.336   1.00 5.79  ? 14  G   C "C1'" 1 
ATOM   286 N  N9    . G   C 1 2 ? 4.877   -6.581  1.732   1.00 4.98  ? 14  G   C N9    1 
ATOM   287 C  C8    . G   C 1 2 ? 5.605   -7.039  2.796   1.00 4.99  ? 14  G   C C8    1 
ATOM   288 N  N7    . G   C 1 2 ? 4.874   -7.137  3.900   1.00 4.85  ? 14  G   C N7    1 
ATOM   289 C  C5    . G   C 1 2 ? 3.606   -6.716  3.513   1.00 4.66  ? 14  G   C C5    1 
ATOM   290 C  C6    . G   C 1 2 ? 2.392   -6.669  4.220   1.00 5.57  ? 14  G   C C6    1 
ATOM   291 O  O6    . G   C 1 2 ? 2.161   -7.019  5.391   1.00 6.15  ? 14  G   C O6    1 
ATOM   292 N  N1    . G   C 1 2 ? 1.350   -6.203  3.429   1.00 5.06  ? 14  G   C N1    1 
ATOM   293 C  C2    . G   C 1 2 ? 1.441   -5.845  2.139   1.00 4.76  ? 14  G   C C2    1 
ATOM   294 N  N2    . G   C 1 2 ? 0.293   -5.404  1.549   1.00 5.15  ? 14  G   C N2    1 
ATOM   295 N  N3    . G   C 1 2 ? 2.572   -5.868  1.463   1.00 4.11  ? 14  G   C N3    1 
ATOM   296 C  C4    . G   C 1 2 ? 3.604   -6.326  2.203   1.00 4.41  ? 14  G   C C4    1 
ATOM   297 P  P     . A   C 1 3 ? 6.917   -2.155  -0.792  1.00 8.09  ? 15  A   C P     1 
ATOM   298 O  OP1   . A   C 1 3 ? 7.540   -1.439  -1.941  1.00 8.08  ? 15  A   C OP1   1 
ATOM   299 O  OP2   . A   C 1 3 ? 7.304   -1.787  0.584   1.00 8.65  ? 15  A   C OP2   1 
ATOM   300 O  "O5'" . A   C 1 3 ? 5.352   -2.127  -0.983  1.00 6.96  ? 15  A   C "O5'" 1 
ATOM   301 C  "C5'" . A   C 1 3 ? 4.590   -1.061  -0.456  1.00 7.09  ? 15  A   C "C5'" 1 
ATOM   302 C  "C4'" . A   C 1 3 ? 3.147   -1.258  -0.822  1.00 6.66  ? 15  A   C "C4'" 1 
ATOM   303 O  "O4'" . A   C 1 3 ? 2.578   -2.377  -0.061  1.00 6.55  ? 15  A   C "O4'" 1 
ATOM   304 C  "C3'" . A   C 1 3 ? 2.254   -0.123  -0.392  1.00 7.06  ? 15  A   C "C3'" 1 
ATOM   305 O  "O3'" . A   C 1 3 ? 2.346   0.939   -1.347  1.00 6.83  ? 15  A   C "O3'" 1 
ATOM   306 C  "C2'" . A   C 1 3 ? 0.876   -0.756  -0.371  1.00 6.70  ? 15  A   C "C2'" 1 
ATOM   307 O  "O2'" . A   C 1 3 ? 0.317   -0.979  -1.663  1.00 8.40  ? 15  A   C "O2'" 1 
ATOM   308 C  "C1'" . A   C 1 3 ? 1.217   -2.122  0.233   1.00 6.39  ? 15  A   C "C1'" 1 
ATOM   309 N  N9    . A   C 1 3 ? 1.053   -2.246  1.687   1.00 5.88  ? 15  A   C N9    1 
ATOM   310 C  C8    . A   C 1 3 ? 2.009   -2.601  2.623   1.00 5.74  ? 15  A   C C8    1 
ATOM   311 N  N7    . A   C 1 3 ? 1.510   -2.776  3.820   1.00 6.18  ? 15  A   C N7    1 
ATOM   312 C  C5    . A   C 1 3 ? 0.162   -2.494  3.675   1.00 5.76  ? 15  A   C C5    1 
ATOM   313 C  C6    . A   C 1 3 ? -0.899  -2.481  4.601   1.00 5.36  ? 15  A   C C6    1 
ATOM   314 N  N6    . A   C 1 3 ? -0.772  -2.811  5.901   1.00 5.50  ? 15  A   C N6    1 
ATOM   315 N  N1    . A   C 1 3 ? -2.127  -2.096  4.144   1.00 5.19  ? 15  A   C N1    1 
ATOM   316 C  C2    . A   C 1 3 ? -2.249  -1.771  2.855   1.00 5.57  ? 15  A   C C2    1 
ATOM   317 N  N3    . A   C 1 3 ? -1.325  -1.779  1.895   1.00 5.14  ? 15  A   C N3    1 
ATOM   318 C  C4    . A   C 1 3 ? -0.127  -2.150  2.373   1.00 5.79  ? 15  A   C C4    1 
ATOM   319 P  P     . G   C 1 4 ? 2.427   2.459   -0.834  1.00 6.86  ? 16  G   C P     1 
ATOM   320 O  OP1   . G   C 1 4 ? 2.624   3.292   -2.055  1.00 7.74  ? 16  G   C OP1   1 
ATOM   321 O  OP2   . G   C 1 4 ? 3.372   2.534   0.272   1.00 8.41  ? 16  G   C OP2   1 
ATOM   322 O  "O5'" . G   C 1 4 ? 0.972   2.685   -0.235  1.00 7.30  ? 16  G   C "O5'" 1 
ATOM   323 C  "C5'" . G   C 1 4 ? -0.212  2.639   -1.045  1.00 6.98  ? 16  G   C "C5'" 1 
ATOM   324 C  "C4'" . G   C 1 4 ? -1.448  2.647   -0.152  1.00 6.50  ? 16  G   C "C4'" 1 
ATOM   325 O  "O4'" . G   C 1 4 ? -1.500  1.465   0.691   1.00 5.70  ? 16  G   C "O4'" 1 
ATOM   326 C  "C3'" . G   C 1 4 ? -1.464  3.787   0.841   1.00 6.83  ? 16  G   C "C3'" 1 
ATOM   327 O  "O3'" . G   C 1 4 ? -1.882  5.010   0.217   1.00 7.30  ? 16  G   C "O3'" 1 
ATOM   328 C  "C2'" . G   C 1 4 ? -2.421  3.263   1.902   1.00 6.56  ? 16  G   C "C2'" 1 
ATOM   329 O  "O2'" . G   C 1 4 ? -3.770  3.395   1.484   1.00 7.70  ? 16  G   C "O2'" 1 
ATOM   330 C  "C1'" . G   C 1 4 ? -2.031  1.796   1.958   1.00 5.29  ? 16  G   C "C1'" 1 
ATOM   331 N  N9    . G   C 1 4 ? -0.983  1.511   2.931   1.00 4.36  ? 16  G   C N9    1 
ATOM   332 C  C8    . G   C 1 4 ? 0.364   1.422   2.719   1.00 4.87  ? 16  G   C C8    1 
ATOM   333 N  N7    . G   C 1 4 ? 1.028   1.034   3.789   1.00 3.76  ? 16  G   C N7    1 
ATOM   334 C  C5    . G   C 1 4 ? 0.058   0.864   4.753   1.00 4.25  ? 16  G   C C5    1 
ATOM   335 C  C6    . G   C 1 4 ? 0.169   0.406   6.083   1.00 4.24  ? 16  G   C C6    1 
ATOM   336 O  O6    . G   C 1 4 ? 1.191   0.083   6.692   1.00 4.52  ? 16  G   C O6    1 
ATOM   337 N  N1    . G   C 1 4 ? -1.054  0.372   6.715   1.00 4.55  ? 16  G   C N1    1 
ATOM   338 C  C2    . G   C 1 4 ? -2.247  0.802   6.130   1.00 4.25  ? 16  G   C C2    1 
ATOM   339 N  N2    . G   C 1 4 ? -3.334  0.818   6.898   1.00 4.91  ? 16  G   C N2    1 
ATOM   340 N  N3    . G   C 1 4 ? -2.345  1.210   4.879   1.00 4.78  ? 16  G   C N3    1 
ATOM   341 C  C4    . G   C 1 4 ? -1.185  1.208   4.265   1.00 4.73  ? 16  G   C C4    1 
ATOM   342 P  P     . G   C 1 5 ? -1.321  6.372   0.760   1.00 8.40  ? 17  G   C P     1 
ATOM   343 O  OP1   . G   C 1 5 ? -1.723  7.477   -0.193  1.00 10.75 ? 17  G   C OP1   1 
ATOM   344 O  OP2   . G   C 1 5 ? 0.073   6.190   1.117   1.00 9.26  ? 17  G   C OP2   1 
ATOM   345 O  "O5'" . G   C 1 5 ? -2.131  6.621   2.122   1.00 7.53  ? 17  G   C "O5'" 1 
ATOM   346 C  "C5'" . G   C 1 5 ? -3.529  6.935   2.077   1.00 8.43  ? 17  G   C "C5'" 1 
ATOM   347 C  "C4'" . G   C 1 5 ? -4.126  6.940   3.469   1.00 8.03  ? 17  G   C "C4'" 1 
ATOM   348 O  "O4'" . G   C 1 5 ? -4.005  5.634   4.090   1.00 7.72  ? 17  G   C "O4'" 1 
ATOM   349 C  "C3'" . G   C 1 5 ? -3.408  7.847   4.442   1.00 8.66  ? 17  G   C "C3'" 1 
ATOM   350 O  "O3'" . G   C 1 5 ? -3.798  9.201   4.218   1.00 10.27 ? 17  G   C "O3'" 1 
ATOM   351 C  "C2'" . G   C 1 5 ? -3.845  7.259   5.789   1.00 8.54  ? 17  G   C "C2'" 1 
ATOM   352 O  "O2'" . G   C 1 5 ? -5.161  7.647   6.101   1.00 9.71  ? 17  G   C "O2'" 1 
ATOM   353 C  "C1'" . G   C 1 5 ? -3.790  5.765   5.482   1.00 7.00  ? 17  G   C "C1'" 1 
ATOM   354 N  N9    . G   C 1 5 ? -2.502  5.156   5.797   1.00 5.73  ? 17  G   C N9    1 
ATOM   355 C  C8    . G   C 1 5 ? -1.359  5.068   5.005   1.00 5.21  ? 17  G   C C8    1 
ATOM   356 N  N7    . G   C 1 5 ? -0.404  4.392   5.587   1.00 4.92  ? 17  G   C N7    1 
ATOM   357 C  C5    . G   C 1 5 ? -0.934  4.020   6.826   1.00 4.65  ? 17  G   C C5    1 
ATOM   358 C  C6    . G   C 1 5 ? -0.331  3.279   7.912   1.00 4.52  ? 17  G   C C6    1 
ATOM   359 O  O6    . G   C 1 5 ? 0.788   2.827   7.986   1.00 3.99  ? 17  G   C O6    1 
ATOM   360 N  N1    . G   C 1 5 ? -1.187  3.144   9.003   1.00 4.55  ? 17  G   C N1    1 
ATOM   361 C  C2    . G   C 1 5 ? -2.457  3.700   9.067   1.00 5.03  ? 17  G   C C2    1 
ATOM   362 N  N2    . G   C 1 5 ? -3.105  3.562   10.195  1.00 5.68  ? 17  G   C N2    1 
ATOM   363 N  N3    . G   C 1 5 ? -3.052  4.385   8.060   1.00 5.13  ? 17  G   C N3    1 
ATOM   364 C  C4    . G   C 1 5 ? -2.218  4.492   6.973   1.00 5.40  ? 17  G   C C4    1 
ATOM   365 P  P     . U   C 1 6 ? -2.885  10.371  4.759   1.00 11.64 ? 18  U   C P     1 
ATOM   366 O  OP1   . U   C 1 6 ? -2.518  10.178  6.175   1.00 12.90 ? 18  U   C OP1   1 
ATOM   367 O  OP2   . U   C 1 6 ? -3.539  11.637  4.375   1.00 12.43 ? 18  U   C OP2   1 
ATOM   368 O  "O5'" . U   C 1 6 ? -1.585  10.242  3.873   1.00 11.96 ? 18  U   C "O5'" 1 
ATOM   369 C  "C5'" . U   C 1 6 ? -0.599  11.276  3.784   1.00 12.25 ? 18  U   C "C5'" 1 
ATOM   370 C  "C4'" . U   C 1 6 ? 0.768   10.655  3.664   1.00 11.91 ? 18  U   C "C4'" 1 
ATOM   371 O  "O4'" . U   C 1 6 ? 1.153   10.091  4.946   1.00 12.02 ? 18  U   C "O4'" 1 
ATOM   372 C  "C3'" . U   C 1 6 ? 1.031   9.616   2.574   1.00 12.08 ? 18  U   C "C3'" 1 
ATOM   373 O  "O3'" . U   C 1 6 ? 2.233   9.869   1.851   1.00 13.59 ? 18  U   C "O3'" 1 
ATOM   374 C  "C2'" . U   C 1 6 ? 1.169   8.364   3.465   1.00 11.96 ? 18  U   C "C2'" 1 
ATOM   375 O  "O2'" . U   C 1 6 ? 1.540   7.153   2.846   1.00 12.02 ? 18  U   C "O2'" 1 
ATOM   376 C  "C1'" . U   C 1 6 ? 1.821   8.895   4.759   1.00 11.55 ? 18  U   C "C1'" 1 
ATOM   377 N  N1    . U   C 1 6 ? 1.516   7.998   5.881   1.00 10.60 ? 18  U   C N1    1 
ATOM   378 C  C2    . U   C 1 6 ? 2.569   7.224   6.375   1.00 10.24 ? 18  U   C C2    1 
ATOM   379 O  O2    . U   C 1 6 ? 3.677   7.205   5.856   1.00 9.64  ? 18  U   C O2    1 
ATOM   380 N  N3    . U   C 1 6 ? 2.267   6.474   7.482   1.00 9.51  ? 18  U   C N3    1 
ATOM   381 C  C4    . U   C 1 6 ? 1.035   6.403   8.143   1.00 9.41  ? 18  U   C C4    1 
ATOM   382 O  O4    . U   C 1 6 ? 0.950   5.821   9.227   1.00 9.02  ? 18  U   C O4    1 
ATOM   383 C  C5    . U   C 1 6 ? -0.008  7.190   7.535   1.00 9.26  ? 18  U   C C5    1 
ATOM   384 C  C6    . U   C 1 6 ? 0.270   7.941   6.448   1.00 10.24 ? 18  U   C C6    1 
HETATM 385 N  N1    . BRU D 1 1 ? 1.477   28.987  19.383  1.00 5.66  ? 19  BRU D N1    1 
HETATM 386 C  C2    . BRU D 1 1 ? 2.103   28.936  18.138  1.00 6.34  ? 19  BRU D C2    1 
HETATM 387 N  N3    . BRU D 1 1 ? 3.376   28.403  18.135  1.00 5.98  ? 19  BRU D N3    1 
HETATM 388 C  C4    . BRU D 1 1 ? 4.080   27.941  19.211  1.00 5.94  ? 19  BRU D C4    1 
HETATM 389 C  C5    . BRU D 1 1 ? 3.377   27.986  20.436  1.00 5.71  ? 19  BRU D C5    1 
HETATM 390 C  C6    . BRU D 1 1 ? 2.131   28.500  20.510  1.00 5.75  ? 19  BRU D C6    1 
HETATM 391 O  O2    . BRU D 1 1 ? 1.555   29.348  17.124  1.00 6.71  ? 19  BRU D O2    1 
HETATM 392 O  O4    . BRU D 1 1 ? 5.254   27.547  19.073  1.00 5.80  ? 19  BRU D O4    1 
HETATM 393 BR BR    . BRU D 1 1 ? 4.197   27.247  21.943  1.00 7.59  ? 19  BRU D BR    1 
HETATM 394 C  "C1'" . BRU D 1 1 ? 0.125   29.585  19.448  1.00 6.31  ? 19  BRU D "C1'" 1 
HETATM 395 C  "C2'" . BRU D 1 1 ? -0.936  28.688  18.800  1.00 6.56  ? 19  BRU D "C2'" 1 
HETATM 396 C  "C3'" . BRU D 1 1 ? -1.501  27.878  19.950  1.00 7.08  ? 19  BRU D "C3'" 1 
HETATM 397 C  "C4'" . BRU D 1 1 ? -1.332  28.816  21.144  1.00 6.75  ? 19  BRU D "C4'" 1 
HETATM 398 O  "O3'" . BRU D 1 1 ? -2.876  27.559  19.750  1.00 7.84  ? 19  BRU D "O3'" 1 
HETATM 399 O  "O4'" . BRU D 1 1 ? -0.212  29.684  20.826  1.00 6.34  ? 19  BRU D "O4'" 1 
HETATM 400 C  "C5'" . BRU D 1 1 ? -1.051  28.201  22.492  1.00 6.88  ? 19  BRU D "C5'" 1 
HETATM 401 O  "O5'" . BRU D 1 1 ? 0.042   27.265  22.442  1.00 7.81  ? 19  BRU D "O5'" 1 
ATOM   402 P  P     . G   D 1 2 ? -3.254  26.134  19.196  1.00 7.51  ? 20  G   D P     1 
ATOM   403 O  OP1   . G   D 1 2 ? -4.739  26.071  19.263  1.00 7.89  ? 20  G   D OP1   1 
ATOM   404 O  OP2   . G   D 1 2 ? -2.416  25.090  19.846  1.00 8.94  ? 20  G   D OP2   1 
ATOM   405 O  "O5'" . G   D 1 2 ? -2.780  26.258  17.692  1.00 6.98  ? 20  G   D "O5'" 1 
ATOM   406 C  "C5'" . G   D 1 2 ? -3.486  27.084  16.778  1.00 6.91  ? 20  G   D "C5'" 1 
ATOM   407 C  "C4'" . G   D 1 2 ? -2.773  27.184  15.475  1.00 7.52  ? 20  G   D "C4'" 1 
ATOM   408 O  "O4'" . G   D 1 2 ? -1.453  27.729  15.688  1.00 6.64  ? 20  G   D "O4'" 1 
ATOM   409 C  "C3'" . G   D 1 2 ? -2.461  25.869  14.772  1.00 7.66  ? 20  G   D "C3'" 1 
ATOM   410 O  "O3'" . G   D 1 2 ? -3.660  25.430  14.112  1.00 8.79  ? 20  G   D "O3'" 1 
ATOM   411 C  "C2'" . G   D 1 2 ? -1.370  26.310  13.821  1.00 7.32  ? 20  G   D "C2'" 1 
ATOM   412 O  "O2'" . G   D 1 2 ? -1.863  27.059  12.710  1.00 8.07  ? 20  G   D "O2'" 1 
ATOM   413 C  "C1'" . G   D 1 2 ? -0.552  27.206  14.745  1.00 6.38  ? 20  G   D "C1'" 1 
ATOM   414 N  N9    . G   D 1 2 ? 0.513   26.540  15.495  1.00 5.65  ? 20  G   D N9    1 
ATOM   415 C  C8    . G   D 1 2 ? 0.526   26.128  16.817  1.00 6.14  ? 20  G   D C8    1 
ATOM   416 N  N7    . G   D 1 2 ? 1.700   25.710  17.207  1.00 5.50  ? 20  G   D N7    1 
ATOM   417 C  C5    . G   D 1 2 ? 2.498   25.855  16.077  1.00 5.41  ? 20  G   D C5    1 
ATOM   418 C  C6    . G   D 1 2 ? 3.880   25.636  15.914  1.00 5.26  ? 20  G   D C6    1 
ATOM   419 O  O6    . G   D 1 2 ? 4.756   25.314  16.776  1.00 4.14  ? 20  G   D O6    1 
ATOM   420 N  N1    . G   D 1 2 ? 4.279   25.874  14.581  1.00 4.82  ? 20  G   D N1    1 
ATOM   421 C  C2    . G   D 1 2 ? 3.448   26.314  13.586  1.00 4.70  ? 20  G   D C2    1 
ATOM   422 N  N2    . G   D 1 2 ? 3.991   26.535  12.369  1.00 4.82  ? 20  G   D N2    1 
ATOM   423 N  N3    . G   D 1 2 ? 2.164   26.557  13.748  1.00 4.51  ? 20  G   D N3    1 
ATOM   424 C  C4    . G   D 1 2 ? 1.768   26.312  15.008  1.00 5.13  ? 20  G   D C4    1 
ATOM   425 P  P     . A   D 1 3 ? -3.709  23.975  13.411  1.00 10.13 ? 21  A   D P     1 
ATOM   426 O  OP1   . A   D 1 3 ? -5.130  23.730  12.968  1.00 10.70 ? 21  A   D OP1   1 
ATOM   427 O  OP2   . A   D 1 3 ? -3.033  22.961  14.239  1.00 9.29  ? 21  A   D OP2   1 
ATOM   428 O  "O5'" . A   D 1 3 ? -2.790  24.268  12.161  1.00 9.44  ? 21  A   D "O5'" 1 
ATOM   429 C  "C5'" . A   D 1 3 ? -2.080  23.278  11.443  1.00 9.35  ? 21  A   D "C5'" 1 
ATOM   430 C  "C4'" . A   D 1 3 ? -1.090  23.941  10.522  1.00 8.71  ? 21  A   D "C4'" 1 
ATOM   431 O  "O4'" . A   D 1 3 ? 0.024   24.459  11.323  1.00 8.49  ? 21  A   D "O4'" 1 
ATOM   432 C  "C3'" . A   D 1 3 ? -0.396  23.032  9.524   1.00 9.30  ? 21  A   D "C3'" 1 
ATOM   433 O  "O3'" . A   D 1 3 ? -1.265  22.915  8.399   1.00 9.44  ? 21  A   D "O3'" 1 
ATOM   434 C  "C2'" . A   D 1 3 ? 0.877   23.810  9.202   1.00 9.19  ? 21  A   D "C2'" 1 
ATOM   435 O  "O2'" . A   D 1 3 ? 0.600   24.853  8.288   1.00 10.73 ? 21  A   D "O2'" 1 
ATOM   436 C  "C1'" . A   D 1 3 ? 1.196   24.452  10.546  1.00 8.15  ? 21  A   D "C1'" 1 
ATOM   437 N  N9    . A   D 1 3 ? 2.248   23.815  11.324  1.00 7.42  ? 21  A   D N9    1 
ATOM   438 C  C8    . A   D 1 3 ? 2.112   23.375  12.602  1.00 7.10  ? 21  A   D C8    1 
ATOM   439 N  N7    . A   D 1 3 ? 3.227   22.928  13.138  1.00 6.43  ? 21  A   D N7    1 
ATOM   440 C  C5    . A   D 1 3 ? 4.169   23.095  12.126  1.00 7.14  ? 21  A   D C5    1 
ATOM   441 C  C6    . A   D 1 3 ? 5.547   22.807  12.056  1.00 7.13  ? 21  A   D C6    1 
ATOM   442 N  N6    . A   D 1 3 ? 6.261   22.349  13.088  1.00 7.12  ? 21  A   D N6    1 
ATOM   443 N  N1    . A   D 1 3 ? 6.180   23.018  10.872  1.00 7.23  ? 21  A   D N1    1 
ATOM   444 C  C2    . A   D 1 3 ? 5.480   23.531  9.871   1.00 7.87  ? 21  A   D C2    1 
ATOM   445 N  N3    . A   D 1 3 ? 4.180   23.851  9.817   1.00 7.19  ? 21  A   D N3    1 
ATOM   446 C  C4    . A   D 1 3 ? 3.569   23.601  10.986  1.00 7.02  ? 21  A   D C4    1 
ATOM   447 P  P     . G   D 1 4 ? -1.342  21.528  7.612   1.00 9.67  ? 22  G   D P     1 
ATOM   448 O  OP1   . G   D 1 4 ? -2.279  21.743  6.444   1.00 11.14 ? 22  G   D OP1   1 
ATOM   449 O  OP2   . G   D 1 4 ? -1.675  20.469  8.581   1.00 10.40 ? 22  G   D OP2   1 
ATOM   450 O  "O5'" . G   D 1 4 ? 0.147   21.275  7.150   1.00 8.87  ? 22  G   D "O5'" 1 
ATOM   451 C  "C5'" . G   D 1 4 ? 0.718   22.081  6.122   1.00 9.03  ? 22  G   D "C5'" 1 
ATOM   452 C  "C4'" . G   D 1 4 ? 2.162   21.716  5.930   1.00 8.62  ? 22  G   D "C4'" 1 
ATOM   453 O  "O4'" . G   D 1 4 ? 2.887   22.093  7.124   1.00 7.85  ? 22  G   D "O4'" 1 
ATOM   454 C  "C3'" . G   D 1 4 ? 2.446   20.230  5.840   1.00 8.54  ? 22  G   D "C3'" 1 
ATOM   455 O  "O3'" . G   D 1 4 ? 2.178   19.704  4.513   1.00 9.66  ? 22  G   D "O3'" 1 
ATOM   456 C  "C2'" . G   D 1 4 ? 3.923   20.199  6.207   1.00 7.99  ? 22  G   D "C2'" 1 
ATOM   457 O  "O2'" . G   D 1 4 ? 4.756   20.656  5.156   1.00 9.46  ? 22  G   D "O2'" 1 
ATOM   458 C  "C1'" . G   D 1 4 ? 3.966   21.219  7.345   1.00 7.85  ? 22  G   D "C1'" 1 
ATOM   459 N  N9    . G   D 1 4 ? 3.783   20.630  8.666   1.00 6.45  ? 22  G   D N9    1 
ATOM   460 C  C8    . G   D 1 4 ? 2.607   20.505  9.362   1.00 6.40  ? 22  G   D C8    1 
ATOM   461 N  N7    . G   D 1 4 ? 2.785   20.069  10.589  1.00 5.94  ? 22  G   D N7    1 
ATOM   462 C  C5    . G   D 1 4 ? 4.155   19.895  10.688  1.00 6.35  ? 22  G   D C5    1 
ATOM   463 C  C6    . G   D 1 4 ? 4.932   19.487  11.790  1.00 5.77  ? 22  G   D C6    1 
ATOM   464 O  O6    . G   D 1 4 ? 4.562   19.319  12.922  1.00 5.91  ? 22  G   D O6    1 
ATOM   465 N  N1    . G   D 1 4 ? 6.282   19.354  11.468  1.00 5.73  ? 22  G   D N1    1 
ATOM   466 C  C2    . G   D 1 4 ? 6.815   19.679  10.241  1.00 5.77  ? 22  G   D C2    1 
ATOM   467 N  N2    . G   D 1 4 ? 8.166   19.512  10.090  1.00 7.13  ? 22  G   D N2    1 
ATOM   468 N  N3    . G   D 1 4 ? 6.103   20.122  9.217   1.00 6.06  ? 22  G   D N3    1 
ATOM   469 C  C4    . G   D 1 4 ? 4.783   20.190  9.509   1.00 6.18  ? 22  G   D C4    1 
ATOM   470 P  P     . G   D 1 5 ? 1.804   18.144  4.329   1.00 9.83  ? 23  G   D P     1 
ATOM   471 O  OP1   . G   D 1 5 ? 1.309   18.054  2.919   1.00 11.18 ? 23  G   D OP1   1 
ATOM   472 O  OP2   . G   D 1 5 ? 0.915   17.727  5.444   1.00 10.55 ? 23  G   D OP2   1 
ATOM   473 O  "O5'" . G   D 1 5 ? 3.212   17.491  4.541   1.00 9.64  ? 23  G   D "O5'" 1 
ATOM   474 C  "C5'" . G   D 1 5 ? 4.206   17.589  3.529   1.00 8.83  ? 23  G   D "C5'" 1 
ATOM   475 C  "C4'" . G   D 1 5 ? 5.451   16.874  3.982   1.00 8.90  ? 23  G   D "C4'" 1 
ATOM   476 O  "O4'" . G   D 1 5 ? 5.946   17.553  5.155   1.00 8.81  ? 23  G   D "O4'" 1 
ATOM   477 C  "C3'" . G   D 1 5 ? 5.240   15.467  4.480   1.00 9.55  ? 23  G   D "C3'" 1 
ATOM   478 O  "O3'" . G   D 1 5 ? 5.327   14.688  3.344   1.00 10.14 ? 23  G   D "O3'" 1 
ATOM   479 C  "C2'" . G   D 1 5 ? 6.458   15.248  5.362   1.00 9.32  ? 23  G   D "C2'" 1 
ATOM   480 O  "O2'" . G   D 1 5 ? 7.627   15.009  4.572   1.00 10.36 ? 23  G   D "O2'" 1 
ATOM   481 C  "C1'" . G   D 1 5 ? 6.581   16.623  6.005   1.00 8.16  ? 23  G   D "C1'" 1 
ATOM   482 N  N9    . G   D 1 5 ? 5.912   16.645  7.296   1.00 7.05  ? 23  G   D N9    1 
ATOM   483 C  C8    . G   D 1 5 ? 4.586   16.940  7.556   1.00 6.38  ? 23  G   D C8    1 
ATOM   484 N  N7    . G   D 1 5 ? 4.300   16.902  8.839   1.00 6.02  ? 23  G   D N7    1 
ATOM   485 C  C5    . G   D 1 5 ? 5.492   16.511  9.445   1.00 5.87  ? 23  G   D C5    1 
ATOM   486 C  C6    . G   D 1 5 ? 5.789   16.270  10.813  1.00 5.08  ? 23  G   D C6    1 
ATOM   487 O  O6    . G   D 1 5 ? 5.028   16.307  11.733  1.00 5.14  ? 23  G   D O6    1 
ATOM   488 N  N1    . G   D 1 5 ? 7.134   15.945  11.014  1.00 5.27  ? 23  G   D N1    1 
ATOM   489 C  C2    . G   D 1 5 ? 8.061   15.802  9.974   1.00 5.67  ? 23  G   D C2    1 
ATOM   490 N  N2    . G   D 1 5 ? 9.298   15.405  10.313  1.00 5.36  ? 23  G   D N2    1 
ATOM   491 N  N3    . G   D 1 5 ? 7.769   16.014  8.694   1.00 6.52  ? 23  G   D N3    1 
ATOM   492 C  C4    . G   D 1 5 ? 6.495   16.371  8.510   1.00 6.47  ? 23  G   D C4    1 
ATOM   493 P  P     . U   D 1 6 ? 4.389   13.395  3.424   1.00 16.72 ? 24  U   D P     1 
ATOM   494 O  OP1   . U   D 1 6 ? 4.765   12.984  2.036   1.00 19.46 ? 24  U   D OP1   1 
ATOM   495 O  OP2   . U   D 1 6 ? 2.962   13.652  3.751   1.00 17.35 ? 24  U   D OP2   1 
ATOM   496 O  "O5'" . U   D 1 6 ? 4.998   12.475  4.537   1.00 17.36 ? 24  U   D "O5'" 1 
HETATM 497 BA BA    . BA  E 2 . ? 5.774   -3.780  -19.623 0.25 6.26  ? 105 BA  A BA    1 
HETATM 498 BA BA    . BA  F 2 . ? 4.899   -7.901  -20.854 0.25 41.03 ? 108 BA  A BA    1 
HETATM 499 NA NA    . NA  G 3 . ? 7.612   5.363   -16.688 0.25 35.83 ? 205 NA  A NA    1 
HETATM 500 NA NA    . NA  H 3 . ? 6.920   2.049   -17.735 0.25 10.13 ? 206 NA  A NA    1 
HETATM 501 BA BA    . BA  I 2 . ? -2.530  -21.145 2.353   0.25 5.19  ? 103 BA  B BA    1 
HETATM 502 BA BA    . BA  J 2 . ? -0.563  -11.524 5.385   0.25 3.08  ? 104 BA  B BA    1 
HETATM 503 NA NA    . NA  K 3 . ? -1.337  -15.311 4.185   0.25 14.45 ? 202 NA  B NA    1 
HETATM 504 NA NA    . NA  L 3 . ? -3.167  -24.251 1.381   0.25 27.25 ? 207 NA  B NA    1 
HETATM 505 BA BA    . BA  M 2 . ? 1.929   0.685   9.252   0.25 2.66  ? 101 BA  C BA    1 
HETATM 506 BA BA    . BA  N 2 . ? 3.673   7.652   0.957   0.25 13.95 ? 106 BA  C BA    1 
HETATM 507 NA NA    . NA  O 3 . ? 2.519   3.594   10.166  0.25 14.51 ? 201 NA  C NA    1 
HETATM 508 NA NA    . NA  P 3 . ? 0.697   -5.319  7.348   0.25 11.21 ? 203 NA  C NA    1 
HETATM 509 NA NA    . NA  Q 3 . ? -0.071  -9.078  6.159   0.25 34.11 ? 209 NA  C NA    1 
HETATM 510 BA BA    . BA  R 2 . ? 5.275   17.060  14.423  0.25 3.82  ? 102 BA  D BA    1 
HETATM 511 BA BA    . BA  S 2 . ? 7.193   26.478  17.391  0.25 2.09  ? 107 BA  D BA    1 
HETATM 512 NA NA    . NA  T 3 . ? 6.457   22.886  16.257  0.25 13.39 ? 208 NA  D NA    1 
HETATM 513 O  O     . HOH U 4 . ? -3.163  3.994   -23.696 1.00 15.13 ? 303 HOH A O     1 
HETATM 514 O  O     . HOH U 4 . ? 2.203   0.364   -26.782 1.00 12.50 ? 306 HOH A O     1 
HETATM 515 O  O     . HOH U 4 . ? -2.725  -3.497  -21.766 1.00 11.78 ? 308 HOH A O     1 
HETATM 516 O  O     . HOH U 4 . ? -2.130  -2.525  -18.215 1.00 13.30 ? 312 HOH A O     1 
HETATM 517 O  O     . HOH U 4 . ? 4.758   4.391   -5.574  1.00 17.79 ? 319 HOH A O     1 
HETATM 518 O  O     . HOH U 4 . ? -2.755  1.001   -27.910 1.00 15.03 ? 322 HOH A O     1 
HETATM 519 O  O     . HOH U 4 . ? -3.027  0.612   -6.342  1.00 13.98 ? 323 HOH A O     1 
HETATM 520 O  O     . HOH U 4 . ? -1.711  -0.749  -11.963 1.00 21.99 ? 324 HOH A O     1 
HETATM 521 O  O     . HOH U 4 . ? -0.686  -7.707  -25.975 1.00 13.69 ? 328 HOH A O     1 
HETATM 522 O  O     . HOH U 4 . ? -0.233  4.578   -23.308 1.00 15.20 ? 330 HOH A O     1 
HETATM 523 O  O     . HOH U 4 . ? -1.767  -6.024  -24.135 1.00 23.26 ? 338 HOH A O     1 
HETATM 524 O  O     . HOH U 4 . ? -4.589  -0.963  -28.447 1.00 25.18 ? 344 HOH A O     1 
HETATM 525 O  O     . HOH U 4 . ? 7.444   -11.329 -26.198 1.00 16.46 ? 348 HOH A O     1 
HETATM 526 O  O     . HOH U 4 . ? -5.623  -3.360  -19.229 1.00 21.84 ? 349 HOH A O     1 
HETATM 527 O  O     . HOH U 4 . ? -7.156  1.244   -18.954 1.00 24.60 ? 350 HOH A O     1 
HETATM 528 O  O     . HOH U 4 . ? 0.156   0.204   -4.091  1.00 11.25 ? 355 HOH A O     1 
HETATM 529 O  O     . HOH U 4 . ? -4.791  5.594   -24.720 1.00 13.14 ? 359 HOH A O     1 
HETATM 530 O  O     . HOH U 4 . ? 3.658   -13.102 -30.549 1.00 15.21 ? 360 HOH A O     1 
HETATM 531 O  O     . HOH U 4 . ? -7.555  2.508   -17.171 1.00 22.94 ? 362 HOH A O     1 
HETATM 532 O  O     . HOH U 4 . ? 2.204   -0.511  -29.595 1.00 27.55 ? 364 HOH A O     1 
HETATM 533 O  O     . HOH U 4 . ? 5.232   -5.018  -29.437 1.00 27.15 ? 378 HOH A O     1 
HETATM 534 O  O     . HOH U 4 . ? -4.397  4.341   -5.656  1.00 25.13 ? 381 HOH A O     1 
HETATM 535 O  O     . HOH U 4 . ? 5.590   -12.318 -28.232 1.00 21.43 ? 385 HOH A O     1 
HETATM 536 O  O     . HOH U 4 . ? 1.528   -13.556 -32.541 1.00 22.79 ? 386 HOH A O     1 
HETATM 537 O  O     . HOH U 4 . ? 4.451   -10.095 -21.575 0.25 18.14 ? 387 HOH A O     1 
HETATM 538 O  O     . HOH U 4 . ? 8.470   2.736   -4.159  1.00 26.05 ? 388 HOH A O     1 
HETATM 539 O  O     . HOH U 4 . ? 10.029  1.857   -6.022  1.00 34.05 ? 389 HOH A O     1 
HETATM 540 O  O     . HOH U 4 . ? -3.228  3.171   -26.717 1.00 29.93 ? 394 HOH A O     1 
HETATM 541 O  O     . HOH U 4 . ? 1.459   -3.710  -32.033 1.00 28.93 ? 395 HOH A O     1 
HETATM 542 O  O     . HOH U 4 . ? -3.167  0.060   -9.734  1.00 25.64 ? 410 HOH A O     1 
HETATM 543 O  O     . HOH U 4 . ? -6.105  -0.892  -15.933 1.00 28.49 ? 412 HOH A O     1 
HETATM 544 O  O     . HOH U 4 . ? -8.895  1.996   -14.239 1.00 23.58 ? 413 HOH A O     1 
HETATM 545 O  O     . HOH U 4 . ? -0.712  -8.917  -32.847 1.00 25.23 ? 414 HOH A O     1 
HETATM 546 O  O     . HOH U 4 . ? 2.620   -8.644  -33.583 1.00 31.06 ? 415 HOH A O     1 
HETATM 547 O  O     . HOH U 4 . ? -0.096  -5.328  -32.967 1.00 29.11 ? 416 HOH A O     1 
HETATM 548 O  O     . HOH U 4 . ? -2.168  7.264   -15.189 1.00 26.32 ? 421 HOH A O     1 
HETATM 549 O  O     . HOH V 4 . ? -10.952 -18.148 3.097   1.00 13.06 ? 304 HOH B O     1 
HETATM 550 O  O     . HOH V 4 . ? 2.759   -19.589 11.784  1.00 10.96 ? 305 HOH B O     1 
HETATM 551 O  O     . HOH V 4 . ? -8.521  -23.637 8.169   1.00 17.07 ? 316 HOH B O     1 
HETATM 552 O  O     . HOH V 4 . ? -5.092  -22.930 9.817   1.00 15.40 ? 317 HOH B O     1 
HETATM 553 O  O     . HOH V 4 . ? -6.512  -14.940 12.804  1.00 18.65 ? 329 HOH B O     1 
HETATM 554 O  O     . HOH V 4 . ? -4.653  -24.207 12.615  1.00 25.51 ? 336 HOH B O     1 
HETATM 555 O  O     . HOH V 4 . ? -6.670  -29.280 1.983   1.00 18.37 ? 340 HOH B O     1 
HETATM 556 O  O     . HOH V 4 . ? 7.366   -13.476 10.072  1.00 19.41 ? 353 HOH B O     1 
HETATM 557 O  O     . HOH V 4 . ? 0.538   -20.797 13.191  1.00 17.45 ? 358 HOH B O     1 
HETATM 558 O  O     . HOH V 4 . ? -4.906  -31.383 1.694   1.00 22.88 ? 366 HOH B O     1 
HETATM 559 O  O     . HOH V 4 . ? -9.484  -17.710 13.503  1.00 23.58 ? 367 HOH B O     1 
HETATM 560 O  O     . HOH V 4 . ? 0.979   -19.668 16.173  1.00 25.96 ? 373 HOH B O     1 
HETATM 561 O  O     . HOH V 4 . ? -15.379 -29.142 0.386   1.00 35.06 ? 379 HOH B O     1 
HETATM 562 O  O     . HOH V 4 . ? 9.421   -12.712 11.293  1.00 37.96 ? 380 HOH B O     1 
HETATM 563 O  O     . HOH V 4 . ? -15.670 -27.113 4.402   1.00 31.13 ? 383 HOH B O     1 
HETATM 564 O  O     . HOH V 4 . ? -15.356 -25.610 5.983   1.00 27.35 ? 391 HOH B O     1 
HETATM 565 O  O     . HOH V 4 . ? -14.908 -19.627 6.204   1.00 28.69 ? 392 HOH B O     1 
HETATM 566 O  O     . HOH V 4 . ? -5.584  -17.731 15.460  1.00 23.06 ? 417 HOH B O     1 
HETATM 567 O  O     . HOH V 4 . ? -7.317  -13.746 10.449  1.00 10.09 ? 419 HOH B O     1 
HETATM 568 O  O     . HOH V 4 . ? -4.629  -14.690 16.605  1.00 31.06 ? 420 HOH B O     1 
HETATM 569 O  O     . HOH V 4 . ? 1.206   -22.555 15.470  1.00 28.24 ? 423 HOH B O     1 
HETATM 570 O  O     . HOH W 4 . ? -4.462  6.839   8.850   1.00 12.33 ? 214 HOH C O     1 
HETATM 571 O  O     . HOH W 4 . ? -2.062  -1.738  -0.745  1.00 10.30 ? 301 HOH C O     1 
HETATM 572 O  O     . HOH W 4 . ? 11.202  -4.468  2.343   1.00 12.41 ? 307 HOH C O     1 
HETATM 573 O  O     . HOH W 4 . ? 2.874   4.955   1.687   1.00 14.81 ? 313 HOH C O     1 
HETATM 574 O  O     . HOH W 4 . ? 7.247   0.304   1.990   1.00 16.56 ? 318 HOH C O     1 
HETATM 575 O  O     . HOH W 4 . ? -4.709  4.380   -1.193  1.00 18.87 ? 327 HOH C O     1 
HETATM 576 O  O     . HOH W 4 . ? 10.003  -2.306  1.014   1.00 21.34 ? 331 HOH C O     1 
HETATM 577 O  O     . HOH W 4 . ? -3.216  9.800   8.615   1.00 22.70 ? 332 HOH C O     1 
HETATM 578 O  O     . HOH W 4 . ? 7.581   -11.171 7.832   1.00 18.16 ? 333 HOH C O     1 
HETATM 579 O  O     . HOH W 4 . ? 14.546  -6.192  0.473   1.00 28.20 ? 334 HOH C O     1 
HETATM 580 O  O     . HOH W 4 . ? 5.396   1.996   2.062   1.00 18.61 ? 335 HOH C O     1 
HETATM 581 O  O     . HOH W 4 . ? 11.547  -4.137  -1.483  1.00 23.51 ? 343 HOH C O     1 
HETATM 582 O  O     . HOH W 4 . ? 10.063  -9.759  -2.788  1.00 24.38 ? 345 HOH C O     1 
HETATM 583 O  O     . HOH W 4 . ? 13.147  -10.736 -0.858  1.00 27.46 ? 346 HOH C O     1 
HETATM 584 O  O     . HOH W 4 . ? 13.476  -4.227  3.939   1.00 11.72 ? 356 HOH C O     1 
HETATM 585 O  O     . HOH W 4 . ? -2.851  4.035   -3.281  1.00 14.97 ? 361 HOH C O     1 
HETATM 586 O  O     . HOH W 4 . ? 8.487   -7.523  -3.508  1.00 25.27 ? 365 HOH C O     1 
HETATM 587 O  O     . HOH W 4 . ? 3.785   10.703  0.241   1.00 23.86 ? 369 HOH C O     1 
HETATM 588 O  O     . HOH W 4 . ? 10.164  -12.383 7.327   1.00 27.43 ? 370 HOH C O     1 
HETATM 589 O  O     . HOH W 4 . ? 1.510   8.310   -0.738  1.00 21.60 ? 371 HOH C O     1 
HETATM 590 O  O     . HOH W 4 . ? -9.656  7.544   9.109   1.00 25.58 ? 372 HOH C O     1 
HETATM 591 O  O     . HOH W 4 . ? 12.491  -13.256 1.070   1.00 28.58 ? 375 HOH C O     1 
HETATM 592 O  O     . HOH W 4 . ? -7.137  4.776   3.589   1.00 29.10 ? 376 HOH C O     1 
HETATM 593 O  O     . HOH W 4 . ? 8.203   -2.589  -4.254  1.00 22.29 ? 377 HOH C O     1 
HETATM 594 O  O     . HOH W 4 . ? 13.223  -7.622  -3.175  1.00 27.15 ? 382 HOH C O     1 
HETATM 595 O  O     . HOH W 4 . ? 12.654  -12.764 6.087   1.00 24.47 ? 390 HOH C O     1 
HETATM 596 O  O     . HOH W 4 . ? -7.132  6.084   7.475   1.00 25.27 ? 406 HOH C O     1 
HETATM 597 O  O     . HOH X 4 . ? -0.286  24.803  21.419  1.00 7.89  ? 302 HOH D O     1 
HETATM 598 O  O     . HOH X 4 . ? -3.087  20.367  13.741  1.00 12.28 ? 309 HOH D O     1 
HETATM 599 O  O     . HOH X 4 . ? -1.528  19.599  11.036  1.00 11.40 ? 310 HOH D O     1 
HETATM 600 O  O     . HOH X 4 . ? -2.625  22.621  19.135  1.00 12.75 ? 311 HOH D O     1 
HETATM 601 O  O     . HOH X 4 . ? -0.371  17.997  7.784   1.00 10.62 ? 315 HOH D O     1 
HETATM 602 O  O     . HOH X 4 . ? 6.089   17.874  0.591   0.25 23.91 ? 320 HOH D O     1 
HETATM 603 O  O     . HOH X 4 . ? -4.307  22.607  16.796  1.00 17.83 ? 321 HOH D O     1 
HETATM 604 O  O     . HOH X 4 . ? -6.067  24.715  17.297  1.00 21.65 ? 325 HOH D O     1 
HETATM 605 O  O     . HOH X 4 . ? 9.477   14.551  6.509   1.00 21.10 ? 326 HOH D O     1 
HETATM 606 O  O     . HOH X 4 . ? -4.717  19.945  11.367  1.00 23.59 ? 337 HOH D O     1 
HETATM 607 O  O     . HOH X 4 . ? -6.600  26.226  12.188  1.00 28.86 ? 339 HOH D O     1 
HETATM 608 O  O     . HOH X 4 . ? -0.118  28.012  10.652  1.00 21.80 ? 342 HOH D O     1 
HETATM 609 O  O     . HOH X 4 . ? -3.886  27.196  10.997  1.00 23.96 ? 347 HOH D O     1 
HETATM 610 O  O     . HOH X 4 . ? 0.639   31.730  15.287  1.00 30.74 ? 351 HOH D O     1 
HETATM 611 O  O     . HOH X 4 . ? -5.397  21.645  20.288  1.00 24.88 ? 352 HOH D O     1 
HETATM 612 O  O     . HOH X 4 . ? -6.778  27.873  18.514  1.00 22.41 ? 354 HOH D O     1 
HETATM 613 O  O     . HOH X 4 . ? -7.058  22.201  17.205  1.00 20.07 ? 363 HOH D O     1 
HETATM 614 O  O     . HOH X 4 . ? -8.382  28.580  21.046  1.00 22.58 ? 368 HOH D O     1 
HETATM 615 O  O     . HOH X 4 . ? 1.638   15.149  6.412   1.00 27.33 ? 397 HOH D O     1 
HETATM 616 O  O     . HOH X 4 . ? 1.302   12.832  5.886   1.00 25.61 ? 398 HOH D O     1 
HETATM 617 O  O     . HOH X 4 . ? -1.780  17.742  4.477   1.00 26.97 ? 399 HOH D O     1 
HETATM 618 O  O     . HOH X 4 . ? -4.443  19.470  8.670   1.00 24.71 ? 400 HOH D O     1 
HETATM 619 O  O     . HOH X 4 . ? -5.519  22.583  10.559  1.00 29.86 ? 401 HOH D O     1 
HETATM 620 O  O     . HOH X 4 . ? 0.529   30.593  12.042  1.00 25.71 ? 402 HOH D O     1 
HETATM 621 O  O     . HOH X 4 . ? 8.401   14.886  1.816   1.00 25.88 ? 403 HOH D O     1 
HETATM 622 O  O     . HOH X 4 . ? 8.611   11.897  2.987   1.00 28.87 ? 404 HOH D O     1 
HETATM 623 O  O     . HOH X 4 . ? 4.179   21.989  2.736   1.00 26.41 ? 407 HOH D O     1 
HETATM 624 O  O     . HOH X 4 . ? 4.725   21.053  0.438   1.00 28.15 ? 409 HOH D O     1 
HETATM 625 O  O     . HOH X 4 . ? -8.798  23.925  17.931  1.00 31.60 ? 422 HOH D O     1 
# 
